data_6M7Y
#
_entry.id   6M7Y
#
_cell.length_a   99.644
_cell.length_b   107.143
_cell.length_c   135.438
_cell.angle_alpha   90.00
_cell.angle_beta   109.57
_cell.angle_gamma   90.00
#
_symmetry.space_group_name_H-M   'P 1 21 1'
#
loop_
_entity.id
_entity.type
_entity.pdbx_description
1 polymer 'Nisin biosynthesis protein NisB'
2 polymer Lantibiotic
3 water water
#
loop_
_entity_poly.entity_id
_entity_poly.type
_entity_poly.pdbx_seq_one_letter_code
_entity_poly.pdbx_strand_id
1 'polypeptide(L)'
;GSH(MSE)IKSSFKAQPFLVRNTILCPNDKRSFTEYTQVIETVSKNKVFLEQLLLANPKLYDV(MSE)QKYNAGLLKKKR
VKKLFESIYKYYKRSYLRSTPFGLFSETSIGVFSKSSQYKL(MSE)GKTTKGIRLDTQWLIRLVHK(MSE)EVDFSKKLS
FTRNNANYKFGDRVFQVYTINSSELEECNIKYTNVYQIISEFCENDYQKYEDICETVTLCYGDEYRELSEQYLGSLIVNH
YLISNLQKDLLSDFSWNTFLTKVEAIDEDKKYIIPLKKVQKFIQEYSEIEIGEGIEKLKEIYQE(MSE)SQILENDNYIQ
IDLISDSEINFDVKQKQQLEHLAEFLGNTTKSVRRTYLDDYKDKFIEKYGVDQEVQITELFDSTFGIGAPYNYNHPRNDF
YESEPSTLYYSEEEREKYLS(MSE)YVEAVKNHNVINLDDLESHYQK(MSE)DLEKKSELQGLELFLNLAKEYEKDIFIL
GDIVGNNNLGGASGRFSALSPELTSYHRTIVDSVERENENKEITSCEIVFLPENIRHANV(MSE)HTSI(MSE)RRKVLP
FFTSTSHNEVLLTNIYIGIDEKEKFYARDISTQEVLKFYITS(MSE)YNKTLFSNELRFLYEISLDDKFGNLPWELIYRD
FDYIPRLVFDEIVISPAKWKIWGRDVNSK(MSE)TIRELIQSKEIPKEFYIVNGDNKVYLSQKNPLD(MSE)EILESAIK
KSSKRKDFIELQEYFEDENIINKGEKGRVADVVVPFIRTRALGNEGRAFIREKRVSVERREKLPFNEWLYLKLYISINRQ
NEFLLSYLPDIQKIVANLGGNLFFLRYTDPKPHIRLRIKCSDLFLAYGSILEILKRSRKNRI(MSE)STFDISIYDQEVE
RYGGFDTLELSEAIFCADSKIIPNLLTLIKDTNNDWKVDDVSILVNYLYLKCFFQNDNKKILNFLNLVSTKKVKENVNEK
IEHYLKLLKVNNLGDQIFYDKNFKELKHAIKNLFLK(MSE)IAQDFELQKVYSIIDSIIHVHNNRLIGIERDKEKLIYYT
LQRLFVSEEY(MSE)K
;
A,B
2 'polypeptide(L)' STKDFNLDLVCVSKKDSGASPRIT(J9A)ISLATPGAK C,D
#
# COMPACT_ATOMS: atom_id res chain seq x y z
N SER A 8 33.38 -18.22 -11.80
CA SER A 8 32.48 -19.30 -12.20
C SER A 8 31.78 -18.97 -13.51
N PHE A 9 31.65 -17.67 -13.79
CA PHE A 9 31.10 -17.19 -15.05
C PHE A 9 32.19 -17.14 -16.12
N LYS A 10 31.97 -17.81 -17.25
CA LYS A 10 32.94 -17.87 -18.34
C LYS A 10 32.52 -16.98 -19.51
N ALA A 11 33.41 -16.08 -19.92
CA ALA A 11 33.15 -15.12 -20.99
C ALA A 11 33.20 -15.80 -22.36
N GLN A 12 32.06 -15.87 -23.06
CA GLN A 12 31.96 -16.47 -24.38
C GLN A 12 32.55 -15.56 -25.45
N PRO A 13 32.69 -16.05 -26.69
CA PRO A 13 32.95 -15.12 -27.80
C PRO A 13 31.78 -14.14 -27.97
N PHE A 14 32.11 -12.90 -28.26
CA PHE A 14 31.16 -11.82 -28.20
C PHE A 14 30.85 -11.28 -29.58
N LEU A 15 29.85 -10.41 -29.61
CA LEU A 15 29.47 -9.67 -30.81
C LEU A 15 30.11 -8.30 -30.75
N VAL A 16 30.64 -7.86 -31.88
CA VAL A 16 31.28 -6.56 -32.00
C VAL A 16 30.46 -5.70 -32.95
N ARG A 17 30.05 -4.53 -32.47
CA ARG A 17 29.21 -3.62 -33.24
C ARG A 17 29.91 -2.28 -33.37
N ASN A 18 29.94 -1.78 -34.60
CA ASN A 18 30.81 -0.65 -34.94
C ASN A 18 30.20 0.12 -36.11
N THR A 19 30.56 1.39 -36.22
CA THR A 19 30.08 2.24 -37.29
C THR A 19 30.74 1.89 -38.63
N ILE A 20 30.05 2.24 -39.72
CA ILE A 20 30.64 2.19 -41.05
C ILE A 20 31.50 3.44 -41.25
N LEU A 21 30.88 4.61 -41.27
CA LEU A 21 31.61 5.86 -41.31
C LEU A 21 32.53 5.98 -40.10
N CYS A 22 33.49 6.90 -40.19
CA CYS A 22 34.46 7.08 -39.14
C CYS A 22 34.33 8.47 -38.54
N PRO A 23 34.27 8.59 -37.21
CA PRO A 23 34.05 9.91 -36.60
C PRO A 23 35.21 10.89 -36.76
N ASN A 24 36.40 10.44 -37.16
CA ASN A 24 37.45 11.41 -37.45
C ASN A 24 37.06 12.32 -38.61
N ASP A 25 36.12 11.88 -39.43
CA ASP A 25 35.61 12.65 -40.55
C ASP A 25 34.38 13.48 -40.19
N LYS A 26 33.95 13.49 -38.93
CA LYS A 26 32.79 14.30 -38.55
C LYS A 26 33.08 15.79 -38.77
N ARG A 27 32.19 16.44 -39.53
CA ARG A 27 32.22 17.88 -39.68
C ARG A 27 31.40 18.52 -38.57
N SER A 28 31.87 19.68 -38.09
CA SER A 28 31.12 20.55 -37.19
C SER A 28 30.20 21.47 -38.00
N PHE A 29 29.24 22.10 -37.32
CA PHE A 29 28.26 22.95 -38.00
C PHE A 29 27.82 24.09 -37.10
N THR A 30 27.48 25.23 -37.72
CA THR A 30 27.06 26.43 -36.99
C THR A 30 25.63 26.82 -37.28
N GLU A 31 25.08 26.37 -38.41
CA GLU A 31 23.71 26.71 -38.77
C GLU A 31 23.00 25.48 -39.28
N TYR A 32 21.67 25.48 -39.17
CA TYR A 32 20.89 24.33 -39.63
C TYR A 32 20.83 24.24 -41.16
N THR A 33 20.65 25.38 -41.86
CA THR A 33 20.65 25.37 -43.33
C THR A 33 21.97 24.85 -43.89
N GLN A 34 23.08 25.30 -43.30
CA GLN A 34 24.39 24.74 -43.57
C GLN A 34 24.43 23.22 -43.44
N VAL A 35 23.64 22.64 -42.53
CA VAL A 35 23.64 21.18 -42.36
C VAL A 35 22.89 20.51 -43.50
N ILE A 36 21.78 21.10 -43.92
CA ILE A 36 21.05 20.58 -45.07
C ILE A 36 21.90 20.67 -46.33
N GLU A 37 22.58 21.81 -46.53
CA GLU A 37 23.45 21.98 -47.69
C GLU A 37 24.47 20.84 -47.80
N THR A 38 25.30 20.68 -46.77
CA THR A 38 26.33 19.64 -46.77
C THR A 38 25.73 18.25 -46.98
N VAL A 39 24.72 17.90 -46.18
CA VAL A 39 24.18 16.55 -46.19
C VAL A 39 23.55 16.19 -47.54
N SER A 40 23.01 17.18 -48.26
CA SER A 40 22.24 16.89 -49.46
C SER A 40 23.11 16.56 -50.67
N LYS A 41 24.43 16.70 -50.57
CA LYS A 41 25.34 16.17 -51.57
C LYS A 41 26.36 15.21 -50.95
N ASN A 42 25.99 14.57 -49.83
CA ASN A 42 26.81 13.55 -49.17
C ASN A 42 26.28 12.17 -49.54
N LYS A 43 26.72 11.67 -50.69
CA LYS A 43 26.34 10.38 -51.27
C LYS A 43 26.05 9.27 -50.25
N VAL A 44 26.89 9.11 -49.23
CA VAL A 44 26.69 7.99 -48.30
C VAL A 44 25.49 8.28 -47.38
N PHE A 45 25.44 9.48 -46.82
CA PHE A 45 24.39 9.82 -45.89
C PHE A 45 23.01 9.58 -46.49
N LEU A 46 22.81 9.98 -47.75
CA LEU A 46 21.45 9.91 -48.29
C LEU A 46 21.03 8.48 -48.54
N GLU A 47 21.96 7.59 -48.89
CA GLU A 47 21.56 6.20 -48.99
C GLU A 47 21.24 5.67 -47.60
N GLN A 48 22.05 6.05 -46.61
CA GLN A 48 21.75 5.69 -45.23
C GLN A 48 20.39 6.21 -44.82
N LEU A 49 20.08 7.47 -45.20
CA LEU A 49 18.78 8.03 -44.84
C LEU A 49 17.64 7.40 -45.62
N LEU A 50 17.82 7.19 -46.93
CA LEU A 50 16.74 6.63 -47.74
C LEU A 50 16.36 5.24 -47.24
N LEU A 51 17.34 4.45 -46.79
CA LEU A 51 17.05 3.11 -46.29
C LEU A 51 16.38 3.12 -44.92
N ALA A 52 16.94 3.91 -43.99
CA ALA A 52 16.51 3.83 -42.59
C ALA A 52 15.19 4.54 -42.39
N ASN A 53 15.04 5.71 -42.99
CA ASN A 53 13.91 6.60 -42.70
C ASN A 53 13.40 7.16 -44.00
N PRO A 54 12.73 6.35 -44.80
CA PRO A 54 12.20 6.83 -46.08
C PRO A 54 11.37 8.11 -45.94
N LYS A 55 10.33 8.12 -45.10
CA LYS A 55 9.45 9.28 -44.98
C LYS A 55 10.25 10.53 -44.65
N LEU A 56 11.17 10.44 -43.70
CA LEU A 56 11.98 11.60 -43.34
C LEU A 56 12.81 12.08 -44.53
N TYR A 57 13.48 11.15 -45.24
CA TYR A 57 14.23 11.50 -46.44
C TYR A 57 13.36 12.26 -47.45
N ASP A 58 12.10 11.85 -47.64
CA ASP A 58 11.25 12.58 -48.56
C ASP A 58 10.91 13.97 -48.06
N VAL A 59 10.81 14.17 -46.73
CA VAL A 59 10.52 15.51 -46.22
C VAL A 59 11.69 16.44 -46.52
N GLN A 61 13.72 16.18 -49.16
CA GLN A 61 13.50 16.48 -50.56
C GLN A 61 12.46 17.59 -50.72
N LYS A 62 11.32 17.42 -50.04
CA LYS A 62 10.24 18.40 -50.10
C LYS A 62 10.72 19.78 -49.65
N TYR A 63 11.56 19.84 -48.63
CA TYR A 63 12.01 21.14 -48.14
C TYR A 63 12.93 21.80 -49.17
N ASN A 64 13.94 21.07 -49.63
CA ASN A 64 14.86 21.56 -50.66
C ASN A 64 14.13 22.01 -51.92
N ALA A 65 12.99 21.39 -52.23
CA ALA A 65 12.15 21.86 -53.33
C ALA A 65 11.25 23.03 -52.94
N GLY A 66 11.24 23.45 -51.69
CA GLY A 66 10.38 24.54 -51.30
C GLY A 66 8.93 24.16 -51.07
N LEU A 67 8.63 22.88 -51.00
CA LEU A 67 7.26 22.41 -50.86
C LEU A 67 6.84 22.13 -49.42
N LEU A 68 7.71 22.35 -48.43
CA LEU A 68 7.44 21.94 -47.05
C LEU A 68 6.87 23.09 -46.25
N LYS A 69 5.79 22.82 -45.53
CA LYS A 69 5.15 23.84 -44.72
C LYS A 69 6.07 24.30 -43.58
N LYS A 70 5.99 25.59 -43.25
CA LYS A 70 6.92 26.20 -42.31
C LYS A 70 6.89 25.50 -40.96
N LYS A 71 5.69 25.20 -40.43
CA LYS A 71 5.64 24.59 -39.10
C LYS A 71 6.33 23.24 -39.06
N ARG A 72 6.68 22.65 -40.20
CA ARG A 72 7.34 21.35 -40.25
C ARG A 72 8.85 21.46 -40.24
N VAL A 73 9.40 22.67 -40.22
CA VAL A 73 10.80 22.89 -40.54
C VAL A 73 11.72 22.72 -39.33
N LYS A 74 11.34 23.24 -38.16
CA LYS A 74 12.19 23.00 -36.99
C LYS A 74 12.38 21.51 -36.78
N LYS A 75 11.31 20.73 -36.89
CA LYS A 75 11.46 19.30 -36.71
C LYS A 75 12.36 18.70 -37.78
N LEU A 76 12.20 19.13 -39.04
CA LEU A 76 13.07 18.60 -40.09
C LEU A 76 14.54 18.90 -39.80
N PHE A 77 14.82 20.14 -39.38
CA PHE A 77 16.19 20.52 -39.05
C PHE A 77 16.75 19.67 -37.91
N GLU A 78 15.98 19.49 -36.84
CA GLU A 78 16.52 18.76 -35.71
C GLU A 78 16.71 17.29 -36.03
N SER A 79 15.76 16.70 -36.76
CA SER A 79 15.87 15.27 -37.01
C SER A 79 17.04 14.96 -37.92
N ILE A 80 17.35 15.87 -38.85
CA ILE A 80 18.47 15.65 -39.77
C ILE A 80 19.80 15.78 -39.04
N TYR A 81 19.98 16.89 -38.33
CA TYR A 81 21.16 17.05 -37.48
C TYR A 81 21.37 15.85 -36.55
N LYS A 82 20.29 15.34 -35.93
CA LYS A 82 20.46 14.23 -34.99
C LYS A 82 20.84 12.96 -35.74
N TYR A 83 20.20 12.73 -36.88
CA TYR A 83 20.55 11.60 -37.74
C TYR A 83 21.97 11.70 -38.29
N TYR A 84 22.49 12.93 -38.49
CA TYR A 84 23.87 13.08 -38.93
C TYR A 84 24.85 12.68 -37.81
N LYS A 85 24.69 13.28 -36.63
CA LYS A 85 25.48 12.89 -35.48
C LYS A 85 25.49 11.39 -35.33
N ARG A 86 24.34 10.75 -35.63
CA ARG A 86 24.24 9.35 -35.31
C ARG A 86 25.01 8.50 -36.32
N SER A 87 24.97 8.86 -37.60
CA SER A 87 25.68 8.04 -38.58
C SER A 87 27.19 8.07 -38.37
N TYR A 88 27.69 9.08 -37.66
CA TYR A 88 29.08 9.07 -37.23
C TYR A 88 29.28 8.53 -35.80
N LEU A 89 28.41 8.85 -34.85
CA LEU A 89 28.78 8.64 -33.44
C LEU A 89 28.14 7.45 -32.72
N ARG A 90 27.17 6.73 -33.30
CA ARG A 90 26.38 5.75 -32.55
C ARG A 90 26.50 4.37 -33.18
N SER A 91 27.11 3.42 -32.45
CA SER A 91 27.48 2.13 -33.01
C SER A 91 26.36 1.11 -33.01
N THR A 92 25.24 1.40 -32.36
CA THR A 92 24.17 0.43 -32.26
C THR A 92 23.77 -0.05 -33.66
N PRO A 93 23.64 -1.36 -33.88
CA PRO A 93 23.47 -1.91 -35.25
C PRO A 93 22.10 -1.64 -35.86
N PHE A 94 22.10 -0.97 -37.00
CA PHE A 94 20.89 -0.68 -37.79
C PHE A 94 21.33 -0.27 -39.20
N GLY A 95 20.59 -0.76 -40.21
CA GLY A 95 20.99 -0.81 -41.61
C GLY A 95 21.71 0.38 -42.25
N LEU A 96 22.97 0.16 -42.59
CA LEU A 96 23.88 1.08 -43.27
C LEU A 96 24.54 2.10 -42.33
N PHE A 97 24.12 2.22 -41.07
CA PHE A 97 24.94 3.01 -40.16
C PHE A 97 26.07 2.19 -39.53
N SER A 98 25.88 0.88 -39.34
CA SER A 98 26.77 0.14 -38.46
C SER A 98 26.68 -1.36 -38.75
N GLU A 99 27.72 -2.10 -38.35
CA GLU A 99 27.91 -3.48 -38.75
C GLU A 99 28.28 -4.36 -37.56
N THR A 100 27.92 -5.64 -37.68
CA THR A 100 28.02 -6.64 -36.63
C THR A 100 29.05 -7.69 -37.00
N SER A 101 30.01 -7.95 -36.11
CA SER A 101 31.00 -8.99 -36.32
C SER A 101 31.21 -9.79 -35.03
N ILE A 102 31.93 -10.91 -35.15
CA ILE A 102 32.20 -11.78 -34.01
C ILE A 102 33.62 -11.55 -33.52
N GLY A 103 33.78 -11.50 -32.20
CA GLY A 103 35.08 -11.29 -31.59
C GLY A 103 35.39 -12.39 -30.60
N VAL A 104 36.68 -12.59 -30.34
CA VAL A 104 37.15 -13.73 -29.56
C VAL A 104 38.18 -13.25 -28.54
N PHE A 105 38.45 -14.12 -27.58
CA PHE A 105 39.46 -13.91 -26.56
C PHE A 105 40.72 -14.68 -26.94
N SER A 106 41.86 -14.01 -26.84
CA SER A 106 43.14 -14.63 -27.16
C SER A 106 44.19 -14.08 -26.20
N LYS A 107 45.46 -14.13 -26.60
CA LYS A 107 46.56 -13.62 -25.79
C LYS A 107 46.89 -12.17 -26.08
N SER A 108 46.37 -11.58 -27.16
CA SER A 108 46.64 -10.17 -27.41
C SER A 108 45.48 -9.48 -28.13
N SER A 109 45.27 -8.21 -27.77
CA SER A 109 44.19 -7.40 -28.32
C SER A 109 44.41 -7.12 -29.80
N GLN A 110 43.37 -7.34 -30.61
N GLN A 110 43.34 -7.29 -30.59
CA GLN A 110 43.43 -6.98 -32.02
CA GLN A 110 43.34 -7.04 -32.03
C GLN A 110 42.21 -6.08 -32.29
C GLN A 110 42.19 -6.08 -32.34
N TYR A 111 42.42 -4.78 -32.13
CA TYR A 111 41.39 -3.77 -32.38
C TYR A 111 41.38 -3.29 -33.82
N LYS A 112 41.39 -4.19 -34.81
CA LYS A 112 41.43 -3.71 -36.19
C LYS A 112 40.76 -4.69 -37.15
N LEU A 113 39.95 -4.13 -38.05
CA LEU A 113 38.96 -4.87 -38.84
C LEU A 113 39.50 -5.15 -40.23
N GLY A 115 38.25 -7.66 -42.03
CA GLY A 115 37.17 -8.31 -42.72
C GLY A 115 36.49 -7.49 -43.80
N LYS A 116 35.41 -8.05 -44.34
CA LYS A 116 34.67 -7.49 -45.44
C LYS A 116 33.19 -7.39 -45.08
N THR A 117 32.58 -6.26 -45.42
CA THR A 117 31.19 -5.96 -45.06
C THR A 117 30.20 -6.48 -46.08
N THR A 118 29.10 -7.06 -45.59
CA THR A 118 28.08 -7.71 -46.41
C THR A 118 26.71 -7.25 -45.92
N LYS A 119 25.73 -7.24 -46.81
CA LYS A 119 24.39 -6.77 -46.48
C LYS A 119 23.47 -7.95 -46.25
N GLY A 120 22.96 -8.08 -45.03
CA GLY A 120 21.89 -9.03 -44.76
C GLY A 120 20.55 -8.36 -44.92
N ILE A 121 19.69 -8.85 -45.80
CA ILE A 121 18.56 -8.06 -46.25
C ILE A 121 17.28 -8.86 -46.15
N ARG A 122 16.34 -8.38 -45.34
CA ARG A 122 14.99 -8.93 -45.31
C ARG A 122 14.01 -7.90 -45.86
N LEU A 123 12.87 -8.40 -46.32
CA LEU A 123 11.75 -7.50 -46.56
C LEU A 123 11.31 -6.86 -45.24
N ASP A 124 10.74 -5.66 -45.34
CA ASP A 124 10.12 -5.09 -44.15
C ASP A 124 8.94 -5.97 -43.77
N THR A 125 8.87 -6.33 -42.49
CA THR A 125 7.92 -7.37 -42.12
C THR A 125 6.50 -6.85 -42.08
N GLN A 126 6.31 -5.58 -41.72
CA GLN A 126 4.99 -4.98 -41.77
C GLN A 126 4.45 -4.94 -43.19
N TRP A 127 5.30 -4.52 -44.15
CA TRP A 127 4.92 -4.59 -45.57
C TRP A 127 4.47 -5.99 -45.97
N LEU A 128 5.29 -7.00 -45.66
CA LEU A 128 5.02 -8.37 -46.09
C LEU A 128 3.70 -8.89 -45.53
N ILE A 129 3.50 -8.75 -44.22
CA ILE A 129 2.27 -9.27 -43.63
C ILE A 129 1.06 -8.54 -44.19
N ARG A 130 1.19 -7.22 -44.42
CA ARG A 130 0.08 -6.41 -44.90
C ARG A 130 -0.33 -6.81 -46.30
N LEU A 131 0.64 -7.28 -47.08
CA LEU A 131 0.33 -7.87 -48.38
C LEU A 131 -0.41 -9.18 -48.22
N VAL A 132 0.13 -10.09 -47.38
CA VAL A 132 -0.48 -11.42 -47.28
C VAL A 132 -1.92 -11.28 -46.80
N HIS A 133 -2.14 -10.36 -45.87
CA HIS A 133 -3.50 -10.15 -45.38
C HIS A 133 -4.41 -9.66 -46.50
N LYS A 134 -3.87 -8.82 -47.39
CA LYS A 134 -4.61 -8.39 -48.57
C LYS A 134 -4.91 -9.58 -49.50
N GLU A 136 -5.20 -12.72 -48.46
CA GLU A 136 -6.13 -13.60 -47.77
C GLU A 136 -7.58 -13.23 -48.03
N VAL A 137 -7.89 -11.94 -48.19
CA VAL A 137 -9.28 -11.56 -48.40
C VAL A 137 -9.63 -11.67 -49.87
N ASP A 138 -8.71 -11.24 -50.74
CA ASP A 138 -8.98 -11.24 -52.17
C ASP A 138 -9.07 -12.66 -52.71
N PHE A 139 -8.17 -13.55 -52.27
CA PHE A 139 -8.04 -14.87 -52.86
C PHE A 139 -8.49 -16.01 -51.94
N SER A 140 -9.40 -15.72 -51.00
CA SER A 140 -9.74 -16.71 -49.98
C SER A 140 -10.26 -17.99 -50.61
N LYS A 141 -10.98 -17.90 -51.72
CA LYS A 141 -11.56 -19.08 -52.33
C LYS A 141 -10.51 -20.02 -52.93
N LYS A 142 -9.28 -19.54 -53.14
CA LYS A 142 -8.20 -20.37 -53.65
C LYS A 142 -7.21 -20.78 -52.57
N LEU A 143 -7.49 -20.50 -51.30
CA LEU A 143 -6.56 -20.74 -50.19
C LEU A 143 -7.11 -21.78 -49.23
N SER A 144 -6.26 -22.20 -48.29
CA SER A 144 -6.66 -23.10 -47.22
C SER A 144 -6.27 -22.51 -45.87
N PHE A 145 -6.97 -22.92 -44.83
CA PHE A 145 -6.96 -22.14 -43.60
C PHE A 145 -6.83 -23.03 -42.38
N THR A 146 -6.20 -22.47 -41.34
CA THR A 146 -6.08 -23.11 -40.04
C THR A 146 -6.49 -22.15 -38.92
N ARG A 147 -6.69 -22.73 -37.74
CA ARG A 147 -7.13 -22.00 -36.56
C ARG A 147 -5.99 -21.13 -36.03
N ASN A 148 -6.31 -19.92 -35.59
CA ASN A 148 -5.34 -19.07 -34.93
C ASN A 148 -5.17 -19.53 -33.48
N ASN A 149 -3.96 -19.94 -33.13
CA ASN A 149 -3.69 -20.34 -31.75
C ASN A 149 -4.09 -19.25 -30.77
N ALA A 150 -4.17 -18.00 -31.22
CA ALA A 150 -4.61 -16.93 -30.35
C ALA A 150 -6.07 -17.09 -29.92
N ASN A 151 -6.89 -17.82 -30.65
CA ASN A 151 -8.29 -17.92 -30.24
C ASN A 151 -8.41 -18.81 -29.01
N TYR A 152 -9.41 -18.50 -28.17
CA TYR A 152 -9.78 -19.38 -27.08
C TYR A 152 -11.22 -19.12 -26.63
N LYS A 153 -11.98 -20.20 -26.46
CA LYS A 153 -13.36 -20.12 -25.99
C LYS A 153 -13.39 -19.65 -24.53
N PHE A 154 -14.46 -18.95 -24.16
CA PHE A 154 -14.67 -18.56 -22.77
C PHE A 154 -16.16 -18.28 -22.58
N GLY A 155 -16.86 -19.27 -22.04
CA GLY A 155 -18.31 -19.17 -22.03
C GLY A 155 -18.84 -19.14 -23.44
N ASP A 156 -19.75 -18.20 -23.69
CA ASP A 156 -20.38 -18.00 -24.99
C ASP A 156 -19.59 -17.06 -25.90
N ARG A 157 -18.34 -16.76 -25.57
CA ARG A 157 -17.52 -15.89 -26.40
C ARG A 157 -16.25 -16.60 -26.86
N VAL A 158 -15.73 -16.19 -28.02
CA VAL A 158 -14.40 -16.58 -28.48
C VAL A 158 -13.49 -15.36 -28.38
N PHE A 159 -12.43 -15.49 -27.59
CA PHE A 159 -11.48 -14.40 -27.36
C PHE A 159 -10.18 -14.71 -28.07
N GLN A 160 -9.30 -13.70 -28.11
CA GLN A 160 -7.92 -13.85 -28.56
C GLN A 160 -6.99 -13.19 -27.54
N VAL A 161 -5.80 -13.77 -27.31
CA VAL A 161 -4.89 -13.13 -26.35
C VAL A 161 -4.52 -11.71 -26.77
N TYR A 162 -4.66 -11.38 -28.05
CA TYR A 162 -4.62 -9.98 -28.46
C TYR A 162 -5.23 -9.89 -29.84
N THR A 163 -5.42 -8.66 -30.32
CA THR A 163 -6.26 -8.37 -31.49
C THR A 163 -5.46 -7.60 -32.54
N ILE A 164 -5.95 -7.58 -33.79
CA ILE A 164 -5.23 -6.85 -34.85
C ILE A 164 -6.09 -6.01 -35.80
N ASN A 165 -6.99 -6.64 -36.61
CA ASN A 165 -7.41 -6.04 -37.90
C ASN A 165 -7.89 -4.60 -37.79
N SER A 166 -8.77 -4.31 -36.84
CA SER A 166 -9.15 -2.92 -36.59
C SER A 166 -7.86 -2.12 -36.37
N SER A 167 -7.31 -1.57 -37.45
CA SER A 167 -6.04 -0.86 -37.42
C SER A 167 -6.15 0.33 -36.46
N GLU A 168 -5.86 0.05 -35.20
CA GLU A 168 -6.30 0.90 -34.10
C GLU A 168 -5.63 0.33 -32.85
N LEU A 169 -6.18 0.64 -31.66
CA LEU A 169 -5.81 -0.03 -30.41
C LEU A 169 -7.12 -0.27 -29.59
N GLU A 170 -7.76 -1.42 -29.87
CA GLU A 170 -8.97 -1.88 -29.18
C GLU A 170 -9.13 -3.39 -29.41
N GLU A 171 -9.56 -4.09 -28.36
CA GLU A 171 -9.74 -5.54 -28.36
C GLU A 171 -11.15 -5.94 -28.83
N CYS A 172 -11.23 -7.07 -29.53
CA CYS A 172 -12.47 -7.51 -30.15
C CYS A 172 -12.67 -9.01 -29.94
N ASN A 173 -13.91 -9.41 -29.63
CA ASN A 173 -14.25 -10.82 -29.41
C ASN A 173 -15.57 -11.13 -30.11
N ILE A 174 -15.82 -12.43 -30.35
CA ILE A 174 -16.97 -12.89 -31.12
C ILE A 174 -17.76 -13.93 -30.30
N LYS A 175 -18.97 -14.23 -30.75
CA LYS A 175 -19.78 -15.24 -30.08
C LYS A 175 -19.30 -16.64 -30.46
N TYR A 176 -19.37 -17.55 -29.48
CA TYR A 176 -19.16 -18.97 -29.73
C TYR A 176 -20.45 -19.54 -30.29
N THR A 177 -20.55 -19.63 -31.61
CA THR A 177 -21.71 -20.19 -32.29
C THR A 177 -21.47 -21.64 -32.69
N ASN A 178 -22.56 -22.35 -32.94
CA ASN A 178 -22.42 -23.67 -33.53
C ASN A 178 -21.55 -23.62 -34.78
N VAL A 179 -21.62 -22.54 -35.55
CA VAL A 179 -20.86 -22.51 -36.78
C VAL A 179 -19.38 -22.21 -36.52
N TYR A 180 -19.06 -21.38 -35.51
CA TYR A 180 -17.66 -21.25 -35.13
C TYR A 180 -17.09 -22.61 -34.72
N GLN A 181 -17.87 -23.39 -33.96
CA GLN A 181 -17.39 -24.68 -33.48
C GLN A 181 -17.01 -25.61 -34.62
N ILE A 182 -17.93 -25.79 -35.58
CA ILE A 182 -17.68 -26.70 -36.69
C ILE A 182 -16.46 -26.26 -37.46
N ILE A 183 -16.44 -24.98 -37.85
CA ILE A 183 -15.37 -24.46 -38.69
C ILE A 183 -14.03 -24.61 -37.98
N SER A 184 -13.99 -24.28 -36.67
CA SER A 184 -12.71 -24.20 -35.96
C SER A 184 -12.17 -25.58 -35.62
N GLU A 185 -13.02 -26.48 -35.16
CA GLU A 185 -12.56 -27.83 -34.87
C GLU A 185 -12.07 -28.51 -36.15
N PHE A 186 -12.75 -28.24 -37.27
CA PHE A 186 -12.35 -28.79 -38.56
C PHE A 186 -10.96 -28.34 -38.96
N CYS A 187 -10.56 -27.11 -38.59
CA CYS A 187 -9.23 -26.54 -38.90
C CYS A 187 -8.28 -26.56 -37.70
N GLU A 188 -8.60 -27.33 -36.66
CA GLU A 188 -7.78 -27.24 -35.46
C GLU A 188 -6.38 -27.79 -35.69
N ASN A 189 -6.21 -28.80 -36.54
CA ASN A 189 -4.91 -29.45 -36.60
C ASN A 189 -4.17 -29.34 -37.92
N ASP A 190 -4.85 -29.03 -39.01
CA ASP A 190 -4.26 -28.99 -40.34
C ASP A 190 -4.90 -27.85 -41.11
N TYR A 191 -4.46 -27.65 -42.35
CA TYR A 191 -5.10 -26.64 -43.20
C TYR A 191 -6.20 -27.29 -44.02
N GLN A 192 -7.30 -26.57 -44.18
CA GLN A 192 -8.47 -27.09 -44.87
C GLN A 192 -8.88 -26.11 -45.95
N LYS A 193 -9.03 -26.62 -47.16
CA LYS A 193 -9.43 -25.81 -48.31
C LYS A 193 -10.73 -25.07 -48.03
N TYR A 194 -10.79 -23.81 -48.48
CA TYR A 194 -12.02 -23.01 -48.42
C TYR A 194 -13.27 -23.84 -48.71
N GLU A 195 -13.23 -24.61 -49.81
CA GLU A 195 -14.42 -25.30 -50.30
C GLU A 195 -14.91 -26.37 -49.30
N ASP A 196 -13.97 -27.09 -48.67
CA ASP A 196 -14.34 -28.14 -47.73
C ASP A 196 -14.80 -27.57 -46.39
N ILE A 197 -14.21 -26.46 -45.95
CA ILE A 197 -14.75 -25.72 -44.81
C ILE A 197 -16.21 -25.40 -45.07
N CYS A 198 -16.50 -24.73 -46.21
CA CYS A 198 -17.87 -24.43 -46.59
C CYS A 198 -18.76 -25.68 -46.61
N GLU A 199 -18.24 -26.78 -47.17
CA GLU A 199 -19.02 -28.01 -47.25
C GLU A 199 -19.38 -28.53 -45.86
N THR A 200 -18.37 -28.66 -44.98
CA THR A 200 -18.60 -29.16 -43.63
C THR A 200 -19.71 -28.39 -42.91
N VAL A 201 -19.90 -27.12 -43.26
CA VAL A 201 -20.95 -26.31 -42.62
C VAL A 201 -22.33 -26.68 -43.18
N THR A 202 -22.47 -26.66 -44.51
CA THR A 202 -23.77 -26.92 -45.11
C THR A 202 -24.22 -28.36 -44.87
N LEU A 203 -23.25 -29.29 -44.82
CA LEU A 203 -23.59 -30.70 -44.66
C LEU A 203 -24.31 -31.00 -43.36
N CYS A 204 -24.27 -30.11 -42.37
CA CYS A 204 -25.15 -30.26 -41.22
C CYS A 204 -25.93 -28.99 -40.95
N TYR A 205 -26.33 -28.30 -42.02
CA TYR A 205 -27.30 -27.21 -41.95
C TYR A 205 -28.25 -27.29 -43.13
N GLY A 206 -27.72 -27.63 -44.30
CA GLY A 206 -28.46 -27.61 -45.56
C GLY A 206 -27.71 -26.82 -46.61
N ASP A 207 -27.94 -27.09 -47.90
CA ASP A 207 -27.31 -26.26 -48.91
C ASP A 207 -27.96 -24.89 -49.01
N GLU A 208 -29.14 -24.72 -48.39
CA GLU A 208 -29.80 -23.42 -48.23
C GLU A 208 -28.86 -22.38 -47.62
N TYR A 209 -27.93 -22.83 -46.77
CA TYR A 209 -27.12 -21.97 -45.92
C TYR A 209 -25.76 -21.64 -46.53
N ARG A 210 -25.53 -22.00 -47.78
CA ARG A 210 -24.20 -21.83 -48.36
C ARG A 210 -23.81 -20.35 -48.46
N GLU A 211 -24.79 -19.47 -48.69
CA GLU A 211 -24.56 -18.02 -48.60
C GLU A 211 -23.87 -17.66 -47.29
N LEU A 212 -24.59 -17.89 -46.19
CA LEU A 212 -24.15 -17.51 -44.85
C LEU A 212 -22.81 -18.13 -44.49
N SER A 213 -22.63 -19.41 -44.78
CA SER A 213 -21.37 -20.09 -44.51
C SER A 213 -20.22 -19.29 -45.07
N GLU A 214 -20.32 -18.91 -46.33
CA GLU A 214 -19.22 -18.20 -46.96
C GLU A 214 -18.99 -16.85 -46.27
N GLN A 215 -20.06 -16.11 -46.01
CA GLN A 215 -19.94 -14.87 -45.29
C GLN A 215 -19.30 -15.07 -43.91
N TYR A 216 -19.91 -15.95 -43.09
CA TYR A 216 -19.35 -16.21 -41.78
C TYR A 216 -17.90 -16.61 -41.90
N LEU A 217 -17.57 -17.39 -42.93
CA LEU A 217 -16.17 -17.79 -43.11
C LEU A 217 -15.30 -16.58 -43.46
N GLY A 218 -15.79 -15.70 -44.34
CA GLY A 218 -15.00 -14.55 -44.71
C GLY A 218 -14.75 -13.65 -43.53
N SER A 219 -15.73 -13.56 -42.63
CA SER A 219 -15.60 -12.67 -41.49
C SER A 219 -14.57 -13.20 -40.49
N LEU A 220 -14.48 -14.52 -40.34
CA LEU A 220 -13.39 -15.10 -39.56
C LEU A 220 -12.02 -14.77 -40.17
N ILE A 221 -11.95 -14.61 -41.49
CA ILE A 221 -10.66 -14.42 -42.15
C ILE A 221 -10.20 -12.97 -42.05
N VAL A 222 -11.13 -12.02 -42.19
CA VAL A 222 -10.78 -10.61 -41.98
C VAL A 222 -10.26 -10.43 -40.55
N ASN A 223 -11.05 -10.84 -39.56
CA ASN A 223 -10.68 -10.70 -38.15
C ASN A 223 -9.55 -11.64 -37.71
N HIS A 224 -9.01 -12.46 -38.60
CA HIS A 224 -7.84 -13.29 -38.29
C HIS A 224 -8.14 -14.31 -37.20
N TYR A 225 -9.39 -14.72 -37.07
CA TYR A 225 -9.62 -15.95 -36.35
C TYR A 225 -9.12 -17.17 -37.11
N LEU A 226 -8.83 -17.05 -38.41
CA LEU A 226 -8.14 -18.11 -39.14
C LEU A 226 -6.91 -17.57 -39.89
N ILE A 227 -6.02 -18.49 -40.20
CA ILE A 227 -4.74 -18.18 -40.80
C ILE A 227 -4.63 -18.97 -42.10
N SER A 228 -4.24 -18.30 -43.18
CA SER A 228 -4.09 -18.98 -44.46
C SER A 228 -2.70 -19.62 -44.57
N ASN A 229 -2.55 -20.50 -45.57
CA ASN A 229 -1.27 -21.16 -45.75
C ASN A 229 -0.17 -20.23 -46.27
N LEU A 230 -0.51 -19.02 -46.73
CA LEU A 230 0.54 -18.06 -47.08
C LEU A 230 1.36 -17.70 -45.85
N GLN A 231 0.78 -17.84 -44.66
CA GLN A 231 1.44 -17.45 -43.42
C GLN A 231 2.29 -18.56 -42.80
N LYS A 232 2.24 -19.78 -43.31
CA LYS A 232 3.04 -20.86 -42.74
C LYS A 232 4.50 -20.58 -43.02
N ASP A 233 5.28 -20.36 -41.96
CA ASP A 233 6.70 -20.03 -41.98
C ASP A 233 6.98 -18.67 -42.59
N LEU A 234 5.94 -17.87 -42.83
CA LEU A 234 6.11 -16.57 -43.47
C LEU A 234 6.92 -15.58 -42.61
N LEU A 235 6.85 -15.68 -41.28
CA LEU A 235 7.64 -14.77 -40.46
C LEU A 235 8.86 -15.42 -39.83
N SER A 236 8.93 -16.75 -39.79
CA SER A 236 9.97 -17.44 -39.03
C SER A 236 11.08 -18.04 -39.89
N ASP A 237 10.74 -18.67 -41.04
CA ASP A 237 11.75 -19.11 -42.03
C ASP A 237 11.15 -18.84 -43.42
N PHE A 238 11.29 -17.60 -43.87
CA PHE A 238 10.79 -17.21 -45.18
C PHE A 238 11.65 -17.77 -46.31
N SER A 239 11.02 -18.33 -47.34
CA SER A 239 11.72 -18.84 -48.50
C SER A 239 11.05 -18.30 -49.76
N TRP A 240 11.84 -17.60 -50.57
CA TRP A 240 11.32 -17.04 -51.82
C TRP A 240 10.69 -18.12 -52.72
N ASN A 241 11.35 -19.29 -52.88
CA ASN A 241 10.71 -20.40 -53.56
C ASN A 241 9.32 -20.64 -53.02
N THR A 242 9.23 -21.07 -51.76
CA THR A 242 7.97 -21.54 -51.22
C THR A 242 6.91 -20.46 -51.26
N PHE A 243 7.29 -19.22 -50.93
CA PHE A 243 6.31 -18.14 -51.00
C PHE A 243 5.80 -17.94 -52.42
N LEU A 244 6.72 -17.83 -53.38
CA LEU A 244 6.33 -17.48 -54.75
C LEU A 244 5.45 -18.55 -55.38
N THR A 245 5.76 -19.83 -55.17
CA THR A 245 4.98 -20.87 -55.82
C THR A 245 3.55 -20.95 -55.29
N LYS A 246 3.31 -20.52 -54.05
CA LYS A 246 1.93 -20.47 -53.58
C LYS A 246 1.20 -19.22 -54.06
N VAL A 247 1.89 -18.08 -54.13
CA VAL A 247 1.29 -16.89 -54.73
C VAL A 247 0.92 -17.16 -56.18
N GLU A 248 1.90 -17.67 -56.94
CA GLU A 248 1.67 -18.04 -58.33
C GLU A 248 0.47 -18.97 -58.45
N ALA A 249 0.42 -20.00 -57.61
CA ALA A 249 -0.72 -20.92 -57.63
C ALA A 249 -2.04 -20.21 -57.37
N ILE A 250 -2.00 -18.99 -56.87
CA ILE A 250 -3.19 -18.28 -56.42
C ILE A 250 -3.54 -17.19 -57.41
N ASP A 251 -2.52 -16.61 -58.00
CA ASP A 251 -2.63 -15.36 -58.74
C ASP A 251 -2.70 -15.71 -60.23
N GLU A 252 -3.94 -15.91 -60.71
CA GLU A 252 -4.13 -16.32 -62.10
C GLU A 252 -3.92 -15.16 -63.06
N ASP A 253 -4.45 -13.97 -62.74
CA ASP A 253 -4.30 -12.75 -63.55
C ASP A 253 -2.95 -12.06 -63.36
N LYS A 254 -1.94 -12.78 -62.83
CA LYS A 254 -0.54 -12.35 -62.74
C LYS A 254 -0.35 -10.98 -62.07
N LYS A 255 -1.34 -10.53 -61.29
CA LYS A 255 -1.27 -9.21 -60.67
C LYS A 255 -0.03 -9.06 -59.78
N TYR A 256 0.31 -10.09 -59.00
CA TYR A 256 1.36 -10.00 -57.98
C TYR A 256 2.65 -10.69 -58.36
N ILE A 257 2.59 -11.86 -58.98
CA ILE A 257 3.82 -12.44 -59.49
C ILE A 257 4.30 -11.63 -60.68
N ILE A 258 5.62 -11.54 -60.83
CA ILE A 258 6.41 -10.69 -61.76
C ILE A 258 6.89 -9.45 -61.03
N PRO A 259 6.04 -8.53 -60.53
CA PRO A 259 6.59 -7.52 -59.61
C PRO A 259 7.33 -8.18 -58.45
N LEU A 260 6.75 -9.23 -57.86
CA LEU A 260 7.44 -9.95 -56.78
C LEU A 260 8.72 -10.57 -57.28
N LYS A 261 8.69 -11.17 -58.48
CA LYS A 261 9.94 -11.67 -59.07
C LYS A 261 10.92 -10.53 -59.32
N LYS A 262 10.45 -9.37 -59.77
CA LYS A 262 11.37 -8.25 -59.99
C LYS A 262 11.98 -7.78 -58.68
N VAL A 263 11.17 -7.73 -57.61
CA VAL A 263 11.67 -7.30 -56.31
C VAL A 263 12.77 -8.24 -55.82
N GLN A 264 12.54 -9.56 -55.93
CA GLN A 264 13.61 -10.51 -55.59
C GLN A 264 14.86 -10.24 -56.40
N LYS A 265 14.70 -9.95 -57.70
CA LYS A 265 15.85 -9.63 -58.55
C LYS A 265 16.54 -8.36 -58.07
N PHE A 266 15.78 -7.27 -57.92
CA PHE A 266 16.41 -6.00 -57.59
C PHE A 266 17.11 -6.05 -56.24
N ILE A 267 16.54 -6.77 -55.26
CA ILE A 267 17.20 -6.90 -53.98
C ILE A 267 18.50 -7.70 -54.13
N GLN A 268 18.46 -8.81 -54.89
CA GLN A 268 19.66 -9.58 -55.18
C GLN A 268 20.73 -8.71 -55.85
N GLU A 269 20.31 -7.85 -56.78
CA GLU A 269 21.26 -6.92 -57.38
C GLU A 269 21.77 -5.94 -56.34
N TYR A 270 20.88 -5.45 -55.48
CA TYR A 270 21.30 -4.50 -54.46
C TYR A 270 22.35 -5.10 -53.50
N SER A 271 22.31 -6.42 -53.33
CA SER A 271 23.24 -7.11 -52.42
C SER A 271 24.74 -6.99 -52.70
N GLU A 272 25.15 -6.70 -53.94
CA GLU A 272 26.56 -6.60 -54.26
C GLU A 272 27.03 -5.15 -54.43
N ILE A 273 26.18 -4.17 -54.18
CA ILE A 273 26.60 -2.78 -54.39
C ILE A 273 27.26 -2.23 -53.12
N GLU A 274 28.13 -1.24 -53.30
CA GLU A 274 28.82 -0.65 -52.16
C GLU A 274 27.89 0.33 -51.43
N ILE A 275 28.32 0.71 -50.22
CA ILE A 275 27.53 1.61 -49.39
C ILE A 275 27.88 3.03 -49.81
N GLY A 276 26.97 3.67 -50.51
CA GLY A 276 27.22 4.95 -51.14
C GLY A 276 26.74 4.91 -52.58
N GLU A 277 26.92 3.77 -53.25
CA GLU A 277 26.66 3.70 -54.67
C GLU A 277 25.28 3.17 -55.01
N GLY A 278 24.58 2.57 -54.06
CA GLY A 278 23.29 2.00 -54.36
C GLY A 278 22.07 2.90 -54.28
N ILE A 279 22.22 4.24 -54.18
CA ILE A 279 21.05 5.09 -53.94
C ILE A 279 19.97 4.85 -54.98
N GLU A 280 20.36 4.78 -56.26
CA GLU A 280 19.36 4.65 -57.32
C GLU A 280 18.84 3.22 -57.45
N LYS A 281 19.70 2.23 -57.19
CA LYS A 281 19.18 0.87 -57.12
C LYS A 281 18.14 0.74 -56.02
N LEU A 282 18.41 1.35 -54.85
CA LEU A 282 17.41 1.35 -53.79
C LEU A 282 16.12 2.03 -54.24
N LYS A 283 16.23 3.17 -54.94
CA LYS A 283 15.04 3.85 -55.43
C LYS A 283 14.18 2.90 -56.26
N GLU A 284 14.82 2.01 -57.03
CA GLU A 284 14.08 1.06 -57.84
C GLU A 284 13.33 0.04 -56.99
N ILE A 285 13.98 -0.46 -55.93
CA ILE A 285 13.32 -1.39 -55.02
C ILE A 285 12.08 -0.75 -54.41
N TYR A 286 12.25 0.42 -53.79
CA TYR A 286 11.10 1.14 -53.24
C TYR A 286 10.01 1.33 -54.29
N GLN A 287 10.41 1.58 -55.53
CA GLN A 287 9.41 1.85 -56.57
C GLN A 287 8.65 0.59 -56.91
N GLU A 288 9.35 -0.53 -57.12
CA GLU A 288 8.60 -1.75 -57.46
C GLU A 288 7.77 -2.23 -56.29
N SER A 290 6.46 -0.19 -53.73
CA SER A 290 5.37 0.75 -53.45
C SER A 290 4.19 0.52 -54.40
N GLN A 291 4.44 0.11 -55.65
CA GLN A 291 3.34 -0.20 -56.55
C GLN A 291 2.51 -1.39 -56.08
N ILE A 292 3.18 -2.44 -55.57
CA ILE A 292 2.45 -3.60 -55.06
C ILE A 292 1.55 -3.21 -53.89
N LEU A 293 2.09 -2.40 -52.96
CA LEU A 293 1.40 -1.98 -51.74
C LEU A 293 2.30 -1.02 -50.97
N GLU A 294 1.76 0.11 -50.52
CA GLU A 294 2.59 1.13 -49.88
C GLU A 294 2.73 0.89 -48.38
N ASN A 295 3.89 1.30 -47.88
CA ASN A 295 4.29 1.14 -46.49
C ASN A 295 5.38 2.16 -46.22
N ASP A 296 5.51 2.59 -44.97
CA ASP A 296 6.52 3.60 -44.65
C ASP A 296 7.94 3.05 -44.69
N ASN A 297 8.10 1.72 -44.75
CA ASN A 297 9.39 1.07 -44.84
C ASN A 297 9.23 -0.14 -45.72
N TYR A 298 10.28 -0.46 -46.47
CA TYR A 298 10.23 -1.57 -47.40
C TYR A 298 11.32 -2.60 -47.18
N ILE A 299 12.45 -2.20 -46.60
CA ILE A 299 13.65 -3.04 -46.52
C ILE A 299 14.24 -2.91 -45.13
N GLN A 300 14.68 -4.03 -44.56
CA GLN A 300 15.57 -4.00 -43.41
C GLN A 300 16.91 -4.59 -43.80
N ILE A 301 17.96 -4.00 -43.30
CA ILE A 301 19.31 -4.47 -43.54
C ILE A 301 20.03 -4.60 -42.21
N ASP A 302 20.64 -5.76 -41.98
CA ASP A 302 21.64 -5.95 -40.95
C ASP A 302 22.98 -6.20 -41.64
N LEU A 303 23.96 -5.31 -41.41
CA LEU A 303 25.28 -5.40 -42.02
C LEU A 303 26.17 -6.28 -41.15
N ILE A 304 26.55 -7.44 -41.68
CA ILE A 304 27.56 -8.29 -41.05
C ILE A 304 28.92 -8.05 -41.67
N SER A 305 29.95 -8.19 -40.85
CA SER A 305 31.37 -8.24 -41.21
C SER A 305 31.91 -9.62 -40.86
N ASP A 306 33.09 -9.94 -41.40
CA ASP A 306 33.78 -11.16 -40.99
C ASP A 306 35.15 -10.82 -40.38
N SER A 307 35.24 -9.64 -39.78
CA SER A 307 36.39 -9.30 -38.96
C SER A 307 36.42 -10.13 -37.68
N GLU A 308 37.48 -9.97 -36.89
CA GLU A 308 37.62 -10.73 -35.64
C GLU A 308 38.46 -9.92 -34.66
N ILE A 309 37.78 -9.20 -33.77
CA ILE A 309 38.44 -8.41 -32.75
C ILE A 309 38.87 -9.30 -31.59
N ASN A 310 40.01 -8.98 -30.97
CA ASN A 310 40.56 -9.77 -29.89
C ASN A 310 40.67 -8.92 -28.62
N PHE A 311 40.50 -9.57 -27.47
CA PHE A 311 40.66 -8.94 -26.15
C PHE A 311 41.66 -9.73 -25.32
N ASP A 312 42.37 -9.00 -24.43
CA ASP A 312 43.38 -9.57 -23.55
C ASP A 312 42.81 -10.66 -22.64
N VAL A 313 43.71 -11.44 -22.05
CA VAL A 313 43.33 -12.31 -20.96
C VAL A 313 42.89 -11.50 -19.74
N LYS A 314 43.57 -10.38 -19.47
CA LYS A 314 43.14 -9.49 -18.39
C LYS A 314 41.72 -8.99 -18.63
N GLN A 315 41.46 -8.50 -19.87
CA GLN A 315 40.13 -8.05 -20.25
C GLN A 315 39.08 -9.14 -20.00
N LYS A 316 39.34 -10.35 -20.51
CA LYS A 316 38.45 -11.46 -20.21
C LYS A 316 38.20 -11.56 -18.71
N GLN A 317 39.24 -11.38 -17.90
CA GLN A 317 39.04 -11.54 -16.47
C GLN A 317 38.26 -10.38 -15.89
N GLN A 318 38.50 -9.17 -16.41
CA GLN A 318 37.73 -8.01 -15.96
C GLN A 318 36.24 -8.21 -16.18
N LEU A 319 35.87 -8.78 -17.33
CA LEU A 319 34.45 -8.95 -17.63
C LEU A 319 33.84 -10.02 -16.74
N GLU A 320 34.46 -11.21 -16.70
CA GLU A 320 33.99 -12.27 -15.81
C GLU A 320 33.88 -11.78 -14.35
N HIS A 321 34.81 -10.94 -13.91
CA HIS A 321 34.70 -10.37 -12.59
C HIS A 321 33.42 -9.55 -12.47
N LEU A 322 33.11 -8.77 -13.52
CA LEU A 322 31.93 -7.92 -13.52
C LEU A 322 30.65 -8.74 -13.55
N ALA A 323 30.65 -9.82 -14.32
CA ALA A 323 29.48 -10.68 -14.33
C ALA A 323 29.19 -11.25 -12.94
N GLU A 324 30.21 -11.74 -12.23
CA GLU A 324 29.93 -12.31 -10.92
C GLU A 324 29.34 -11.27 -9.99
N PHE A 325 29.95 -10.08 -9.94
CA PHE A 325 29.45 -9.05 -9.05
C PHE A 325 27.99 -8.73 -9.34
N LEU A 326 27.62 -8.61 -10.62
CA LEU A 326 26.26 -8.22 -10.97
C LEU A 326 25.28 -9.35 -10.66
N GLY A 327 25.62 -10.57 -11.05
CA GLY A 327 24.77 -11.70 -10.68
C GLY A 327 24.66 -11.87 -9.18
N ASN A 328 25.70 -11.48 -8.44
CA ASN A 328 25.68 -11.69 -6.99
C ASN A 328 24.64 -10.84 -6.32
N THR A 329 24.33 -9.68 -6.90
CA THR A 329 23.43 -8.76 -6.22
C THR A 329 22.02 -9.27 -6.19
N THR A 330 21.69 -10.21 -7.08
CA THR A 330 20.37 -10.80 -7.10
C THR A 330 20.10 -11.65 -5.87
N LYS A 331 21.17 -12.11 -5.20
CA LYS A 331 21.06 -12.76 -3.88
C LYS A 331 20.19 -11.99 -2.91
N SER A 332 20.03 -10.66 -3.08
CA SER A 332 19.31 -9.81 -2.14
C SER A 332 17.89 -9.51 -2.58
N VAL A 333 17.44 -10.19 -3.62
CA VAL A 333 16.09 -10.03 -4.11
C VAL A 333 15.27 -11.13 -3.44
N ARG A 334 14.62 -10.79 -2.32
CA ARG A 334 13.84 -11.79 -1.57
C ARG A 334 12.38 -11.90 -1.98
N ARG A 335 11.73 -10.83 -2.41
CA ARG A 335 10.32 -10.93 -2.79
C ARG A 335 10.03 -9.99 -3.97
N THR A 336 9.64 -10.59 -5.10
CA THR A 336 9.34 -9.90 -6.33
C THR A 336 7.83 -9.78 -6.52
N TYR A 337 7.43 -9.06 -7.56
CA TYR A 337 6.01 -8.96 -7.88
C TYR A 337 5.43 -10.32 -8.20
N LEU A 338 6.28 -11.20 -8.73
CA LEU A 338 5.81 -12.50 -9.15
C LEU A 338 5.65 -13.42 -7.95
N ASP A 339 6.44 -13.18 -6.89
CA ASP A 339 6.27 -13.93 -5.67
C ASP A 339 4.91 -13.66 -5.04
N ASP A 340 4.54 -12.38 -4.92
CA ASP A 340 3.19 -12.05 -4.44
C ASP A 340 2.12 -12.74 -5.29
N TYR A 341 2.33 -12.84 -6.61
CA TYR A 341 1.37 -13.55 -7.46
C TYR A 341 1.32 -15.04 -7.09
N LYS A 342 2.48 -15.68 -6.93
CA LYS A 342 2.49 -17.05 -6.42
C LYS A 342 1.66 -17.19 -5.14
N ASP A 343 1.73 -16.20 -4.25
CA ASP A 343 0.91 -16.25 -3.04
C ASP A 343 -0.56 -16.13 -3.36
N LYS A 344 -0.94 -15.16 -4.20
CA LYS A 344 -2.33 -15.07 -4.63
C LYS A 344 -2.78 -16.41 -5.21
N PHE A 345 -1.92 -17.02 -6.05
CA PHE A 345 -2.23 -18.32 -6.63
C PHE A 345 -2.59 -19.31 -5.53
N ILE A 346 -1.73 -19.44 -4.52
CA ILE A 346 -1.90 -20.47 -3.50
C ILE A 346 -3.14 -20.23 -2.66
N GLU A 347 -3.47 -18.97 -2.38
CA GLU A 347 -4.69 -18.67 -1.64
C GLU A 347 -5.93 -19.08 -2.43
N LYS A 348 -5.94 -18.87 -3.76
CA LYS A 348 -7.12 -19.19 -4.53
C LYS A 348 -7.22 -20.67 -4.83
N TYR A 349 -6.07 -21.30 -5.08
CA TYR A 349 -6.02 -22.64 -5.66
C TYR A 349 -5.41 -23.68 -4.75
N GLY A 350 -4.80 -23.28 -3.65
CA GLY A 350 -3.99 -24.22 -2.95
C GLY A 350 -2.78 -24.59 -3.78
N VAL A 351 -2.17 -25.70 -3.39
CA VAL A 351 -1.00 -26.21 -4.09
C VAL A 351 -1.29 -27.43 -4.95
N ASP A 352 -2.51 -27.97 -4.92
CA ASP A 352 -2.75 -29.23 -5.59
C ASP A 352 -3.35 -29.08 -6.99
N GLN A 353 -3.65 -27.89 -7.46
CA GLN A 353 -4.35 -27.70 -8.73
C GLN A 353 -3.37 -27.32 -9.84
N GLU A 354 -3.72 -27.67 -11.06
CA GLU A 354 -3.10 -27.08 -12.24
C GLU A 354 -4.17 -26.28 -12.96
N VAL A 355 -3.82 -25.11 -13.42
CA VAL A 355 -4.84 -24.17 -13.85
C VAL A 355 -4.54 -23.76 -15.29
N GLN A 356 -5.56 -23.82 -16.14
CA GLN A 356 -5.40 -23.40 -17.52
C GLN A 356 -5.01 -21.94 -17.56
N ILE A 357 -3.99 -21.61 -18.36
CA ILE A 357 -3.40 -20.27 -18.26
C ILE A 357 -4.44 -19.20 -18.58
N THR A 358 -5.30 -19.43 -19.58
CA THR A 358 -6.29 -18.40 -19.86
C THR A 358 -7.31 -18.27 -18.75
N GLU A 359 -7.52 -19.32 -17.96
CA GLU A 359 -8.36 -19.17 -16.77
C GLU A 359 -7.61 -18.43 -15.65
N LEU A 360 -6.31 -18.67 -15.53
CA LEU A 360 -5.54 -18.06 -14.44
C LEU A 360 -5.63 -16.55 -14.50
N PHE A 361 -5.31 -15.96 -15.65
CA PHE A 361 -5.20 -14.53 -15.79
C PHE A 361 -6.54 -13.82 -15.92
N ASP A 362 -7.64 -14.54 -15.98
CA ASP A 362 -8.92 -13.86 -16.05
C ASP A 362 -9.19 -13.14 -14.73
N SER A 363 -9.46 -11.84 -14.81
CA SER A 363 -9.69 -11.06 -13.58
C SER A 363 -11.07 -11.22 -12.99
N THR A 364 -12.00 -11.88 -13.69
CA THR A 364 -13.32 -12.17 -13.14
C THR A 364 -13.45 -13.61 -12.67
N PHE A 365 -12.70 -14.55 -13.26
CA PHE A 365 -12.79 -15.95 -12.89
C PHE A 365 -11.50 -16.53 -12.34
N GLY A 366 -10.35 -15.89 -12.56
CA GLY A 366 -9.09 -16.35 -11.98
C GLY A 366 -8.53 -15.35 -10.99
N ILE A 367 -7.20 -15.19 -10.95
CA ILE A 367 -6.57 -14.24 -10.04
C ILE A 367 -6.03 -13.01 -10.76
N GLY A 368 -6.36 -12.82 -12.04
CA GLY A 368 -5.80 -11.69 -12.78
C GLY A 368 -4.31 -11.82 -13.05
N ALA A 369 -3.59 -10.70 -12.96
CA ALA A 369 -2.17 -10.76 -13.33
C ALA A 369 -1.27 -10.30 -12.18
N PRO A 370 0.04 -10.52 -12.28
CA PRO A 370 0.98 -9.81 -11.40
C PRO A 370 0.70 -8.32 -11.37
N TYR A 371 1.01 -7.71 -10.23
CA TYR A 371 0.62 -6.31 -10.01
C TYR A 371 1.25 -5.40 -11.06
N ASN A 372 2.44 -5.77 -11.55
CA ASN A 372 3.24 -4.96 -12.47
C ASN A 372 2.97 -5.27 -13.95
N TYR A 373 1.93 -6.01 -14.27
CA TYR A 373 1.56 -6.30 -15.66
C TYR A 373 0.52 -5.29 -16.14
N ASN A 374 0.58 -4.92 -17.42
CA ASN A 374 -0.28 -3.86 -17.95
C ASN A 374 -1.06 -4.25 -19.20
N HIS A 375 -1.16 -5.53 -19.55
CA HIS A 375 -1.84 -5.91 -20.80
C HIS A 375 -2.80 -7.10 -20.60
N PRO A 376 -3.96 -6.85 -19.97
CA PRO A 376 -4.40 -5.56 -19.42
C PRO A 376 -3.97 -5.38 -17.95
N ARG A 377 -3.93 -4.14 -17.44
CA ARG A 377 -3.80 -3.97 -16.01
C ARG A 377 -5.04 -4.55 -15.31
N ASN A 378 -4.88 -4.99 -14.07
CA ASN A 378 -6.04 -5.50 -13.32
C ASN A 378 -7.13 -4.43 -13.24
N ASP A 379 -8.38 -4.84 -13.41
CA ASP A 379 -9.51 -3.90 -13.46
C ASP A 379 -10.36 -3.92 -12.20
N PHE A 380 -9.84 -4.50 -11.13
CA PHE A 380 -10.39 -4.38 -9.79
C PHE A 380 -9.32 -3.67 -9.00
N TYR A 381 -9.69 -3.05 -7.89
CA TYR A 381 -8.67 -2.33 -7.14
C TYR A 381 -7.87 -3.28 -6.27
N GLU A 382 -6.62 -2.93 -6.04
CA GLU A 382 -5.71 -3.69 -5.20
C GLU A 382 -4.54 -2.78 -4.92
N SER A 383 -4.13 -2.70 -3.67
CA SER A 383 -2.99 -1.84 -3.39
C SER A 383 -1.69 -2.60 -3.64
N GLU A 384 -0.60 -1.83 -3.82
CA GLU A 384 0.68 -2.40 -4.23
C GLU A 384 1.21 -3.34 -3.14
N PRO A 385 1.81 -4.47 -3.52
CA PRO A 385 2.31 -5.42 -2.53
C PRO A 385 3.71 -5.09 -2.04
N SER A 386 4.05 -5.68 -0.90
CA SER A 386 5.44 -5.59 -0.44
C SER A 386 6.35 -6.29 -1.43
N THR A 387 7.41 -5.59 -1.85
CA THR A 387 8.54 -6.21 -2.53
C THR A 387 9.83 -5.93 -1.76
N LEU A 388 10.88 -6.66 -2.10
CA LEU A 388 12.15 -6.52 -1.40
C LEU A 388 13.23 -6.91 -2.39
N TYR A 389 13.74 -5.91 -3.12
CA TYR A 389 14.79 -6.10 -4.12
C TYR A 389 16.18 -5.83 -3.54
N TYR A 390 16.26 -5.39 -2.29
CA TYR A 390 17.47 -5.11 -1.55
C TYR A 390 17.09 -4.93 -0.09
N SER A 391 18.07 -5.02 0.81
CA SER A 391 17.77 -4.93 2.23
C SER A 391 17.84 -3.49 2.73
N GLU A 392 17.24 -3.25 3.89
CA GLU A 392 17.36 -1.93 4.52
C GLU A 392 18.80 -1.59 4.83
N GLU A 393 19.61 -2.60 5.21
CA GLU A 393 21.03 -2.36 5.44
C GLU A 393 21.74 -1.96 4.15
N GLU A 394 21.49 -2.71 3.08
CA GLU A 394 22.03 -2.34 1.79
C GLU A 394 21.71 -0.89 1.46
N ARG A 395 20.45 -0.49 1.62
CA ARG A 395 20.05 0.84 1.19
C ARG A 395 20.76 1.93 2.00
N GLU A 396 20.96 1.69 3.29
CA GLU A 396 21.70 2.65 4.09
C GLU A 396 23.13 2.77 3.59
N LYS A 397 23.74 1.66 3.20
CA LYS A 397 25.10 1.74 2.67
C LYS A 397 25.11 2.56 1.38
N TYR A 398 24.18 2.27 0.47
CA TYR A 398 24.17 2.97 -0.81
C TYR A 398 23.96 4.48 -0.63
N LEU A 399 23.02 4.87 0.25
CA LEU A 399 22.78 6.29 0.48
C LEU A 399 23.98 6.93 1.16
N SER A 400 24.53 6.22 2.14
CA SER A 400 25.75 6.65 2.79
C SER A 400 26.87 6.81 1.77
N TYR A 402 26.49 7.41 -1.35
CA TYR A 402 26.08 8.50 -2.22
C TYR A 402 26.41 9.84 -1.57
N VAL A 403 26.00 10.00 -0.30
CA VAL A 403 26.20 11.26 0.40
C VAL A 403 27.68 11.60 0.49
N GLU A 404 28.53 10.62 0.78
CA GLU A 404 29.96 10.94 0.92
C GLU A 404 30.60 11.27 -0.42
N ALA A 405 30.21 10.59 -1.51
CA ALA A 405 30.86 10.88 -2.78
C ALA A 405 30.51 12.29 -3.26
N VAL A 406 29.27 12.72 -3.07
CA VAL A 406 28.88 14.07 -3.46
C VAL A 406 29.58 15.11 -2.59
N LYS A 407 29.71 14.85 -1.29
CA LYS A 407 30.39 15.78 -0.39
C LYS A 407 31.86 15.95 -0.77
N ASN A 408 32.49 14.90 -1.30
CA ASN A 408 33.92 14.84 -1.56
C ASN A 408 34.27 15.05 -3.02
N HIS A 409 33.30 15.29 -3.89
CA HIS A 409 33.50 15.32 -5.33
C HIS A 409 34.28 14.10 -5.79
N ASN A 410 33.69 12.95 -5.51
CA ASN A 410 34.27 11.68 -5.89
C ASN A 410 33.25 10.88 -6.66
N VAL A 411 33.74 9.80 -7.24
CA VAL A 411 32.88 8.81 -7.85
C VAL A 411 32.47 7.84 -6.76
N ILE A 412 31.53 6.96 -7.07
CA ILE A 412 31.11 5.91 -6.16
C ILE A 412 31.76 4.62 -6.61
N ASN A 413 32.59 4.05 -5.73
CA ASN A 413 33.24 2.78 -5.96
C ASN A 413 32.33 1.69 -5.44
N LEU A 414 31.67 0.97 -6.36
CA LEU A 414 30.84 -0.15 -5.92
C LEU A 414 31.68 -1.29 -5.40
N ASP A 415 32.95 -1.35 -5.80
CA ASP A 415 33.95 -2.24 -5.21
C ASP A 415 33.74 -2.43 -3.71
N ASP A 416 33.27 -1.38 -3.02
CA ASP A 416 33.14 -1.40 -1.58
C ASP A 416 32.28 -2.56 -1.10
N LEU A 417 31.27 -2.94 -1.88
CA LEU A 417 30.35 -3.99 -1.47
C LEU A 417 30.57 -5.29 -2.22
N GLU A 418 31.65 -5.42 -2.98
CA GLU A 418 31.89 -6.67 -3.69
C GLU A 418 32.01 -7.84 -2.72
N SER A 419 32.69 -7.62 -1.59
CA SER A 419 32.89 -8.70 -0.63
C SER A 419 31.65 -8.98 0.20
N HIS A 420 30.75 -8.00 0.34
CA HIS A 420 29.42 -8.26 0.91
C HIS A 420 28.63 -9.27 0.08
N TYR A 421 28.56 -9.04 -1.24
CA TYR A 421 27.64 -9.78 -2.11
C TYR A 421 28.16 -11.14 -2.50
N GLN A 422 29.48 -11.31 -2.63
CA GLN A 422 29.96 -12.65 -2.99
C GLN A 422 29.86 -13.55 -1.78
N LYS A 423 29.99 -12.96 -0.60
CA LYS A 423 29.93 -13.72 0.64
C LYS A 423 28.53 -14.27 0.90
N ASP A 425 24.78 -15.75 1.05
CA ASP A 425 24.19 -17.03 0.69
C ASP A 425 25.11 -17.97 -0.09
N LEU A 426 26.24 -18.33 0.51
CA LEU A 426 27.11 -19.35 -0.05
C LEU A 426 26.55 -20.75 0.12
N GLU A 427 25.38 -20.89 0.76
CA GLU A 427 24.66 -22.14 0.95
C GLU A 427 23.75 -22.47 -0.24
N LYS A 428 22.97 -21.49 -0.68
CA LYS A 428 22.01 -21.66 -1.76
C LYS A 428 22.73 -21.81 -3.09
N LYS A 429 22.27 -22.76 -3.91
CA LYS A 429 22.85 -23.00 -5.23
C LYS A 429 22.21 -22.05 -6.25
N SER A 430 22.91 -20.94 -6.52
CA SER A 430 22.51 -19.92 -7.48
C SER A 430 21.85 -20.53 -8.72
N GLU A 431 20.71 -19.96 -9.11
CA GLU A 431 19.89 -20.47 -10.21
C GLU A 431 20.44 -20.07 -11.57
N LEU A 432 20.97 -18.85 -11.66
CA LEU A 432 21.33 -18.20 -12.92
C LEU A 432 22.19 -19.07 -13.81
N GLN A 433 21.72 -19.30 -15.05
CA GLN A 433 22.50 -20.00 -16.07
C GLN A 433 23.51 -19.10 -16.75
N GLY A 434 23.09 -17.90 -17.18
CA GLY A 434 24.04 -17.01 -17.81
C GLY A 434 23.54 -15.59 -17.95
N LEU A 435 24.42 -14.74 -18.51
CA LEU A 435 24.17 -13.32 -18.70
C LEU A 435 24.64 -12.84 -20.07
N GLU A 436 23.91 -11.87 -20.62
CA GLU A 436 24.43 -11.08 -21.73
C GLU A 436 24.65 -9.67 -21.21
N LEU A 437 25.80 -9.09 -21.49
CA LEU A 437 26.13 -7.75 -21.04
C LEU A 437 26.46 -6.86 -22.24
N PHE A 438 26.05 -5.60 -22.15
CA PHE A 438 26.20 -4.66 -23.24
C PHE A 438 27.19 -3.60 -22.82
N LEU A 439 28.32 -3.49 -23.54
CA LEU A 439 29.40 -2.60 -23.14
C LEU A 439 29.89 -1.72 -24.28
N ASN A 440 30.07 -0.44 -23.96
CA ASN A 440 30.65 0.55 -24.85
C ASN A 440 32.14 0.69 -24.58
N LEU A 441 32.95 0.66 -25.64
CA LEU A 441 34.39 0.86 -25.53
C LEU A 441 34.69 2.35 -25.63
N ALA A 442 35.49 2.86 -24.70
CA ALA A 442 35.96 4.24 -24.79
C ALA A 442 37.35 4.30 -24.19
N LYS A 443 37.80 5.52 -23.90
CA LYS A 443 39.09 5.77 -23.27
C LYS A 443 38.96 6.91 -22.28
N GLU A 444 39.87 6.90 -21.31
CA GLU A 444 40.04 8.00 -20.38
C GLU A 444 41.49 8.01 -19.91
N TYR A 445 42.14 9.16 -20.06
CA TYR A 445 43.57 9.30 -19.80
C TYR A 445 44.36 8.24 -20.58
N GLU A 446 44.05 8.19 -21.87
CA GLU A 446 44.71 7.30 -22.84
C GLU A 446 44.56 5.81 -22.54
N LYS A 447 44.08 5.45 -21.35
CA LYS A 447 43.77 4.05 -21.07
C LYS A 447 42.39 3.67 -21.64
N ASP A 448 42.32 2.49 -22.26
CA ASP A 448 41.04 1.93 -22.69
C ASP A 448 40.17 1.51 -21.50
N ILE A 449 38.90 1.91 -21.52
CA ILE A 449 37.92 1.54 -20.49
C ILE A 449 36.71 0.90 -21.16
N PHE A 450 36.01 0.05 -20.38
CA PHE A 450 34.66 -0.41 -20.71
C PHE A 450 33.63 0.43 -19.97
N ILE A 451 32.54 0.78 -20.66
CA ILE A 451 31.43 1.47 -20.02
C ILE A 451 30.15 0.67 -20.23
N LEU A 452 29.48 0.37 -19.13
CA LEU A 452 28.31 -0.48 -19.13
C LEU A 452 27.11 0.26 -19.72
N GLY A 453 26.43 -0.38 -20.66
CA GLY A 453 25.28 0.23 -21.28
C GLY A 453 24.18 0.49 -20.27
N ASP A 454 23.37 1.52 -20.54
CA ASP A 454 22.25 1.78 -19.64
C ASP A 454 21.19 0.70 -19.75
N ILE A 455 21.18 -0.05 -20.85
CA ILE A 455 20.37 -1.27 -20.93
C ILE A 455 20.94 -2.35 -20.04
N VAL A 456 22.27 -2.31 -19.82
CA VAL A 456 23.05 -3.19 -18.94
C VAL A 456 23.14 -4.61 -19.48
N GLY A 457 22.01 -5.26 -19.60
CA GLY A 457 21.99 -6.63 -20.07
C GLY A 457 20.85 -7.38 -19.41
N ASN A 458 20.91 -8.68 -19.55
CA ASN A 458 19.80 -9.51 -19.12
C ASN A 458 20.31 -10.94 -18.99
N ASN A 459 19.41 -11.80 -18.51
CA ASN A 459 19.70 -13.20 -18.27
C ASN A 459 19.04 -14.10 -19.32
N ASN A 460 18.82 -13.56 -20.50
CA ASN A 460 18.12 -14.24 -21.59
C ASN A 460 19.18 -14.62 -22.63
N LEU A 461 19.71 -15.84 -22.51
CA LEU A 461 20.91 -16.20 -23.27
C LEU A 461 20.57 -16.41 -24.74
N GLY A 462 21.38 -15.85 -25.61
CA GLY A 462 21.06 -15.88 -27.02
C GLY A 462 20.15 -14.76 -27.46
N GLY A 463 19.69 -13.92 -26.53
CA GLY A 463 18.75 -12.87 -26.89
C GLY A 463 19.33 -11.84 -27.84
N ALA A 464 20.62 -11.52 -27.70
CA ALA A 464 21.22 -10.45 -28.48
C ALA A 464 21.74 -10.91 -29.83
N SER A 465 21.78 -12.23 -30.07
CA SER A 465 22.32 -12.81 -31.28
C SER A 465 21.27 -13.49 -32.14
N GLY A 466 20.05 -13.69 -31.64
CA GLY A 466 19.09 -14.49 -32.37
C GLY A 466 18.71 -13.87 -33.70
N ARG A 467 18.71 -12.54 -33.75
CA ARG A 467 18.35 -11.81 -34.97
C ARG A 467 19.34 -12.07 -36.09
N PHE A 468 20.62 -12.19 -35.74
CA PHE A 468 21.70 -12.36 -36.70
C PHE A 468 21.99 -13.81 -37.04
N SER A 469 21.34 -14.73 -36.33
CA SER A 469 21.64 -16.15 -36.50
C SER A 469 21.62 -16.53 -37.98
N ALA A 470 20.48 -16.30 -38.66
CA ALA A 470 20.26 -16.85 -40.00
C ALA A 470 21.15 -16.22 -41.07
N LEU A 471 21.66 -15.01 -40.85
CA LEU A 471 22.26 -14.22 -41.93
C LEU A 471 23.57 -14.78 -42.46
N SER A 472 24.17 -15.78 -41.81
CA SER A 472 25.43 -16.37 -42.26
C SER A 472 25.60 -17.69 -41.53
N PRO A 473 26.43 -18.60 -42.05
CA PRO A 473 26.66 -19.85 -41.29
C PRO A 473 27.47 -19.61 -40.04
N GLU A 474 28.50 -18.77 -40.11
CA GLU A 474 29.29 -18.45 -38.93
C GLU A 474 28.41 -17.92 -37.80
N LEU A 475 27.45 -17.07 -38.15
CA LEU A 475 26.51 -16.53 -37.16
C LEU A 475 25.59 -17.63 -36.62
N THR A 476 25.07 -18.49 -37.50
CA THR A 476 24.21 -19.57 -37.02
C THR A 476 24.97 -20.47 -36.06
N SER A 477 26.23 -20.75 -36.37
CA SER A 477 27.08 -21.52 -35.47
C SER A 477 27.22 -20.83 -34.11
N TYR A 478 27.57 -19.53 -34.14
CA TYR A 478 27.74 -18.74 -32.91
C TYR A 478 26.53 -18.86 -31.99
N HIS A 479 25.35 -18.47 -32.51
CA HIS A 479 24.13 -18.52 -31.75
C HIS A 479 23.85 -19.91 -31.20
N ARG A 480 24.04 -20.94 -32.05
CA ARG A 480 23.81 -22.31 -31.62
C ARG A 480 24.66 -22.66 -30.40
N THR A 481 25.90 -22.21 -30.37
CA THR A 481 26.72 -22.49 -29.20
C THR A 481 26.12 -21.86 -27.95
N ILE A 482 25.72 -20.59 -28.07
CA ILE A 482 25.25 -19.84 -26.90
C ILE A 482 24.03 -20.50 -26.27
N VAL A 483 23.06 -20.92 -27.09
CA VAL A 483 21.83 -21.46 -26.51
C VAL A 483 21.90 -22.96 -26.28
N ASP A 484 22.94 -23.64 -26.78
CA ASP A 484 23.04 -25.05 -26.44
C ASP A 484 23.45 -25.29 -24.99
N SER A 485 23.85 -24.25 -24.25
CA SER A 485 24.04 -24.44 -22.81
C SER A 485 22.72 -24.47 -22.05
N VAL A 486 21.64 -24.01 -22.67
CA VAL A 486 20.33 -24.02 -22.04
C VAL A 486 19.55 -25.25 -22.45
N GLU A 487 19.71 -25.60 -23.73
CA GLU A 487 19.01 -26.72 -24.32
C GLU A 487 19.52 -28.07 -23.79
N ARG A 488 20.83 -28.18 -23.58
CA ARG A 488 21.34 -29.38 -22.95
C ARG A 488 20.77 -29.53 -21.55
N GLU A 489 20.73 -28.43 -20.77
CA GLU A 489 20.18 -28.58 -19.42
C GLU A 489 18.67 -28.83 -19.44
N ASN A 490 17.93 -28.22 -20.37
CA ASN A 490 16.53 -28.59 -20.49
C ASN A 490 16.40 -30.09 -20.72
N GLU A 491 17.32 -30.66 -21.50
CA GLU A 491 17.23 -32.07 -21.83
C GLU A 491 17.49 -32.97 -20.62
N ASN A 492 18.44 -32.58 -19.77
CA ASN A 492 18.67 -33.31 -18.53
C ASN A 492 17.39 -33.37 -17.71
N LYS A 493 16.82 -32.19 -17.43
CA LYS A 493 15.65 -32.08 -16.56
C LYS A 493 14.37 -32.56 -17.20
N GLU A 494 14.45 -33.13 -18.40
CA GLU A 494 13.30 -33.59 -19.16
C GLU A 494 12.26 -32.49 -19.30
N ILE A 495 12.72 -31.33 -19.74
CA ILE A 495 11.86 -30.17 -20.00
C ILE A 495 11.80 -29.89 -21.50
N THR A 496 10.58 -29.80 -22.04
CA THR A 496 10.41 -29.42 -23.46
C THR A 496 10.53 -27.92 -23.64
N SER A 497 11.58 -27.48 -24.33
CA SER A 497 11.74 -26.06 -24.65
C SER A 497 10.78 -25.66 -25.78
N CYS A 498 10.55 -24.36 -25.89
CA CYS A 498 9.49 -23.91 -26.79
C CYS A 498 9.55 -22.40 -27.07
N GLU A 499 9.75 -22.03 -28.34
CA GLU A 499 9.87 -20.63 -28.71
C GLU A 499 8.49 -20.04 -28.97
N ILE A 500 8.23 -18.89 -28.37
CA ILE A 500 7.02 -18.14 -28.68
C ILE A 500 7.28 -17.32 -29.95
N VAL A 501 6.46 -17.56 -30.96
CA VAL A 501 6.63 -16.95 -32.29
C VAL A 501 5.32 -16.29 -32.65
N PHE A 502 5.36 -14.98 -32.88
CA PHE A 502 4.14 -14.20 -32.82
C PHE A 502 4.29 -12.96 -33.69
N LEU A 503 3.18 -12.54 -34.27
CA LEU A 503 3.11 -11.23 -34.90
C LEU A 503 2.79 -10.19 -33.85
N PRO A 504 3.63 -9.17 -33.64
CA PRO A 504 3.35 -8.17 -32.60
C PRO A 504 1.99 -7.50 -32.77
N GLU A 505 1.42 -7.04 -31.65
CA GLU A 505 0.06 -6.53 -31.70
C GLU A 505 0.02 -5.23 -32.49
N ASN A 506 1.05 -4.41 -32.33
CA ASN A 506 1.23 -3.21 -33.15
C ASN A 506 2.23 -3.58 -34.23
N ILE A 507 1.76 -3.71 -35.48
CA ILE A 507 2.59 -4.37 -36.50
C ILE A 507 3.74 -3.52 -36.97
N ARG A 508 3.86 -2.25 -36.53
CA ARG A 508 5.07 -1.48 -36.79
C ARG A 508 6.29 -2.18 -36.21
N HIS A 509 6.18 -2.68 -35.00
CA HIS A 509 7.26 -3.41 -34.35
C HIS A 509 7.52 -4.78 -34.95
N ALA A 510 6.97 -5.13 -36.10
CA ALA A 510 7.10 -6.50 -36.57
C ALA A 510 8.52 -6.86 -37.01
N ASN A 511 9.40 -5.90 -37.26
CA ASN A 511 10.76 -6.27 -37.62
C ASN A 511 11.64 -6.60 -36.42
N VAL A 512 11.17 -6.39 -35.19
CA VAL A 512 11.99 -6.74 -34.04
C VAL A 512 11.90 -8.23 -33.73
N HIS A 514 12.26 -10.99 -35.03
CA HIS A 514 12.91 -12.03 -35.80
C HIS A 514 13.96 -12.76 -34.97
N THR A 515 13.90 -14.09 -35.04
CA THR A 515 14.92 -14.97 -34.47
C THR A 515 14.79 -16.32 -35.17
N SER A 516 15.80 -17.18 -35.00
CA SER A 516 15.74 -18.55 -35.48
C SER A 516 15.30 -19.49 -34.35
N ILE A 517 14.48 -20.47 -34.70
CA ILE A 517 13.87 -21.37 -33.74
C ILE A 517 14.89 -22.47 -33.42
N ARG A 519 14.48 -24.48 -30.64
CA ARG A 519 13.87 -25.26 -29.58
C ARG A 519 13.15 -26.50 -30.08
N ARG A 520 12.62 -27.28 -29.15
CA ARG A 520 11.90 -28.50 -29.54
C ARG A 520 10.53 -28.18 -30.14
N LYS A 521 9.80 -27.20 -29.59
CA LYS A 521 8.45 -26.89 -30.03
C LYS A 521 8.29 -25.38 -30.19
N VAL A 522 7.12 -24.97 -30.64
CA VAL A 522 6.84 -23.57 -30.96
C VAL A 522 5.45 -23.24 -30.46
N LEU A 523 5.30 -22.05 -29.89
CA LEU A 523 3.98 -21.56 -29.47
C LEU A 523 3.66 -20.37 -30.35
N PRO A 524 2.82 -20.54 -31.36
CA PRO A 524 2.61 -19.48 -32.35
C PRO A 524 1.36 -18.65 -32.09
N PHE A 525 1.39 -17.38 -32.53
CA PHE A 525 0.24 -16.49 -32.47
C PHE A 525 0.25 -15.63 -33.71
N PHE A 526 -0.90 -15.58 -34.42
CA PHE A 526 -1.03 -14.78 -35.63
C PHE A 526 0.05 -15.16 -36.63
N THR A 527 0.37 -16.43 -36.66
CA THR A 527 1.27 -17.02 -37.64
C THR A 527 1.21 -18.53 -37.42
N SER A 528 1.98 -19.25 -38.23
CA SER A 528 2.06 -20.70 -38.13
C SER A 528 3.39 -21.14 -38.69
N THR A 529 3.93 -22.21 -38.13
CA THR A 529 5.22 -22.71 -38.55
C THR A 529 5.07 -24.18 -38.92
N SER A 530 6.22 -24.79 -39.24
CA SER A 530 6.34 -26.21 -39.54
C SER A 530 6.83 -27.01 -38.34
N HIS A 531 7.15 -26.36 -37.23
CA HIS A 531 7.61 -27.08 -36.06
C HIS A 531 6.42 -27.75 -35.37
N ASN A 532 6.72 -28.56 -34.35
CA ASN A 532 5.67 -29.01 -33.48
C ASN A 532 5.18 -27.85 -32.61
N GLU A 533 3.87 -27.63 -32.60
CA GLU A 533 3.29 -26.45 -31.99
C GLU A 533 2.42 -26.81 -30.79
N VAL A 534 2.50 -26.00 -29.75
CA VAL A 534 1.71 -26.17 -28.53
C VAL A 534 0.41 -25.41 -28.67
N LEU A 535 -0.67 -25.97 -28.16
CA LEU A 535 -1.96 -25.30 -28.18
C LEU A 535 -2.04 -24.41 -26.93
N LEU A 536 -2.43 -23.15 -27.10
CA LEU A 536 -2.49 -22.23 -25.97
C LEU A 536 -3.32 -22.82 -24.85
N THR A 537 -4.52 -23.29 -25.15
CA THR A 537 -5.41 -23.78 -24.12
C THR A 537 -5.05 -25.17 -23.63
N ASN A 538 -3.88 -25.69 -23.99
CA ASN A 538 -3.34 -26.87 -23.34
C ASN A 538 -2.33 -26.54 -22.26
N ILE A 539 -1.94 -25.27 -22.13
CA ILE A 539 -0.94 -24.88 -21.13
C ILE A 539 -1.61 -24.73 -19.78
N TYR A 540 -1.12 -25.48 -18.80
CA TYR A 540 -1.62 -25.45 -17.44
C TYR A 540 -0.50 -25.02 -16.50
N ILE A 541 -0.83 -24.28 -15.45
CA ILE A 541 0.16 -23.73 -14.53
C ILE A 541 0.01 -24.40 -13.17
N GLY A 542 1.14 -24.80 -12.59
CA GLY A 542 1.14 -25.28 -11.22
C GLY A 542 2.32 -24.77 -10.41
N ILE A 543 2.50 -25.36 -9.22
CA ILE A 543 3.50 -24.99 -8.22
C ILE A 543 4.34 -26.22 -7.87
N ASP A 544 5.65 -26.16 -8.18
CA ASP A 544 6.70 -27.09 -7.73
C ASP A 544 6.58 -27.61 -6.30
N GLU A 545 7.42 -28.60 -5.97
CA GLU A 545 7.67 -28.94 -4.58
C GLU A 545 8.29 -27.78 -3.83
N LYS A 546 8.93 -26.85 -4.54
CA LYS A 546 9.61 -25.70 -3.94
C LYS A 546 8.79 -24.40 -4.10
N GLU A 547 7.47 -24.51 -4.29
CA GLU A 547 6.60 -23.34 -4.46
C GLU A 547 7.10 -22.45 -5.61
N LYS A 548 7.44 -23.11 -6.71
CA LYS A 548 7.94 -22.45 -7.91
C LYS A 548 6.95 -22.70 -9.05
N PHE A 549 6.65 -21.66 -9.83
CA PHE A 549 5.72 -21.82 -10.96
C PHE A 549 6.34 -22.67 -12.06
N TYR A 550 5.57 -23.64 -12.58
CA TYR A 550 5.93 -24.41 -13.76
C TYR A 550 4.73 -24.44 -14.73
N ALA A 551 4.98 -24.88 -15.96
CA ALA A 551 3.97 -24.94 -17.01
C ALA A 551 4.01 -26.31 -17.66
N ARG A 552 2.84 -26.89 -17.92
CA ARG A 552 2.74 -28.24 -18.47
C ARG A 552 1.68 -28.32 -19.57
N ASP A 553 1.99 -29.02 -20.65
CA ASP A 553 1.03 -29.33 -21.71
C ASP A 553 0.07 -30.42 -21.25
N ILE A 554 -1.22 -30.08 -21.13
CA ILE A 554 -2.18 -31.03 -20.57
C ILE A 554 -2.45 -32.20 -21.51
N SER A 555 -2.10 -32.10 -22.80
CA SER A 555 -2.37 -33.23 -23.68
C SER A 555 -1.27 -34.28 -23.62
N THR A 556 0.00 -33.87 -23.49
CA THR A 556 1.12 -34.80 -23.42
C THR A 556 1.72 -34.91 -22.02
N GLN A 557 1.29 -34.09 -21.08
CA GLN A 557 1.88 -34.03 -19.75
C GLN A 557 3.34 -33.62 -19.77
N GLU A 558 3.79 -32.97 -20.85
CA GLU A 558 5.14 -32.41 -20.92
C GLU A 558 5.26 -31.13 -20.08
N VAL A 559 6.39 -30.98 -19.42
CA VAL A 559 6.73 -29.75 -18.73
C VAL A 559 7.40 -28.78 -19.69
N LEU A 560 7.00 -27.50 -19.64
CA LEU A 560 7.42 -26.52 -20.63
C LEU A 560 8.19 -25.36 -20.01
N LYS A 561 9.20 -24.89 -20.74
CA LYS A 561 9.84 -23.59 -20.57
C LYS A 561 9.77 -22.88 -21.92
N PHE A 562 9.44 -21.60 -21.89
CA PHE A 562 9.17 -20.83 -23.11
C PHE A 562 10.25 -19.78 -23.30
N TYR A 563 10.54 -19.48 -24.56
CA TYR A 563 11.65 -18.58 -24.86
C TYR A 563 11.25 -17.57 -25.93
N ILE A 564 11.83 -16.38 -25.80
CA ILE A 564 11.75 -15.32 -26.79
C ILE A 564 13.20 -14.87 -26.99
N THR A 565 13.86 -15.43 -28.00
CA THR A 565 15.32 -15.30 -28.14
C THR A 565 15.63 -14.11 -29.06
N SER A 566 15.29 -12.93 -28.57
CA SER A 566 15.39 -11.68 -29.32
C SER A 566 15.40 -10.52 -28.33
N TYR A 568 12.99 -8.23 -28.25
CA TYR A 568 11.64 -7.72 -28.14
C TYR A 568 11.33 -7.37 -26.69
N ASN A 569 10.83 -6.16 -26.47
CA ASN A 569 10.53 -5.71 -25.11
C ASN A 569 9.54 -6.66 -24.45
N LYS A 570 9.99 -7.32 -23.38
CA LYS A 570 9.17 -8.35 -22.75
C LYS A 570 7.96 -7.76 -22.03
N THR A 571 8.04 -6.52 -21.53
CA THR A 571 6.88 -5.93 -20.86
C THR A 571 5.75 -5.53 -21.82
N LEU A 572 5.96 -5.64 -23.14
CA LEU A 572 4.95 -5.31 -24.13
C LEU A 572 3.91 -6.40 -24.34
N PHE A 573 4.19 -7.63 -23.94
CA PHE A 573 3.35 -8.74 -24.32
C PHE A 573 2.03 -8.73 -23.57
N SER A 574 1.07 -9.46 -24.13
CA SER A 574 -0.05 -9.95 -23.35
C SER A 574 0.43 -10.65 -22.10
N ASN A 575 -0.25 -10.39 -20.99
CA ASN A 575 0.11 -10.96 -19.69
C ASN A 575 0.50 -12.43 -19.76
N GLU A 576 -0.34 -13.27 -20.36
CA GLU A 576 -0.08 -14.69 -20.34
C GLU A 576 1.26 -15.02 -20.99
N LEU A 577 1.59 -14.39 -22.12
CA LEU A 577 2.86 -14.66 -22.78
C LEU A 577 4.02 -14.10 -21.99
N ARG A 578 3.86 -12.89 -21.45
CA ARG A 578 4.91 -12.34 -20.58
C ARG A 578 5.15 -13.26 -19.38
N PHE A 579 4.07 -13.81 -18.81
CA PHE A 579 4.19 -14.73 -17.69
C PHE A 579 4.94 -16.00 -18.08
N LEU A 580 4.51 -16.64 -19.18
CA LEU A 580 5.19 -17.85 -19.63
C LEU A 580 6.69 -17.59 -19.82
N TYR A 581 7.03 -16.43 -20.39
CA TYR A 581 8.45 -16.08 -20.52
C TYR A 581 9.11 -15.94 -19.15
N GLU A 582 8.46 -15.23 -18.23
CA GLU A 582 9.14 -14.88 -16.99
C GLU A 582 9.32 -16.08 -16.08
N ILE A 583 8.35 -17.01 -16.04
CA ILE A 583 8.54 -18.19 -15.19
C ILE A 583 9.57 -19.14 -15.78
N SER A 584 10.00 -18.88 -17.00
CA SER A 584 10.95 -19.73 -17.69
C SER A 584 12.42 -19.38 -17.44
N LEU A 585 12.73 -18.28 -16.79
CA LEU A 585 14.11 -18.05 -16.46
C LEU A 585 14.20 -17.90 -14.95
N ASP A 586 15.27 -17.26 -14.48
CA ASP A 586 15.45 -17.03 -13.05
C ASP A 586 15.21 -15.57 -12.71
N ASP A 587 14.10 -15.34 -11.98
CA ASP A 587 13.33 -14.11 -11.93
C ASP A 587 14.03 -12.99 -11.15
N LYS A 588 15.31 -13.14 -10.80
CA LYS A 588 15.90 -12.16 -9.92
C LYS A 588 16.79 -11.15 -10.61
N PHE A 589 17.47 -11.51 -11.69
CA PHE A 589 18.24 -10.49 -12.39
C PHE A 589 17.31 -9.47 -13.02
N GLY A 590 17.68 -8.19 -12.93
CA GLY A 590 16.79 -7.15 -13.41
C GLY A 590 16.96 -5.79 -12.75
N ASN A 591 16.73 -5.71 -11.44
CA ASN A 591 16.69 -4.44 -10.72
C ASN A 591 17.94 -4.24 -9.86
N LEU A 592 18.96 -3.60 -10.43
CA LEU A 592 20.18 -3.35 -9.67
C LEU A 592 19.93 -2.31 -8.59
N PRO A 593 20.47 -2.51 -7.38
CA PRO A 593 20.09 -1.61 -6.27
C PRO A 593 20.48 -0.17 -6.48
N TRP A 594 21.61 0.11 -7.14
CA TRP A 594 22.00 1.51 -7.31
C TRP A 594 21.01 2.25 -8.20
N GLU A 595 20.57 1.61 -9.31
CA GLU A 595 19.51 2.15 -10.16
C GLU A 595 18.26 2.48 -9.36
N LEU A 596 17.87 1.60 -8.45
CA LEU A 596 16.63 1.81 -7.72
C LEU A 596 16.78 2.89 -6.66
N ILE A 597 17.91 2.93 -5.96
CA ILE A 597 18.05 3.82 -4.81
C ILE A 597 18.39 5.26 -5.22
N TYR A 598 19.18 5.44 -6.30
CA TYR A 598 19.65 6.77 -6.72
C TYR A 598 18.75 7.44 -7.74
N ARG A 599 17.76 6.72 -8.28
CA ARG A 599 16.75 7.14 -9.25
C ARG A 599 16.23 8.59 -9.15
N ASP A 600 15.95 9.10 -7.95
CA ASP A 600 15.33 10.42 -7.84
C ASP A 600 16.32 11.58 -7.65
N PHE A 601 17.58 11.31 -7.40
CA PHE A 601 18.55 12.39 -7.30
C PHE A 601 18.78 13.02 -8.68
N ASP A 602 18.93 14.35 -8.70
CA ASP A 602 19.20 15.04 -9.96
C ASP A 602 20.68 15.24 -10.22
N TYR A 603 21.53 14.82 -9.30
CA TYR A 603 22.91 14.56 -9.64
C TYR A 603 23.28 13.21 -9.03
N ILE A 604 23.83 12.32 -9.85
CA ILE A 604 24.37 11.05 -9.40
C ILE A 604 25.82 10.97 -9.86
N PRO A 605 26.76 10.77 -8.95
CA PRO A 605 28.16 10.54 -9.37
C PRO A 605 28.29 9.41 -10.36
N ARG A 606 29.47 9.33 -10.96
CA ARG A 606 29.82 8.14 -11.72
C ARG A 606 29.88 6.94 -10.78
N LEU A 607 29.33 5.80 -11.24
CA LEU A 607 29.46 4.55 -10.51
C LEU A 607 30.51 3.70 -11.22
N VAL A 608 31.47 3.18 -10.45
CA VAL A 608 32.55 2.39 -11.03
C VAL A 608 32.73 1.09 -10.26
N PHE A 609 33.34 0.12 -10.93
CA PHE A 609 33.65 -1.17 -10.29
C PHE A 609 34.81 -1.81 -11.03
N ASP A 610 35.98 -1.86 -10.38
CA ASP A 610 37.18 -2.49 -10.91
C ASP A 610 37.47 -2.01 -12.34
N GLU A 611 37.73 -0.70 -12.42
CA GLU A 611 38.10 -0.04 -13.68
C GLU A 611 36.95 0.01 -14.69
N ILE A 612 35.84 -0.69 -14.43
CA ILE A 612 34.66 -0.58 -15.29
C ILE A 612 33.81 0.60 -14.85
N VAL A 613 33.29 1.36 -15.82
CA VAL A 613 32.34 2.42 -15.53
C VAL A 613 30.95 1.80 -15.58
N ILE A 614 30.38 1.54 -14.40
CA ILE A 614 29.06 0.93 -14.38
C ILE A 614 28.03 1.90 -14.94
N SER A 615 28.14 3.15 -14.56
CA SER A 615 27.12 4.12 -14.92
C SER A 615 27.74 5.51 -14.94
N PRO A 616 27.61 6.26 -16.03
CA PRO A 616 28.26 7.58 -16.09
C PRO A 616 27.59 8.56 -15.16
N ALA A 617 28.31 9.66 -14.88
CA ALA A 617 27.70 10.74 -14.11
C ALA A 617 26.45 11.26 -14.82
N LYS A 618 25.39 11.54 -14.03
CA LYS A 618 24.06 11.79 -14.54
C LYS A 618 23.45 13.00 -13.86
N TRP A 619 22.87 13.90 -14.64
CA TRP A 619 22.18 15.08 -14.14
C TRP A 619 20.74 15.08 -14.59
N LYS A 620 19.89 15.78 -13.83
CA LYS A 620 18.51 16.06 -14.23
C LYS A 620 18.31 17.58 -14.20
N ILE A 621 18.08 18.17 -15.38
CA ILE A 621 17.86 19.60 -15.55
C ILE A 621 16.37 19.84 -15.72
N TRP A 622 15.85 20.86 -15.05
CA TRP A 622 14.42 21.09 -14.89
C TRP A 622 13.99 22.31 -15.68
N GLY A 623 12.92 22.16 -16.47
CA GLY A 623 12.41 23.30 -17.21
C GLY A 623 12.19 24.51 -16.34
N ARG A 624 11.51 24.33 -15.21
CA ARG A 624 11.20 25.42 -14.31
C ARG A 624 12.43 26.24 -13.89
N ASP A 625 13.65 25.73 -14.08
CA ASP A 625 14.80 26.45 -13.59
C ASP A 625 15.30 27.52 -14.55
N VAL A 626 14.91 27.44 -15.83
CA VAL A 626 15.31 28.45 -16.81
C VAL A 626 14.45 29.70 -16.60
N ASN A 627 15.06 30.72 -16.01
CA ASN A 627 14.44 31.92 -15.47
C ASN A 627 14.99 33.14 -16.22
N SER A 628 14.35 34.29 -16.02
CA SER A 628 14.83 35.49 -16.69
C SER A 628 16.21 35.90 -16.18
N LYS A 629 16.50 35.64 -14.90
CA LYS A 629 17.83 35.84 -14.34
C LYS A 629 18.79 34.70 -14.65
N THR A 631 19.89 32.00 -18.02
CA THR A 631 19.63 31.29 -19.27
C THR A 631 20.02 29.82 -19.14
N ILE A 632 19.82 29.10 -20.25
CA ILE A 632 20.08 27.68 -20.30
C ILE A 632 21.56 27.39 -20.22
N ARG A 633 22.42 28.33 -20.65
CA ARG A 633 23.84 28.04 -20.71
C ARG A 633 24.57 28.35 -19.40
N GLU A 634 24.13 29.32 -18.59
CA GLU A 634 24.72 29.38 -17.25
C GLU A 634 23.95 28.52 -16.25
N LEU A 635 22.74 28.08 -16.59
CA LEU A 635 22.14 27.00 -15.81
C LEU A 635 23.01 25.76 -15.88
N ILE A 636 23.26 25.24 -17.09
CA ILE A 636 24.09 24.06 -17.16
C ILE A 636 25.51 24.36 -16.70
N GLN A 637 25.94 25.62 -16.78
CA GLN A 637 27.22 25.94 -16.16
C GLN A 637 27.11 26.06 -14.65
N SER A 638 25.99 26.54 -14.14
CA SER A 638 25.84 26.55 -12.69
C SER A 638 25.85 25.15 -12.08
N LYS A 639 25.54 24.11 -12.85
CA LYS A 639 25.58 22.73 -12.36
C LYS A 639 26.87 22.02 -12.72
N GLU A 640 27.86 22.77 -13.21
CA GLU A 640 29.19 22.24 -13.53
C GLU A 640 29.09 21.11 -14.55
N ILE A 641 28.26 21.30 -15.56
CA ILE A 641 28.15 20.32 -16.66
C ILE A 641 29.42 20.39 -17.51
N PRO A 642 30.05 19.26 -17.82
CA PRO A 642 31.23 19.28 -18.69
C PRO A 642 30.92 19.81 -20.07
N LYS A 643 31.96 20.20 -20.80
CA LYS A 643 31.71 20.91 -22.05
C LYS A 643 31.10 19.99 -23.11
N GLU A 644 31.38 18.70 -23.04
CA GLU A 644 30.75 17.70 -23.90
C GLU A 644 29.91 16.74 -23.04
N PHE A 645 28.64 16.60 -23.40
CA PHE A 645 27.73 15.74 -22.65
C PHE A 645 26.75 15.14 -23.63
N TYR A 646 26.00 14.15 -23.17
CA TYR A 646 24.85 13.64 -23.90
C TYR A 646 23.58 14.14 -23.24
N ILE A 647 22.58 14.45 -24.05
CA ILE A 647 21.21 14.52 -23.61
C ILE A 647 20.59 13.17 -23.92
N VAL A 648 19.97 12.57 -22.91
CA VAL A 648 19.40 11.24 -23.00
C VAL A 648 17.91 11.38 -23.23
N ASN A 649 17.43 10.84 -24.37
CA ASN A 649 16.03 10.93 -24.72
C ASN A 649 15.34 9.66 -24.26
N GLY A 650 15.56 8.54 -24.93
CA GLY A 650 15.11 7.31 -24.34
C GLY A 650 15.96 6.13 -24.77
N ASP A 651 15.42 5.41 -25.76
CA ASP A 651 16.20 4.48 -26.57
C ASP A 651 17.59 5.01 -26.92
N ASN A 652 17.70 6.31 -27.22
CA ASN A 652 18.93 6.86 -27.76
C ASN A 652 19.40 8.10 -26.97
N LYS A 653 20.56 8.62 -27.37
CA LYS A 653 21.16 9.81 -26.78
C LYS A 653 21.81 10.64 -27.89
N VAL A 654 21.92 11.94 -27.65
CA VAL A 654 22.38 12.89 -28.64
C VAL A 654 23.62 13.58 -28.11
N TYR A 655 24.72 13.53 -28.88
CA TYR A 655 25.97 14.17 -28.47
C TYR A 655 25.91 15.70 -28.61
N LEU A 656 26.34 16.42 -27.59
CA LEU A 656 26.38 17.88 -27.68
C LEU A 656 27.69 18.42 -27.13
N SER A 657 27.99 19.67 -27.52
CA SER A 657 29.12 20.43 -26.99
C SER A 657 28.67 21.85 -26.65
N GLN A 658 29.18 22.39 -25.54
CA GLN A 658 28.87 23.78 -25.24
C GLN A 658 29.56 24.72 -26.22
N LYS A 659 30.68 24.30 -26.81
CA LYS A 659 31.42 25.13 -27.77
C LYS A 659 30.67 25.31 -29.09
N ASN A 660 29.84 24.33 -29.47
CA ASN A 660 29.12 24.38 -30.73
C ASN A 660 27.77 25.06 -30.52
N PRO A 661 27.41 26.08 -31.30
CA PRO A 661 26.17 26.81 -31.03
C PRO A 661 24.93 26.06 -31.52
N LEU A 662 25.09 25.25 -32.57
CA LEU A 662 23.98 24.41 -32.99
C LEU A 662 23.60 23.43 -31.89
N ASP A 663 24.60 22.82 -31.24
CA ASP A 663 24.29 21.92 -30.14
C ASP A 663 23.51 22.64 -29.05
N GLU A 665 21.33 25.09 -29.53
CA GLU A 665 19.97 25.29 -30.01
C GLU A 665 19.11 24.07 -29.72
N ILE A 666 19.64 22.88 -30.03
CA ILE A 666 18.95 21.63 -29.73
C ILE A 666 18.63 21.54 -28.24
N LEU A 667 19.55 22.02 -27.39
CA LEU A 667 19.34 21.92 -25.94
C LEU A 667 18.28 22.91 -25.46
N GLU A 668 18.35 24.16 -25.94
CA GLU A 668 17.31 25.13 -25.63
C GLU A 668 15.95 24.65 -26.11
N SER A 669 15.91 24.06 -27.31
CA SER A 669 14.69 23.42 -27.76
C SER A 669 14.24 22.39 -26.75
N ALA A 670 15.13 21.45 -26.42
CA ALA A 670 14.85 20.41 -25.42
C ALA A 670 14.34 21.01 -24.11
N ILE A 671 15.00 22.06 -23.62
CA ILE A 671 14.64 22.52 -22.29
C ILE A 671 13.27 23.18 -22.30
N LYS A 672 12.89 23.82 -23.40
CA LYS A 672 11.61 24.50 -23.44
C LYS A 672 10.45 23.55 -23.67
N LYS A 673 10.68 22.41 -24.36
CA LYS A 673 9.64 21.40 -24.46
C LYS A 673 9.27 20.86 -23.08
N SER A 674 10.25 20.68 -22.19
CA SER A 674 9.97 20.08 -20.89
C SER A 674 9.40 21.09 -19.90
N SER A 675 9.84 22.34 -19.97
CA SER A 675 9.15 23.43 -19.26
C SER A 675 7.68 23.49 -19.64
N LYS A 676 7.29 22.89 -20.76
CA LYS A 676 5.89 22.84 -21.16
C LYS A 676 5.13 21.75 -20.38
N ARG A 677 5.77 20.60 -20.20
CA ARG A 677 5.17 19.51 -19.44
C ARG A 677 5.54 19.63 -17.95
N LYS A 678 6.39 20.60 -17.62
CA LYS A 678 6.80 20.80 -16.22
C LYS A 678 7.53 19.55 -15.70
N ASP A 679 8.43 19.01 -16.52
CA ASP A 679 9.39 18.01 -16.02
C ASP A 679 10.83 18.34 -16.41
N PHE A 680 11.64 17.34 -16.77
CA PHE A 680 13.08 17.52 -16.79
C PHE A 680 13.71 16.78 -17.96
N ILE A 681 14.98 17.11 -18.22
CA ILE A 681 15.81 16.39 -19.18
C ILE A 681 16.98 15.76 -18.44
N GLU A 682 17.61 14.81 -19.10
CA GLU A 682 18.66 13.99 -18.50
C GLU A 682 19.96 14.19 -19.26
N LEU A 683 20.98 14.64 -18.56
CA LEU A 683 22.31 14.77 -19.12
C LEU A 683 23.24 13.71 -18.55
N GLN A 684 24.10 13.16 -19.41
CA GLN A 684 25.18 12.28 -19.00
C GLN A 684 26.52 12.82 -19.46
N GLU A 685 27.54 12.54 -18.65
CA GLU A 685 28.92 12.88 -19.00
C GLU A 685 29.36 12.12 -20.27
N TYR A 686 30.33 12.70 -20.95
CA TYR A 686 30.85 12.21 -22.22
C TYR A 686 32.19 11.51 -22.01
N PHE A 687 32.38 10.40 -22.71
CA PHE A 687 33.66 9.69 -22.78
C PHE A 687 34.16 9.73 -24.20
N GLU A 688 35.47 9.95 -24.38
CA GLU A 688 36.05 9.93 -25.72
C GLU A 688 36.08 8.48 -26.21
N ASP A 689 35.44 8.24 -27.36
CA ASP A 689 35.10 6.88 -27.79
C ASP A 689 35.37 6.66 -29.26
N GLU A 690 36.31 7.39 -29.86
CA GLU A 690 36.40 7.41 -31.31
C GLU A 690 37.54 6.60 -31.92
N ASN A 691 38.68 6.41 -31.21
CA ASN A 691 39.88 5.86 -31.83
C ASN A 691 40.40 4.65 -31.05
N ILE A 692 39.60 3.59 -31.03
CA ILE A 692 39.99 2.36 -30.35
C ILE A 692 39.99 1.26 -31.39
N ILE A 693 38.81 0.73 -31.71
CA ILE A 693 38.68 -0.05 -32.93
C ILE A 693 38.98 0.89 -34.08
N ASN A 694 39.61 0.36 -35.14
CA ASN A 694 39.82 1.20 -36.31
C ASN A 694 39.80 0.33 -37.57
N LYS A 695 39.74 1.01 -38.72
CA LYS A 695 39.83 0.37 -40.02
C LYS A 695 40.99 0.96 -40.83
N GLY A 696 40.73 1.93 -41.70
CA GLY A 696 41.82 2.54 -42.47
C GLY A 696 42.75 3.38 -41.61
N GLU A 697 43.27 2.78 -40.53
CA GLU A 697 43.73 3.51 -39.34
C GLU A 697 42.90 4.78 -39.15
N LYS A 698 41.59 4.61 -39.20
CA LYS A 698 40.62 5.62 -38.81
C LYS A 698 39.74 4.97 -37.77
N GLY A 699 39.46 5.67 -36.68
CA GLY A 699 38.65 5.10 -35.62
C GLY A 699 37.26 4.73 -36.09
N ARG A 700 36.61 3.92 -35.28
CA ARG A 700 35.17 3.65 -35.37
C ARG A 700 34.62 3.66 -33.95
N VAL A 701 33.36 4.05 -33.82
CA VAL A 701 32.68 3.93 -32.52
C VAL A 701 32.24 2.49 -32.37
N ALA A 702 32.57 1.88 -31.22
CA ALA A 702 32.40 0.44 -31.08
C ALA A 702 31.72 0.09 -29.75
N ASP A 703 30.90 -0.97 -29.80
CA ASP A 703 30.43 -1.63 -28.58
C ASP A 703 30.41 -3.14 -28.78
N VAL A 704 30.24 -3.85 -27.65
CA VAL A 704 30.35 -5.30 -27.54
C VAL A 704 29.19 -5.86 -26.72
N VAL A 705 28.92 -7.15 -26.92
CA VAL A 705 27.86 -7.87 -26.22
C VAL A 705 28.42 -9.23 -25.83
N VAL A 706 28.85 -9.37 -24.58
CA VAL A 706 29.55 -10.57 -24.11
C VAL A 706 28.53 -11.51 -23.44
N PRO A 707 28.41 -12.77 -23.89
CA PRO A 707 27.67 -13.76 -23.10
C PRO A 707 28.57 -14.45 -22.07
N PHE A 708 27.93 -14.95 -21.01
CA PHE A 708 28.60 -15.58 -19.88
C PHE A 708 27.87 -16.87 -19.50
N ILE A 709 28.61 -17.88 -19.03
CA ILE A 709 28.02 -19.18 -18.58
C ILE A 709 28.63 -19.71 -17.27
N ARG A 719 12.59 -34.51 -10.39
CA ARG A 719 11.63 -34.23 -9.33
C ARG A 719 10.45 -35.19 -9.48
N ALA A 720 9.44 -35.06 -8.63
CA ALA A 720 8.25 -35.93 -8.66
C ALA A 720 6.98 -35.06 -8.70
N PHE A 721 6.68 -34.52 -9.89
CA PHE A 721 5.56 -33.59 -10.09
C PHE A 721 4.23 -34.36 -10.01
N ILE A 722 3.52 -34.26 -8.88
CA ILE A 722 2.17 -34.85 -8.78
C ILE A 722 1.15 -33.95 -9.50
N ARG A 723 0.26 -33.30 -8.73
CA ARG A 723 -0.65 -32.24 -9.17
C ARG A 723 -1.70 -32.67 -10.19
N GLU A 724 -2.94 -32.19 -10.03
CA GLU A 724 -4.07 -32.65 -10.82
C GLU A 724 -4.75 -31.50 -11.54
N LYS A 725 -5.21 -31.76 -12.76
CA LYS A 725 -5.96 -30.76 -13.53
C LYS A 725 -7.15 -30.24 -12.73
N ARG A 726 -7.25 -28.92 -12.65
CA ARG A 726 -8.33 -28.28 -11.89
C ARG A 726 -9.71 -28.71 -12.33
N VAL A 727 -10.61 -28.86 -11.36
CA VAL A 727 -11.99 -29.25 -11.60
C VAL A 727 -12.85 -28.03 -11.90
N SER A 728 -13.80 -28.19 -12.83
CA SER A 728 -14.64 -27.09 -13.28
C SER A 728 -15.47 -26.54 -12.13
N VAL A 729 -15.88 -25.27 -12.28
CA VAL A 729 -16.73 -24.65 -11.25
C VAL A 729 -18.08 -25.36 -11.20
N GLU A 730 -18.55 -25.87 -12.34
CA GLU A 730 -19.83 -26.56 -12.33
C GLU A 730 -19.80 -27.76 -11.40
N ARG A 731 -18.66 -28.45 -11.33
CA ARG A 731 -18.57 -29.62 -10.47
C ARG A 731 -18.12 -29.30 -9.04
N ARG A 732 -17.31 -28.27 -8.84
CA ARG A 732 -16.82 -27.99 -7.49
C ARG A 732 -17.72 -27.04 -6.72
N GLU A 733 -18.42 -26.11 -7.37
CA GLU A 733 -19.22 -25.13 -6.65
C GLU A 733 -20.52 -25.76 -6.18
N LYS A 734 -20.83 -25.59 -4.91
CA LYS A 734 -22.07 -26.05 -4.31
C LYS A 734 -22.92 -24.80 -4.02
N LEU A 735 -24.00 -24.62 -4.78
CA LEU A 735 -24.81 -23.40 -4.76
C LEU A 735 -25.70 -23.33 -3.52
N PRO A 736 -26.00 -22.12 -3.04
CA PRO A 736 -26.78 -22.00 -1.80
C PRO A 736 -28.12 -22.70 -1.94
N PHE A 737 -28.42 -23.52 -0.95
CA PHE A 737 -29.69 -24.21 -0.74
C PHE A 737 -29.90 -25.38 -1.67
N ASN A 738 -28.88 -25.81 -2.42
CA ASN A 738 -29.02 -27.06 -3.14
C ASN A 738 -28.64 -28.22 -2.22
N GLU A 739 -27.36 -28.60 -2.19
CA GLU A 739 -26.96 -29.66 -1.30
C GLU A 739 -26.48 -29.13 0.04
N TRP A 740 -25.80 -27.97 0.04
CA TRP A 740 -25.23 -27.35 1.23
C TRP A 740 -25.81 -25.95 1.45
N LEU A 741 -25.74 -25.50 2.70
CA LEU A 741 -25.96 -24.10 3.03
C LEU A 741 -24.74 -23.60 3.79
N TYR A 742 -24.21 -22.45 3.37
CA TYR A 742 -22.90 -21.98 3.83
C TYR A 742 -23.01 -20.53 4.27
N LEU A 743 -22.80 -20.29 5.56
CA LEU A 743 -22.89 -18.96 6.13
C LEU A 743 -21.54 -18.51 6.65
N LYS A 744 -21.19 -17.23 6.38
CA LYS A 744 -20.05 -16.54 6.98
C LYS A 744 -20.56 -15.69 8.14
N LEU A 745 -20.22 -16.03 9.38
CA LEU A 745 -20.72 -15.30 10.55
C LEU A 745 -19.61 -14.37 11.03
N TYR A 746 -19.81 -13.07 10.90
CA TYR A 746 -18.75 -12.11 11.19
C TYR A 746 -18.77 -11.81 12.69
N ILE A 747 -17.85 -12.50 13.40
CA ILE A 747 -17.70 -12.48 14.84
C ILE A 747 -16.24 -12.22 15.15
N SER A 748 -15.98 -11.35 16.12
CA SER A 748 -14.60 -11.00 16.45
C SER A 748 -13.85 -12.18 17.07
N ILE A 749 -12.52 -12.13 16.99
CA ILE A 749 -11.67 -13.21 17.47
C ILE A 749 -11.91 -13.48 18.96
N ASN A 750 -11.99 -12.41 19.75
CA ASN A 750 -12.21 -12.53 21.17
C ASN A 750 -13.56 -13.12 21.52
N ARG A 751 -14.47 -13.21 20.58
CA ARG A 751 -15.78 -13.72 20.91
C ARG A 751 -16.16 -14.97 20.14
N GLN A 752 -15.29 -15.48 19.26
CA GLN A 752 -15.62 -16.70 18.55
C GLN A 752 -15.73 -17.88 19.52
N ASN A 753 -14.81 -17.99 20.46
CA ASN A 753 -14.93 -19.08 21.43
C ASN A 753 -16.26 -19.00 22.17
N GLU A 754 -16.67 -17.80 22.58
CA GLU A 754 -17.95 -17.70 23.26
C GLU A 754 -19.11 -18.09 22.35
N PHE A 755 -19.03 -17.73 21.07
CA PHE A 755 -20.07 -18.17 20.13
C PHE A 755 -20.05 -19.69 19.98
N LEU A 756 -18.86 -20.30 19.96
CA LEU A 756 -18.78 -21.74 19.79
C LEU A 756 -19.33 -22.49 21.00
N LEU A 757 -19.23 -21.90 22.20
CA LEU A 757 -19.81 -22.48 23.41
C LEU A 757 -21.32 -22.33 23.46
N SER A 758 -21.81 -21.11 23.32
CA SER A 758 -23.16 -20.77 23.78
C SER A 758 -24.17 -20.66 22.66
N TYR A 759 -23.76 -20.71 21.40
CA TYR A 759 -24.71 -20.58 20.30
C TYR A 759 -24.63 -21.73 19.33
N LEU A 760 -23.42 -22.17 18.99
CA LEU A 760 -23.28 -23.25 18.02
C LEU A 760 -24.03 -24.50 18.45
N PRO A 761 -23.95 -24.98 19.71
CA PRO A 761 -24.68 -26.21 20.05
C PRO A 761 -26.21 -26.11 19.91
N ASP A 762 -26.80 -24.93 20.08
CA ASP A 762 -28.20 -24.79 19.70
C ASP A 762 -28.39 -24.95 18.19
N ILE A 763 -27.39 -24.55 17.39
CA ILE A 763 -27.52 -24.73 15.95
C ILE A 763 -27.32 -26.19 15.56
N GLN A 764 -26.37 -26.85 16.22
CA GLN A 764 -26.15 -28.27 15.97
C GLN A 764 -27.36 -29.10 16.37
N LYS A 765 -27.95 -28.79 17.53
CA LYS A 765 -29.19 -29.46 17.93
C LYS A 765 -30.27 -29.32 16.87
N ILE A 766 -30.44 -28.11 16.32
CA ILE A 766 -31.47 -27.90 15.31
C ILE A 766 -31.19 -28.76 14.08
N VAL A 767 -29.98 -28.67 13.54
CA VAL A 767 -29.71 -29.40 12.30
C VAL A 767 -29.79 -30.90 12.53
N ALA A 768 -29.53 -31.36 13.75
CA ALA A 768 -29.67 -32.78 14.06
C ALA A 768 -31.11 -33.25 13.88
N ASN A 769 -32.07 -32.55 14.49
CA ASN A 769 -33.47 -32.93 14.39
C ASN A 769 -33.88 -33.06 12.94
N LEU A 770 -33.30 -32.25 12.08
CA LEU A 770 -33.56 -32.29 10.64
C LEU A 770 -32.66 -33.25 9.91
N GLY A 771 -31.94 -34.12 10.62
CA GLY A 771 -31.20 -35.21 10.02
C GLY A 771 -29.92 -34.84 9.31
N GLY A 772 -29.37 -33.65 9.56
CA GLY A 772 -28.25 -33.14 8.83
C GLY A 772 -26.97 -33.14 9.65
N ASN A 773 -26.04 -32.29 9.23
CA ASN A 773 -24.73 -32.28 9.85
C ASN A 773 -23.98 -31.05 9.36
N LEU A 774 -23.12 -30.51 10.22
CA LEU A 774 -22.44 -29.27 9.90
C LEU A 774 -20.98 -29.34 10.34
N PHE A 775 -20.15 -28.50 9.73
CA PHE A 775 -18.78 -28.29 10.16
C PHE A 775 -18.43 -26.81 10.01
N PHE A 776 -17.52 -26.33 10.85
CA PHE A 776 -17.17 -24.91 10.80
C PHE A 776 -15.65 -24.72 10.67
N LEU A 777 -15.29 -23.47 10.39
CA LEU A 777 -13.89 -23.09 10.24
C LEU A 777 -13.77 -21.64 10.67
N ARG A 778 -12.59 -21.25 11.12
CA ARG A 778 -12.33 -19.86 11.41
C ARG A 778 -11.51 -19.29 10.29
N TYR A 779 -11.88 -18.09 9.83
CA TYR A 779 -11.17 -17.40 8.76
C TYR A 779 -11.25 -15.90 8.98
N THR A 780 -10.11 -15.25 8.86
CA THR A 780 -10.08 -13.81 8.70
C THR A 780 -10.24 -13.50 7.22
N ASP A 781 -9.74 -12.35 6.78
CA ASP A 781 -9.74 -11.98 5.36
C ASP A 781 -11.06 -12.30 4.62
N PRO A 782 -11.91 -11.28 4.44
CA PRO A 782 -11.64 -9.91 4.89
C PRO A 782 -11.57 -9.81 6.41
N LYS A 783 -12.70 -9.50 7.03
CA LYS A 783 -12.75 -9.39 8.48
C LYS A 783 -12.94 -10.78 9.09
N PRO A 784 -12.68 -10.97 10.40
CA PRO A 784 -12.78 -12.33 10.99
C PRO A 784 -14.21 -12.85 11.03
N HIS A 785 -14.35 -14.16 10.84
CA HIS A 785 -15.69 -14.74 10.75
C HIS A 785 -15.58 -16.24 10.91
N ILE A 786 -16.71 -16.88 11.12
CA ILE A 786 -16.79 -18.33 11.15
C ILE A 786 -17.58 -18.78 9.91
N ARG A 787 -17.03 -19.77 9.21
CA ARG A 787 -17.69 -20.36 8.03
C ARG A 787 -18.47 -21.56 8.54
N LEU A 788 -19.77 -21.49 8.40
CA LEU A 788 -20.67 -22.50 8.90
C LEU A 788 -21.20 -23.20 7.67
N ARG A 789 -21.03 -24.50 7.59
CA ARG A 789 -21.49 -25.21 6.41
C ARG A 789 -22.41 -26.33 6.86
N ILE A 790 -23.66 -26.27 6.41
CA ILE A 790 -24.71 -27.19 6.82
C ILE A 790 -25.14 -28.01 5.61
N LYS A 791 -25.24 -29.31 5.82
CA LYS A 791 -25.64 -30.28 4.81
C LYS A 791 -26.82 -31.00 5.42
N CYS A 792 -27.92 -31.05 4.69
CA CYS A 792 -29.22 -31.31 5.29
C CYS A 792 -30.25 -31.26 4.17
N SER A 793 -31.41 -31.89 4.38
CA SER A 793 -32.30 -32.15 3.23
C SER A 793 -33.39 -31.10 3.02
N ASP A 794 -33.75 -30.33 4.04
CA ASP A 794 -34.69 -29.19 3.90
C ASP A 794 -33.93 -27.96 4.40
N LEU A 795 -33.12 -27.39 3.51
CA LEU A 795 -32.23 -26.34 3.95
C LEU A 795 -32.96 -25.03 4.21
N PHE A 796 -34.02 -24.71 3.46
CA PHE A 796 -34.74 -23.48 3.78
C PHE A 796 -35.31 -23.56 5.18
N LEU A 797 -35.77 -24.75 5.59
CA LEU A 797 -36.32 -24.90 6.94
C LEU A 797 -35.24 -24.81 8.01
N ALA A 798 -34.03 -25.29 7.73
CA ALA A 798 -32.96 -25.16 8.71
C ALA A 798 -32.47 -23.73 8.82
N TYR A 799 -32.40 -23.01 7.69
CA TYR A 799 -32.09 -21.58 7.73
C TYR A 799 -33.09 -20.87 8.62
N GLY A 800 -34.37 -21.09 8.38
CA GLY A 800 -35.40 -20.48 9.22
C GLY A 800 -35.15 -20.70 10.70
N SER A 801 -34.85 -21.95 11.08
CA SER A 801 -34.79 -22.28 12.50
C SER A 801 -33.55 -21.70 13.17
N ILE A 802 -32.43 -21.64 12.48
CA ILE A 802 -31.25 -21.09 13.13
C ILE A 802 -31.24 -19.58 13.04
N LEU A 803 -32.08 -18.98 12.17
CA LEU A 803 -32.14 -17.53 12.08
C LEU A 803 -32.55 -16.92 13.41
N GLU A 804 -33.24 -17.67 14.25
CA GLU A 804 -33.58 -17.14 15.57
C GLU A 804 -32.35 -17.07 16.47
N ILE A 805 -31.46 -18.05 16.34
CA ILE A 805 -30.25 -18.06 17.17
C ILE A 805 -29.29 -16.98 16.71
N LEU A 806 -29.24 -16.74 15.40
CA LEU A 806 -28.38 -15.69 14.88
C LEU A 806 -28.87 -14.31 15.30
N LYS A 807 -30.19 -14.07 15.25
CA LYS A 807 -30.72 -12.80 15.73
C LYS A 807 -30.34 -12.59 17.18
N ARG A 808 -30.38 -13.66 17.98
CA ARG A 808 -29.98 -13.57 19.39
C ARG A 808 -28.51 -13.12 19.51
N SER A 809 -27.66 -13.57 18.59
CA SER A 809 -26.26 -13.18 18.66
C SER A 809 -26.01 -11.79 18.08
N ARG A 810 -26.91 -11.30 17.21
CA ARG A 810 -26.84 -9.90 16.82
C ARG A 810 -27.21 -8.99 17.99
N LYS A 811 -28.31 -9.33 18.68
CA LYS A 811 -28.73 -8.55 19.84
C LYS A 811 -27.61 -8.44 20.87
N ASN A 812 -26.99 -9.57 21.20
CA ASN A 812 -25.95 -9.54 22.23
C ASN A 812 -24.62 -9.00 21.72
N ARG A 813 -24.56 -8.61 20.43
CA ARG A 813 -23.39 -7.98 19.83
C ARG A 813 -22.18 -8.94 19.75
N ILE A 814 -22.45 -10.20 19.41
CA ILE A 814 -21.40 -11.17 19.13
C ILE A 814 -21.20 -11.38 17.64
N SER A 816 -22.13 -9.50 13.84
CA SER A 816 -22.67 -8.32 13.20
C SER A 816 -23.46 -8.66 11.94
N THR A 817 -22.84 -9.36 11.01
CA THR A 817 -23.53 -9.71 9.79
C THR A 817 -23.20 -11.13 9.40
N PHE A 818 -23.97 -11.63 8.46
CA PHE A 818 -23.60 -12.87 7.80
C PHE A 818 -23.92 -12.71 6.34
N ASP A 819 -23.23 -13.52 5.55
CA ASP A 819 -23.57 -13.70 4.15
C ASP A 819 -23.85 -15.18 3.96
N ILE A 820 -24.59 -15.48 2.91
CA ILE A 820 -24.75 -16.84 2.44
C ILE A 820 -23.92 -16.92 1.17
N SER A 821 -23.01 -17.89 1.12
CA SER A 821 -22.02 -17.94 0.07
C SER A 821 -22.03 -19.29 -0.61
N ILE A 822 -21.36 -19.34 -1.77
CA ILE A 822 -21.12 -20.58 -2.50
C ILE A 822 -19.98 -21.34 -1.83
N TYR A 823 -20.22 -22.61 -1.54
CA TYR A 823 -19.22 -23.51 -0.96
C TYR A 823 -18.36 -24.06 -2.09
N ASP A 824 -17.10 -23.61 -2.16
CA ASP A 824 -16.18 -24.07 -3.19
C ASP A 824 -15.40 -25.25 -2.62
N GLN A 825 -15.77 -26.47 -3.01
CA GLN A 825 -15.15 -27.66 -2.45
C GLN A 825 -13.68 -27.79 -2.88
N GLU A 826 -12.84 -28.26 -1.96
CA GLU A 826 -11.43 -28.50 -2.24
C GLU A 826 -11.21 -29.94 -2.72
N VAL A 827 -11.75 -30.26 -3.89
CA VAL A 827 -11.75 -31.65 -4.37
C VAL A 827 -10.32 -32.17 -4.50
N GLU A 828 -9.43 -31.39 -5.11
CA GLU A 828 -8.08 -31.88 -5.36
C GLU A 828 -7.29 -32.10 -4.06
N ARG A 829 -7.43 -31.20 -3.10
CA ARG A 829 -6.70 -31.33 -1.84
C ARG A 829 -7.11 -32.59 -1.07
N TYR A 830 -8.40 -32.90 -1.05
CA TYR A 830 -8.83 -34.05 -0.26
C TYR A 830 -9.06 -35.29 -1.11
N GLY A 831 -8.61 -35.30 -2.36
CA GLY A 831 -8.35 -36.54 -3.06
C GLY A 831 -9.38 -36.99 -4.06
N GLY A 832 -10.25 -36.11 -4.50
CA GLY A 832 -11.37 -36.53 -5.30
C GLY A 832 -12.66 -36.48 -4.50
N PHE A 833 -13.77 -36.38 -5.23
CA PHE A 833 -15.03 -36.14 -4.56
C PHE A 833 -15.39 -37.21 -3.55
N ASP A 834 -14.86 -38.43 -3.70
CA ASP A 834 -15.17 -39.52 -2.77
C ASP A 834 -14.45 -39.30 -1.43
N THR A 835 -13.12 -39.26 -1.46
CA THR A 835 -12.38 -38.97 -0.25
C THR A 835 -12.67 -37.57 0.29
N LEU A 836 -13.15 -36.65 -0.54
CA LEU A 836 -13.58 -35.35 -0.02
C LEU A 836 -14.77 -35.52 0.93
N GLU A 837 -15.81 -36.21 0.45
CA GLU A 837 -17.00 -36.40 1.25
C GLU A 837 -16.67 -37.10 2.56
N LEU A 838 -15.76 -38.09 2.52
CA LEU A 838 -15.32 -38.72 3.76
C LEU A 838 -14.54 -37.75 4.63
N SER A 839 -13.75 -36.85 4.01
CA SER A 839 -13.13 -35.78 4.79
C SER A 839 -14.19 -34.90 5.45
N GLU A 840 -15.28 -34.61 4.72
CA GLU A 840 -16.29 -33.71 5.29
C GLU A 840 -16.97 -34.35 6.50
N ALA A 841 -17.16 -35.66 6.47
CA ALA A 841 -17.66 -36.36 7.65
C ALA A 841 -16.68 -36.23 8.81
N ILE A 842 -15.38 -36.24 8.53
CA ILE A 842 -14.41 -35.98 9.59
C ILE A 842 -14.55 -34.55 10.11
N PHE A 843 -14.66 -33.57 9.20
CA PHE A 843 -14.90 -32.18 9.59
C PHE A 843 -16.09 -32.07 10.56
N CYS A 844 -17.24 -32.63 10.18
CA CYS A 844 -18.46 -32.51 11.00
C CYS A 844 -18.31 -33.21 12.34
N ALA A 845 -17.60 -34.34 12.36
CA ALA A 845 -17.39 -35.02 13.63
C ALA A 845 -16.45 -34.21 14.52
N ASP A 846 -15.37 -33.68 13.94
CA ASP A 846 -14.50 -32.80 14.70
C ASP A 846 -15.26 -31.61 15.25
N SER A 847 -16.22 -31.08 14.48
CA SER A 847 -16.95 -29.89 14.91
C SER A 847 -17.91 -30.19 16.06
N LYS A 848 -18.43 -31.42 16.15
CA LYS A 848 -19.31 -31.78 17.25
C LYS A 848 -18.57 -31.78 18.59
N ILE A 849 -17.31 -32.20 18.61
CA ILE A 849 -16.60 -32.29 19.88
C ILE A 849 -16.11 -30.95 20.38
N ILE A 850 -15.93 -29.95 19.50
CA ILE A 850 -15.20 -28.74 19.90
C ILE A 850 -15.86 -28.00 21.04
N PRO A 851 -17.18 -27.70 21.02
CA PRO A 851 -17.76 -26.97 22.16
C PRO A 851 -17.51 -27.65 23.50
N ASN A 852 -17.40 -29.00 23.52
CA ASN A 852 -17.11 -29.71 24.77
C ASN A 852 -15.65 -29.53 25.18
N LEU A 853 -14.72 -29.60 24.24
CA LEU A 853 -13.33 -29.32 24.58
C LEU A 853 -13.19 -27.90 25.11
N LEU A 854 -13.84 -26.93 24.47
CA LEU A 854 -13.77 -25.56 24.97
C LEU A 854 -14.30 -25.48 26.39
N THR A 855 -15.42 -26.17 26.70
CA THR A 855 -15.94 -26.14 28.07
C THR A 855 -14.98 -26.79 29.06
N LEU A 856 -14.24 -27.83 28.66
CA LEU A 856 -13.21 -28.37 29.56
C LEU A 856 -12.06 -27.38 29.73
N ILE A 857 -11.65 -26.72 28.65
CA ILE A 857 -10.57 -25.76 28.76
C ILE A 857 -11.00 -24.60 29.66
N LYS A 858 -12.28 -24.19 29.58
CA LYS A 858 -12.81 -23.03 30.32
C LYS A 858 -13.02 -23.33 31.80
N ASP A 859 -13.53 -24.51 32.14
CA ASP A 859 -13.71 -24.87 33.54
C ASP A 859 -12.36 -25.02 34.22
N THR A 860 -12.31 -24.53 35.47
CA THR A 860 -11.10 -24.48 36.29
C THR A 860 -11.05 -25.56 37.35
N ASN A 861 -12.20 -26.15 37.68
CA ASN A 861 -12.26 -27.40 38.45
C ASN A 861 -11.47 -28.53 37.80
N ASN A 862 -11.07 -28.32 36.57
CA ASN A 862 -10.36 -29.28 35.77
C ASN A 862 -8.89 -29.28 35.94
N ASP A 863 -8.34 -28.11 35.70
CA ASP A 863 -6.90 -27.83 35.61
C ASP A 863 -6.22 -28.48 34.39
N TRP A 864 -6.96 -28.76 33.33
CA TRP A 864 -6.42 -28.96 31.99
C TRP A 864 -6.73 -27.72 31.18
N LYS A 865 -5.75 -27.22 30.42
CA LYS A 865 -5.88 -25.98 29.67
C LYS A 865 -5.60 -26.23 28.19
N VAL A 866 -5.68 -25.17 27.37
CA VAL A 866 -5.90 -25.34 25.94
C VAL A 866 -4.78 -26.12 25.26
N ASP A 867 -3.55 -25.98 25.75
CA ASP A 867 -2.49 -26.72 25.07
C ASP A 867 -2.53 -28.20 25.42
N ASP A 868 -3.01 -28.55 26.62
CA ASP A 868 -3.13 -29.96 26.94
C ASP A 868 -4.14 -30.66 26.05
N VAL A 869 -5.31 -30.04 25.83
CA VAL A 869 -6.32 -30.63 24.95
C VAL A 869 -5.79 -30.76 23.53
N SER A 870 -4.92 -29.84 23.11
CA SER A 870 -4.53 -29.80 21.72
C SER A 870 -3.58 -30.94 21.39
N ILE A 871 -2.58 -31.18 22.24
CA ILE A 871 -1.67 -32.30 21.99
C ILE A 871 -2.42 -33.61 22.12
N LEU A 872 -3.36 -33.66 23.06
CA LEU A 872 -4.14 -34.87 23.26
C LEU A 872 -4.96 -35.21 22.03
N VAL A 873 -5.88 -34.33 21.65
CA VAL A 873 -6.66 -34.58 20.46
C VAL A 873 -5.76 -34.91 19.28
N ASN A 874 -4.68 -34.13 19.09
CA ASN A 874 -3.77 -34.44 17.99
C ASN A 874 -3.21 -35.85 18.12
N TYR A 875 -2.88 -36.24 19.35
CA TYR A 875 -2.44 -37.61 19.65
C TYR A 875 -3.49 -38.64 19.23
N LEU A 876 -4.77 -38.37 19.51
CA LEU A 876 -5.78 -39.37 19.18
C LEU A 876 -5.97 -39.49 17.68
N TYR A 877 -5.90 -38.38 16.94
CA TYR A 877 -5.99 -38.43 15.48
C TYR A 877 -4.95 -39.40 14.93
N LEU A 878 -3.68 -39.18 15.29
CA LEU A 878 -2.63 -40.02 14.76
C LEU A 878 -2.82 -41.48 15.17
N LYS A 879 -3.29 -41.71 16.40
CA LYS A 879 -3.60 -43.07 16.82
C LYS A 879 -4.73 -43.67 15.99
N CYS A 880 -5.66 -42.85 15.52
CA CYS A 880 -6.71 -43.40 14.68
C CYS A 880 -6.17 -43.74 13.30
N PHE A 881 -5.64 -42.74 12.60
CA PHE A 881 -5.26 -42.91 11.20
C PHE A 881 -4.32 -44.10 11.00
N PHE A 882 -3.44 -44.36 11.97
CA PHE A 882 -2.45 -45.43 11.86
C PHE A 882 -2.78 -46.64 12.74
N GLN A 883 -3.99 -46.70 13.30
CA GLN A 883 -4.48 -47.86 14.05
C GLN A 883 -3.54 -48.27 15.20
N ASN A 884 -3.14 -47.28 16.00
CA ASN A 884 -2.31 -47.47 17.20
C ASN A 884 -0.94 -48.06 16.90
N ASP A 885 -0.43 -47.90 15.68
CA ASP A 885 0.87 -48.44 15.29
C ASP A 885 1.89 -47.31 15.42
N ASN A 886 2.55 -47.23 16.57
CA ASN A 886 3.39 -46.07 16.88
C ASN A 886 4.55 -45.90 15.90
N LYS A 887 5.03 -46.99 15.29
CA LYS A 887 6.19 -46.80 14.43
C LYS A 887 5.80 -46.07 13.16
N LYS A 888 4.61 -46.39 12.60
CA LYS A 888 4.10 -45.63 11.45
C LYS A 888 3.85 -44.17 11.83
N ILE A 889 3.34 -43.93 13.03
CA ILE A 889 3.06 -42.57 13.46
C ILE A 889 4.32 -41.75 13.40
N LEU A 890 5.42 -42.27 13.96
CA LEU A 890 6.66 -41.51 13.91
C LEU A 890 7.22 -41.42 12.50
N ASN A 891 6.94 -42.41 11.65
CA ASN A 891 7.23 -42.25 10.23
C ASN A 891 6.66 -40.94 9.73
N PHE A 892 5.35 -40.77 9.93
CA PHE A 892 4.70 -39.54 9.47
C PHE A 892 5.33 -38.32 10.15
N LEU A 893 5.53 -38.39 11.47
CA LEU A 893 5.97 -37.22 12.23
C LEU A 893 7.39 -36.78 11.84
N ASN A 894 8.29 -37.71 11.53
CA ASN A 894 9.66 -37.29 11.23
C ASN A 894 9.68 -36.31 10.07
N LEU A 895 8.73 -36.45 9.14
CA LEU A 895 8.76 -35.75 7.86
C LEU A 895 8.05 -34.40 7.90
N VAL A 896 7.62 -33.93 9.07
CA VAL A 896 6.90 -32.66 9.15
C VAL A 896 7.60 -31.70 10.12
N GLY A 922 -7.03 -37.60 31.48
CA GLY A 922 -7.43 -37.14 30.16
C GLY A 922 -8.07 -38.26 29.35
N ASP A 923 -8.67 -39.20 30.08
CA ASP A 923 -9.19 -40.43 29.47
C ASP A 923 -10.61 -40.31 28.95
N GLN A 924 -11.38 -39.27 29.33
CA GLN A 924 -12.81 -39.29 29.06
C GLN A 924 -13.17 -38.74 27.68
N ILE A 925 -12.28 -38.02 27.00
CA ILE A 925 -12.54 -37.68 25.60
C ILE A 925 -12.55 -38.95 24.75
N PHE A 926 -11.75 -39.94 25.13
CA PHE A 926 -11.73 -41.17 24.34
C PHE A 926 -13.05 -41.94 24.50
N TYR A 927 -13.54 -42.07 25.73
CA TYR A 927 -14.85 -42.72 25.87
C TYR A 927 -16.01 -41.79 25.57
N ASP A 928 -15.73 -40.58 25.07
CA ASP A 928 -16.78 -39.67 24.65
C ASP A 928 -17.48 -40.23 23.41
N LYS A 929 -18.80 -40.03 23.34
CA LYS A 929 -19.55 -40.57 22.21
C LYS A 929 -19.24 -39.80 20.92
N ASN A 930 -19.02 -38.48 21.03
CA ASN A 930 -18.65 -37.71 19.85
C ASN A 930 -17.32 -38.17 19.26
N PHE A 931 -16.38 -38.56 20.14
CA PHE A 931 -15.07 -38.95 19.67
C PHE A 931 -15.11 -40.33 19.03
N LYS A 932 -15.89 -41.25 19.61
CA LYS A 932 -16.15 -42.52 18.96
C LYS A 932 -16.70 -42.31 17.54
N GLU A 933 -17.60 -41.34 17.37
CA GLU A 933 -18.13 -41.02 16.04
C GLU A 933 -17.03 -40.48 15.12
N LEU A 934 -16.17 -39.60 15.64
CA LEU A 934 -15.03 -39.15 14.85
C LEU A 934 -14.15 -40.34 14.45
N LYS A 935 -13.93 -41.28 15.39
CA LYS A 935 -13.04 -42.41 15.12
C LYS A 935 -13.57 -43.31 14.00
N HIS A 936 -14.90 -43.46 13.89
CA HIS A 936 -15.47 -44.14 12.73
C HIS A 936 -15.22 -43.35 11.46
N ALA A 937 -15.38 -42.01 11.54
CA ALA A 937 -15.21 -41.16 10.36
C ALA A 937 -13.79 -41.29 9.82
N ILE A 938 -12.84 -41.51 10.72
CA ILE A 938 -11.46 -41.62 10.30
C ILE A 938 -11.20 -42.98 9.70
N LYS A 939 -11.66 -44.04 10.38
CA LYS A 939 -11.50 -45.40 9.85
C LYS A 939 -12.05 -45.47 8.43
N ASN A 940 -13.18 -44.80 8.18
CA ASN A 940 -13.84 -44.88 6.88
C ASN A 940 -13.07 -44.13 5.80
N LEU A 941 -12.45 -42.99 6.15
CA LEU A 941 -11.59 -42.32 5.18
C LEU A 941 -10.33 -43.14 4.93
N PHE A 942 -9.76 -43.70 5.99
CA PHE A 942 -8.56 -44.52 5.87
C PHE A 942 -8.80 -45.71 4.97
N LEU A 943 -9.97 -46.34 5.09
CA LEU A 943 -10.27 -47.48 4.25
C LEU A 943 -10.34 -47.09 2.77
N LYS A 944 -11.11 -46.04 2.43
CA LYS A 944 -11.25 -45.67 1.03
C LYS A 944 -9.93 -45.26 0.40
N ILE A 946 -7.07 -46.64 1.17
CA ILE A 946 -6.44 -47.92 0.90
C ILE A 946 -7.06 -48.56 -0.34
N ALA A 947 -8.39 -48.49 -0.45
CA ALA A 947 -9.10 -49.09 -1.57
C ALA A 947 -8.62 -48.54 -2.91
N GLN A 948 -8.39 -47.23 -2.98
CA GLN A 948 -7.99 -46.58 -4.22
C GLN A 948 -6.49 -46.33 -4.32
N ASP A 949 -5.69 -47.03 -3.51
CA ASP A 949 -4.27 -47.19 -3.80
C ASP A 949 -3.54 -45.86 -3.81
N PHE A 950 -4.04 -44.88 -3.06
CA PHE A 950 -3.38 -43.58 -2.93
C PHE A 950 -1.89 -43.79 -2.64
N GLU A 951 -1.04 -43.14 -3.44
CA GLU A 951 0.40 -43.12 -3.13
C GLU A 951 0.57 -42.60 -1.70
N LEU A 952 1.67 -42.92 -1.02
CA LEU A 952 1.67 -42.63 0.41
C LEU A 952 1.85 -41.15 0.73
N GLN A 953 2.56 -40.38 -0.10
CA GLN A 953 2.62 -38.95 0.22
C GLN A 953 1.27 -38.27 -0.02
N LYS A 954 0.39 -38.86 -0.84
CA LYS A 954 -0.97 -38.34 -0.93
C LYS A 954 -1.69 -38.49 0.42
N VAL A 955 -1.44 -39.61 1.10
CA VAL A 955 -2.05 -39.85 2.41
C VAL A 955 -1.41 -38.96 3.47
N TYR A 956 -0.11 -38.70 3.37
CA TYR A 956 0.54 -37.84 4.35
C TYR A 956 0.08 -36.40 4.20
N SER A 957 -0.13 -35.93 2.98
CA SER A 957 -0.61 -34.56 2.82
C SER A 957 -2.05 -34.43 3.32
N ILE A 958 -2.87 -35.46 3.11
CA ILE A 958 -4.29 -35.37 3.47
C ILE A 958 -4.50 -35.44 4.97
N ILE A 959 -3.70 -36.23 5.67
CA ILE A 959 -3.81 -36.27 7.12
C ILE A 959 -3.29 -34.96 7.71
N ASP A 960 -2.22 -34.42 7.14
CA ASP A 960 -1.73 -33.10 7.55
C ASP A 960 -2.81 -32.03 7.37
N SER A 961 -3.61 -32.15 6.31
CA SER A 961 -4.67 -31.16 6.10
C SER A 961 -5.78 -31.32 7.12
N ILE A 962 -6.20 -32.56 7.38
CA ILE A 962 -7.31 -32.80 8.31
C ILE A 962 -6.91 -32.40 9.73
N ILE A 963 -5.68 -32.69 10.12
CA ILE A 963 -5.20 -32.20 11.40
C ILE A 963 -5.06 -30.67 11.40
N HIS A 964 -4.79 -30.08 10.23
CA HIS A 964 -4.62 -28.64 10.15
C HIS A 964 -5.91 -27.90 10.46
N VAL A 965 -7.03 -28.40 9.93
CA VAL A 965 -8.30 -27.74 10.14
C VAL A 965 -8.93 -28.08 11.47
N HIS A 966 -8.61 -29.22 12.08
CA HIS A 966 -8.91 -29.39 13.49
C HIS A 966 -8.29 -28.25 14.32
N ASN A 967 -6.98 -28.01 14.13
CA ASN A 967 -6.31 -26.98 14.90
C ASN A 967 -6.94 -25.61 14.65
N ASN A 968 -7.23 -25.31 13.39
CA ASN A 968 -8.02 -24.12 13.09
C ASN A 968 -9.24 -24.06 13.98
N ARG A 969 -10.00 -25.15 14.03
CA ARG A 969 -11.24 -25.13 14.79
C ARG A 969 -11.00 -24.92 16.29
N LEU A 970 -10.02 -25.61 16.86
CA LEU A 970 -9.88 -25.60 18.31
C LEU A 970 -9.21 -24.32 18.79
N ILE A 971 -8.08 -23.94 18.17
CA ILE A 971 -7.30 -22.79 18.61
C ILE A 971 -7.26 -21.73 17.50
N GLY A 972 -6.17 -21.00 17.39
CA GLY A 972 -6.16 -19.89 16.44
C GLY A 972 -5.96 -20.30 14.98
N ILE A 973 -6.29 -19.35 14.10
CA ILE A 973 -5.82 -19.34 12.70
C ILE A 973 -4.33 -19.02 12.74
N GLU A 974 -3.49 -19.98 13.14
CA GLU A 974 -2.13 -19.62 13.49
C GLU A 974 -1.07 -20.43 12.75
N ARG A 975 0.02 -19.74 12.37
CA ARG A 975 1.06 -20.27 11.49
C ARG A 975 2.27 -20.70 12.31
N ASP A 976 2.63 -21.99 12.19
CA ASP A 976 3.81 -22.66 12.76
C ASP A 976 3.55 -23.24 14.15
N LYS A 977 2.81 -22.53 15.00
CA LYS A 977 2.36 -23.18 16.22
C LYS A 977 1.51 -24.41 15.94
N GLU A 978 0.86 -24.49 14.76
CA GLU A 978 0.34 -25.78 14.27
C GLU A 978 1.47 -26.80 14.13
N LYS A 979 2.59 -26.40 13.52
CA LYS A 979 3.66 -27.33 13.17
C LYS A 979 4.43 -27.84 14.40
N LEU A 980 4.66 -26.97 15.40
CA LEU A 980 5.39 -27.38 16.58
C LEU A 980 4.57 -28.32 17.47
N ILE A 981 3.28 -28.47 17.22
CA ILE A 981 2.55 -29.55 17.89
C ILE A 981 3.17 -30.89 17.49
N TYR A 982 3.54 -31.06 16.21
CA TYR A 982 4.10 -32.33 15.76
C TYR A 982 5.37 -32.66 16.51
N TYR A 983 6.20 -31.66 16.74
CA TYR A 983 7.46 -31.90 17.43
C TYR A 983 7.22 -32.47 18.81
N THR A 984 6.29 -31.92 19.58
CA THR A 984 6.15 -32.50 20.90
C THR A 984 5.51 -33.90 20.84
N LEU A 985 4.50 -34.10 19.97
CA LEU A 985 3.96 -35.45 19.74
C LEU A 985 5.05 -36.43 19.34
N GLN A 986 6.06 -35.96 18.60
CA GLN A 986 7.21 -36.81 18.33
C GLN A 986 7.79 -37.35 19.63
N ARG A 987 8.03 -36.48 20.60
CA ARG A 987 8.58 -36.91 21.88
C ARG A 987 7.67 -37.91 22.60
N LEU A 988 6.38 -37.59 22.74
CA LEU A 988 5.50 -38.50 23.49
C LEU A 988 5.40 -39.89 22.88
N PHE A 989 5.36 -39.98 21.54
CA PHE A 989 5.25 -41.30 20.90
C PHE A 989 6.52 -42.12 21.06
N VAL A 990 7.70 -41.48 20.97
CA VAL A 990 8.96 -42.19 21.21
C VAL A 990 8.96 -42.86 22.57
N SER A 991 8.52 -42.12 23.59
CA SER A 991 8.37 -42.64 24.93
C SER A 991 7.45 -43.86 25.03
N GLU A 992 6.67 -44.18 24.00
CA GLU A 992 5.89 -45.42 23.99
C GLU A 992 6.68 -46.47 23.18
N GLU A 993 7.49 -47.22 23.93
CA GLU A 993 8.65 -47.99 23.48
C GLU A 993 9.60 -48.21 24.69
N SER B 8 0.04 37.61 9.57
CA SER B 8 -1.24 37.02 9.98
C SER B 8 -1.24 36.50 11.42
N PHE B 9 -0.14 35.85 11.85
CA PHE B 9 0.02 35.34 13.22
C PHE B 9 0.47 36.46 14.17
N LYS B 10 -0.18 36.57 15.34
CA LYS B 10 0.20 37.57 16.34
C LYS B 10 0.89 36.89 17.53
N ALA B 11 2.21 37.07 17.65
CA ALA B 11 2.97 36.47 18.73
C ALA B 11 2.56 36.99 20.11
N GLN B 12 2.12 36.08 20.97
CA GLN B 12 1.65 36.41 22.32
C GLN B 12 2.83 36.57 23.25
N PRO B 13 2.60 37.01 24.49
CA PRO B 13 3.63 36.82 25.51
C PRO B 13 3.96 35.34 25.67
N PHE B 14 5.20 35.05 26.04
CA PHE B 14 5.76 33.72 25.91
C PHE B 14 6.37 33.25 27.23
N LEU B 15 6.44 31.93 27.39
CA LEU B 15 7.05 31.34 28.59
C LEU B 15 8.56 31.27 28.41
N VAL B 16 9.27 31.45 29.53
CA VAL B 16 10.73 31.39 29.51
C VAL B 16 11.18 30.36 30.54
N ARG B 17 12.08 29.48 30.12
CA ARG B 17 12.57 28.39 30.95
C ARG B 17 14.08 28.48 31.01
N ASN B 18 14.62 28.55 32.21
CA ASN B 18 16.03 28.81 32.40
C ASN B 18 16.55 27.92 33.51
N THR B 19 17.87 27.71 33.47
CA THR B 19 18.57 26.85 34.40
C THR B 19 18.69 27.52 35.78
N ILE B 20 18.61 26.71 36.83
CA ILE B 20 18.79 27.22 38.18
C ILE B 20 20.26 27.38 38.52
N LEU B 21 21.06 26.34 38.32
CA LEU B 21 22.50 26.50 38.47
C LEU B 21 23.04 27.45 37.41
N CYS B 22 24.32 27.33 37.10
CA CYS B 22 24.77 28.19 36.05
C CYS B 22 25.88 27.53 35.26
N PRO B 23 25.77 27.49 33.92
CA PRO B 23 26.83 26.89 33.10
C PRO B 23 28.21 27.55 33.24
N ASN B 24 28.31 28.85 33.62
CA ASN B 24 29.63 29.44 33.85
C ASN B 24 30.41 28.72 34.94
N ASP B 25 29.72 27.99 35.81
CA ASP B 25 30.34 27.26 36.90
C ASP B 25 30.41 25.76 36.63
N LYS B 26 30.49 25.35 35.38
CA LYS B 26 30.58 23.93 35.07
C LYS B 26 32.04 23.52 35.16
N ARG B 27 32.30 22.41 35.86
CA ARG B 27 33.64 21.86 35.87
C ARG B 27 33.77 20.84 34.75
N SER B 28 35.01 20.65 34.29
CA SER B 28 35.28 19.77 33.15
C SER B 28 36.00 18.53 33.69
N PHE B 29 35.27 17.43 33.82
CA PHE B 29 35.72 16.29 34.62
C PHE B 29 36.56 15.31 33.81
N THR B 30 37.38 14.54 34.53
CA THR B 30 38.46 13.70 34.01
C THR B 30 38.40 12.26 34.53
N GLU B 31 38.03 12.07 35.79
CA GLU B 31 37.78 10.77 36.36
C GLU B 31 36.36 10.74 36.92
N TYR B 32 35.70 9.60 36.78
CA TYR B 32 34.37 9.46 37.37
C TYR B 32 34.42 9.64 38.88
N THR B 33 35.53 9.22 39.49
CA THR B 33 35.71 9.46 40.93
C THR B 33 35.57 10.93 41.26
N GLN B 34 36.17 11.81 40.45
CA GLN B 34 36.11 13.24 40.74
C GLN B 34 34.67 13.74 40.76
N VAL B 35 33.84 13.22 39.85
CA VAL B 35 32.45 13.65 39.80
C VAL B 35 31.75 13.34 41.11
N ILE B 36 31.93 12.13 41.64
CA ILE B 36 31.24 11.76 42.88
C ILE B 36 31.71 12.63 44.05
N GLU B 37 33.03 12.86 44.18
CA GLU B 37 33.49 13.69 45.28
C GLU B 37 33.07 15.13 45.07
N THR B 38 33.12 15.62 43.83
CA THR B 38 32.78 17.01 43.56
C THR B 38 31.30 17.25 43.79
N VAL B 39 30.45 16.34 43.33
CA VAL B 39 29.04 16.61 43.50
C VAL B 39 28.63 16.42 44.96
N SER B 40 29.26 15.49 45.69
CA SER B 40 28.85 15.19 47.07
C SER B 40 29.05 16.35 48.04
N LYS B 41 29.69 17.43 47.60
CA LYS B 41 29.80 18.64 48.39
C LYS B 41 29.20 19.82 47.64
N ASN B 42 28.23 19.52 46.76
CA ASN B 42 27.48 20.50 45.98
C ASN B 42 26.04 20.52 46.50
N LYS B 43 25.84 21.27 47.59
CA LYS B 43 24.59 21.38 48.33
C LYS B 43 23.34 21.31 47.45
N VAL B 44 23.25 22.17 46.44
CA VAL B 44 22.01 22.26 45.67
C VAL B 44 21.90 21.11 44.65
N PHE B 45 23.02 20.56 44.15
CA PHE B 45 22.91 19.40 43.30
C PHE B 45 22.29 18.23 44.03
N LEU B 46 22.73 18.01 45.28
CA LEU B 46 22.22 16.86 46.04
C LEU B 46 20.73 16.93 46.25
N GLU B 47 20.17 18.13 46.43
CA GLU B 47 18.75 18.28 46.69
C GLU B 47 17.94 18.17 45.40
N GLN B 48 18.48 18.76 44.32
CA GLN B 48 17.97 18.51 42.97
C GLN B 48 17.90 17.02 42.67
N LEU B 49 18.97 16.29 43.00
CA LEU B 49 18.98 14.85 42.82
C LEU B 49 17.94 14.17 43.68
N LEU B 50 17.91 14.48 44.98
CA LEU B 50 16.99 13.80 45.87
C LEU B 50 15.53 14.10 45.51
N LEU B 51 15.24 15.30 45.02
CA LEU B 51 13.91 15.58 44.52
C LEU B 51 13.63 14.79 43.22
N ALA B 52 14.55 14.83 42.27
CA ALA B 52 14.20 14.39 40.94
C ALA B 52 14.29 12.88 40.80
N ASN B 53 15.33 12.29 41.36
CA ASN B 53 15.57 10.85 41.28
C ASN B 53 15.90 10.34 42.68
N PRO B 54 14.88 10.26 43.58
CA PRO B 54 15.09 9.71 44.92
C PRO B 54 15.88 8.41 44.92
N LYS B 55 15.59 7.52 43.97
CA LYS B 55 16.24 6.22 43.96
C LYS B 55 17.72 6.33 43.67
N LEU B 56 18.07 7.07 42.61
CA LEU B 56 19.48 7.21 42.26
C LEU B 56 20.26 7.85 43.41
N TYR B 57 19.64 8.78 44.14
CA TYR B 57 20.28 9.39 45.30
C TYR B 57 20.71 8.32 46.28
N ASP B 58 19.75 7.55 46.80
CA ASP B 58 20.08 6.59 47.85
C ASP B 58 21.09 5.54 47.38
N VAL B 59 21.24 5.32 46.08
CA VAL B 59 22.31 4.45 45.60
C VAL B 59 23.66 5.10 45.85
N GLN B 61 24.69 7.32 47.90
CA GLN B 61 25.07 7.24 49.31
C GLN B 61 25.53 5.84 49.67
N LYS B 62 24.76 4.83 49.24
CA LYS B 62 25.17 3.45 49.44
C LYS B 62 26.49 3.15 48.74
N TYR B 63 26.87 3.98 47.76
CA TYR B 63 28.15 3.79 47.09
C TYR B 63 29.30 4.23 47.98
N ASN B 64 29.28 5.47 48.47
CA ASN B 64 30.40 6.02 49.22
C ASN B 64 30.25 5.83 50.73
N ALA B 65 29.35 4.93 51.14
CA ALA B 65 29.47 4.17 52.38
C ALA B 65 29.95 2.75 52.07
N GLY B 66 30.77 2.62 51.03
CA GLY B 66 31.40 1.38 50.64
C GLY B 66 30.50 0.17 50.53
N LEU B 67 29.24 0.35 50.15
CA LEU B 67 28.29 -0.76 50.06
C LEU B 67 27.60 -0.74 48.70
N LEU B 68 28.34 -1.02 47.62
CA LEU B 68 27.70 -1.23 46.33
C LEU B 68 28.53 -2.19 45.50
N LYS B 69 27.87 -3.25 45.01
CA LYS B 69 28.58 -4.28 44.26
C LYS B 69 29.20 -3.70 43.00
N LYS B 70 30.17 -4.46 42.45
CA LYS B 70 31.04 -3.92 41.41
C LYS B 70 30.26 -3.57 40.15
N LYS B 71 29.52 -4.56 39.60
CA LYS B 71 28.83 -4.32 38.34
C LYS B 71 27.82 -3.17 38.44
N ARG B 72 27.32 -2.90 39.65
CA ARG B 72 26.42 -1.77 39.85
C ARG B 72 27.14 -0.42 39.71
N VAL B 73 28.46 -0.38 39.97
CA VAL B 73 29.19 0.88 40.17
C VAL B 73 29.40 1.62 38.85
N LYS B 74 29.53 0.90 37.74
CA LYS B 74 29.72 1.57 36.46
C LYS B 74 28.50 2.42 36.09
N LYS B 75 27.32 1.80 36.11
CA LYS B 75 26.10 2.53 35.77
C LYS B 75 25.91 3.76 36.65
N LEU B 76 26.29 3.69 37.93
CA LEU B 76 26.05 4.83 38.80
C LEU B 76 26.94 6.01 38.43
N PHE B 77 28.15 5.72 37.96
CA PHE B 77 29.01 6.78 37.43
C PHE B 77 28.32 7.51 36.27
N GLU B 78 27.96 6.74 35.23
CA GLU B 78 27.37 7.34 34.03
C GLU B 78 26.09 8.08 34.34
N SER B 79 25.23 7.48 35.18
CA SER B 79 23.97 8.13 35.51
C SER B 79 24.20 9.42 36.31
N ILE B 80 25.23 9.45 37.14
CA ILE B 80 25.53 10.66 37.89
C ILE B 80 26.14 11.72 36.99
N TYR B 81 27.07 11.32 36.12
CA TYR B 81 27.64 12.24 35.15
C TYR B 81 26.55 12.94 34.34
N LYS B 82 25.67 12.15 33.70
CA LYS B 82 24.64 12.75 32.86
C LYS B 82 23.75 13.69 33.65
N TYR B 83 23.45 13.34 34.91
CA TYR B 83 22.63 14.21 35.73
C TYR B 83 23.34 15.50 36.06
N TYR B 84 24.68 15.46 36.17
CA TYR B 84 25.44 16.68 36.35
C TYR B 84 25.23 17.62 35.18
N LYS B 85 25.46 17.12 33.96
CA LYS B 85 25.25 17.92 32.75
C LYS B 85 23.82 18.42 32.67
N ARG B 86 22.87 17.60 33.13
CA ARG B 86 21.46 17.96 33.00
C ARG B 86 21.14 19.21 33.82
N SER B 87 21.76 19.34 35.00
CA SER B 87 21.46 20.45 35.90
C SER B 87 22.16 21.76 35.52
N TYR B 88 23.24 21.67 34.78
CA TYR B 88 23.93 22.86 34.33
C TYR B 88 23.62 23.22 32.88
N LEU B 89 22.97 22.35 32.11
CA LEU B 89 22.85 22.61 30.68
C LEU B 89 21.44 22.54 30.11
N ARG B 90 20.58 21.66 30.61
N ARG B 90 20.59 21.65 30.63
CA ARG B 90 19.24 21.49 30.07
CA ARG B 90 19.23 21.47 30.13
C ARG B 90 18.28 22.43 30.78
C ARG B 90 18.30 22.46 30.81
N SER B 91 17.58 23.26 30.01
CA SER B 91 16.66 24.25 30.57
C SER B 91 15.21 23.77 30.64
N THR B 92 14.87 22.68 29.98
CA THR B 92 13.56 22.05 30.07
C THR B 92 13.05 22.06 31.52
N PRO B 93 11.86 22.58 31.78
CA PRO B 93 11.45 22.81 33.17
C PRO B 93 11.17 21.50 33.90
N PHE B 94 11.90 21.26 34.99
CA PHE B 94 11.67 20.06 35.78
C PHE B 94 12.30 20.24 37.16
N GLY B 95 11.53 19.88 38.20
CA GLY B 95 11.78 20.15 39.61
C GLY B 95 13.17 20.49 40.10
N LEU B 96 13.42 21.79 40.33
CA LEU B 96 14.64 22.32 40.94
C LEU B 96 15.81 22.44 39.98
N PHE B 97 15.72 21.79 38.80
CA PHE B 97 16.76 21.95 37.80
C PHE B 97 16.68 23.32 37.16
N SER B 98 15.46 23.85 37.02
CA SER B 98 15.18 24.96 36.14
C SER B 98 13.83 25.52 36.54
N GLU B 99 13.58 26.76 36.12
CA GLU B 99 12.42 27.50 36.59
C GLU B 99 11.65 28.05 35.40
N THR B 100 10.40 28.41 35.65
CA THR B 100 9.49 28.88 34.61
C THR B 100 9.09 30.31 34.93
N SER B 101 9.41 31.23 34.04
CA SER B 101 9.04 32.64 34.16
C SER B 101 8.26 33.05 32.91
N ILE B 102 7.81 34.31 32.86
CA ILE B 102 7.10 34.85 31.69
C ILE B 102 7.95 35.93 31.03
N GLY B 103 7.84 36.03 29.70
CA GLY B 103 8.46 37.10 28.95
C GLY B 103 7.44 37.84 28.08
N VAL B 104 7.85 39.02 27.60
CA VAL B 104 7.00 39.90 26.82
C VAL B 104 7.82 40.58 25.73
N PHE B 105 7.13 41.12 24.73
CA PHE B 105 7.78 41.94 23.73
C PHE B 105 7.64 43.42 24.10
N SER B 106 8.71 44.18 23.86
CA SER B 106 8.75 45.61 24.13
C SER B 106 9.64 46.26 23.07
N LYS B 107 10.02 47.52 23.29
CA LYS B 107 10.79 48.21 22.26
C LYS B 107 12.27 47.84 22.29
N SER B 108 12.73 47.20 23.37
N SER B 108 12.77 47.25 23.36
CA SER B 108 14.13 46.84 23.57
CA SER B 108 14.09 46.66 23.26
C SER B 108 14.22 45.51 24.32
C SER B 108 14.22 45.50 24.25
N SER B 109 15.32 44.80 24.10
CA SER B 109 15.59 43.53 24.75
C SER B 109 15.91 43.73 26.23
N GLN B 110 15.90 42.63 26.95
CA GLN B 110 16.10 42.61 28.39
C GLN B 110 16.39 41.17 28.83
N TYR B 111 17.65 40.76 28.75
CA TYR B 111 18.02 39.37 29.04
C TYR B 111 18.44 39.16 30.50
N LYS B 112 17.80 39.77 31.49
CA LYS B 112 18.28 39.73 32.87
C LYS B 112 17.19 39.18 33.78
N LEU B 113 17.51 38.08 34.48
CA LEU B 113 16.62 37.41 35.42
C LEU B 113 16.75 38.02 36.82
N GLY B 115 13.60 38.11 39.26
CA GLY B 115 12.51 37.77 40.16
C GLY B 115 12.93 36.76 41.24
N LYS B 116 11.93 36.34 42.03
CA LYS B 116 12.13 35.39 43.12
C LYS B 116 11.50 34.05 42.75
N THR B 117 12.21 32.97 43.06
CA THR B 117 11.83 31.61 42.66
C THR B 117 10.98 30.93 43.74
N THR B 118 9.68 30.79 43.50
CA THR B 118 8.86 30.03 44.44
C THR B 118 8.78 28.56 44.00
N LYS B 119 8.47 27.68 44.94
CA LYS B 119 8.29 26.26 44.67
C LYS B 119 6.80 25.98 44.53
N GLY B 120 6.35 25.69 43.30
CA GLY B 120 5.00 25.22 43.10
C GLY B 120 4.92 23.72 43.32
N ILE B 121 4.25 23.28 44.37
CA ILE B 121 4.42 21.92 44.86
C ILE B 121 3.10 21.15 44.80
N ARG B 122 3.20 19.90 44.36
CA ARG B 122 2.14 18.92 44.29
C ARG B 122 2.66 17.59 44.85
N LEU B 123 1.76 16.80 45.40
CA LEU B 123 2.07 15.39 45.66
C LEU B 123 2.30 14.63 44.35
N ASP B 124 3.18 13.64 44.41
CA ASP B 124 3.33 12.68 43.32
C ASP B 124 2.00 11.98 43.07
N THR B 125 1.51 12.08 41.82
CA THR B 125 0.14 11.65 41.55
C THR B 125 0.00 10.13 41.54
N GLN B 126 1.06 9.42 41.14
CA GLN B 126 1.07 7.97 41.27
C GLN B 126 0.92 7.57 42.73
N TRP B 127 1.77 8.15 43.59
CA TRP B 127 1.62 7.97 45.03
C TRP B 127 0.18 8.24 45.48
N LEU B 128 -0.31 9.47 45.24
CA LEU B 128 -1.63 9.88 45.74
C LEU B 128 -2.74 8.92 45.30
N ILE B 129 -2.77 8.58 44.00
CA ILE B 129 -3.87 7.79 43.48
C ILE B 129 -3.75 6.33 43.92
N ARG B 130 -2.52 5.82 44.00
CA ARG B 130 -2.31 4.49 44.59
C ARG B 130 -2.83 4.44 46.01
N LEU B 131 -2.58 5.50 46.79
CA LEU B 131 -3.11 5.54 48.15
C LEU B 131 -4.64 5.56 48.15
N VAL B 132 -5.26 6.36 47.28
CA VAL B 132 -6.72 6.43 47.29
C VAL B 132 -7.32 5.08 46.95
N HIS B 133 -6.74 4.38 45.96
CA HIS B 133 -7.24 3.05 45.63
C HIS B 133 -7.20 2.13 46.84
N LYS B 134 -6.12 2.16 47.63
CA LYS B 134 -6.08 1.36 48.85
C LYS B 134 -7.22 1.73 49.79
N GLU B 136 -10.11 2.82 49.09
CA GLU B 136 -11.43 2.37 48.64
C GLU B 136 -11.68 0.91 48.96
N VAL B 137 -10.64 0.06 48.97
CA VAL B 137 -10.92 -1.35 49.24
C VAL B 137 -10.93 -1.62 50.73
N ASP B 138 -10.18 -0.83 51.49
CA ASP B 138 -10.17 -0.98 52.94
C ASP B 138 -11.38 -0.29 53.58
N PHE B 139 -11.53 1.01 53.38
CA PHE B 139 -12.64 1.77 53.95
C PHE B 139 -13.86 1.78 53.03
N SER B 140 -14.22 0.62 52.49
CA SER B 140 -15.18 0.55 51.40
C SER B 140 -16.60 0.82 51.89
N LYS B 141 -17.00 0.18 52.99
CA LYS B 141 -18.38 0.33 53.47
C LYS B 141 -18.67 1.71 54.06
N LYS B 142 -17.63 2.56 54.22
CA LYS B 142 -17.79 3.94 54.69
C LYS B 142 -17.85 4.97 53.56
N LEU B 143 -17.56 4.60 52.31
CA LEU B 143 -17.50 5.57 51.22
C LEU B 143 -18.83 5.65 50.46
N SER B 144 -18.91 6.58 49.52
CA SER B 144 -19.99 6.57 48.54
C SER B 144 -19.40 6.58 47.13
N PHE B 145 -20.22 6.16 46.16
CA PHE B 145 -19.66 5.78 44.86
C PHE B 145 -20.50 6.32 43.70
N THR B 146 -19.82 6.47 42.56
CA THR B 146 -20.40 6.94 41.31
C THR B 146 -19.91 6.06 40.15
N ARG B 147 -20.58 6.18 39.01
CA ARG B 147 -20.27 5.38 37.83
C ARG B 147 -19.04 5.94 37.12
N ASN B 148 -18.03 5.09 36.91
CA ASN B 148 -16.88 5.46 36.08
C ASN B 148 -17.33 5.72 34.63
N ASN B 149 -17.18 6.97 34.17
CA ASN B 149 -17.64 7.33 32.83
C ASN B 149 -17.01 6.47 31.75
N ALA B 150 -15.88 5.83 32.07
CA ALA B 150 -15.23 4.90 31.17
C ALA B 150 -16.08 3.66 30.88
N ASN B 151 -17.13 3.40 31.65
CA ASN B 151 -17.95 2.24 31.36
C ASN B 151 -18.82 2.51 30.14
N TYR B 152 -19.09 1.44 29.38
CA TYR B 152 -20.14 1.55 28.38
C TYR B 152 -20.71 0.16 28.06
N LYS B 153 -22.05 0.09 28.03
CA LYS B 153 -22.73 -1.14 27.65
C LYS B 153 -22.50 -1.40 26.17
N PHE B 154 -22.23 -2.66 25.83
CA PHE B 154 -22.19 -3.04 24.42
C PHE B 154 -22.70 -4.48 24.34
N GLY B 155 -23.91 -4.62 23.81
CA GLY B 155 -24.56 -5.93 23.78
C GLY B 155 -24.85 -6.43 25.18
N ASP B 156 -24.43 -7.65 25.43
CA ASP B 156 -24.56 -8.25 26.74
C ASP B 156 -23.32 -8.07 27.60
N ARG B 157 -22.46 -7.11 27.28
CA ARG B 157 -21.24 -6.86 28.04
C ARG B 157 -21.16 -5.41 28.46
N VAL B 158 -20.30 -5.16 29.45
CA VAL B 158 -19.89 -3.81 29.81
C VAL B 158 -18.37 -3.73 29.61
N PHE B 159 -17.94 -2.86 28.72
CA PHE B 159 -16.53 -2.63 28.48
C PHE B 159 -16.10 -1.31 29.10
N GLN B 160 -14.80 -1.07 29.09
CA GLN B 160 -14.23 0.20 29.48
C GLN B 160 -13.27 0.63 28.39
N VAL B 161 -13.27 1.93 28.04
CA VAL B 161 -12.42 2.39 26.95
C VAL B 161 -10.94 2.14 27.22
N TYR B 162 -10.55 2.03 28.48
CA TYR B 162 -9.28 1.44 28.86
C TYR B 162 -9.43 0.82 30.24
N THR B 163 -8.32 0.33 30.76
CA THR B 163 -8.32 -0.61 31.87
C THR B 163 -7.08 -0.35 32.71
N ILE B 164 -7.26 -0.37 34.02
CA ILE B 164 -6.18 -0.25 34.99
C ILE B 164 -6.31 -1.69 35.39
N ASN B 165 -7.10 -1.98 36.41
CA ASN B 165 -7.40 -3.39 36.67
C ASN B 165 -6.22 -4.34 36.96
N SER B 166 -5.40 -4.61 35.95
CA SER B 166 -4.36 -5.64 36.04
C SER B 166 -3.26 -5.21 37.00
N SER B 167 -2.31 -6.11 37.21
CA SER B 167 -1.01 -5.67 37.73
C SER B 167 -0.36 -4.71 36.75
N GLU B 168 -0.53 -4.97 35.44
CA GLU B 168 0.06 -4.11 34.41
C GLU B 168 -0.68 -3.93 33.07
N LEU B 169 -0.66 -4.97 32.23
CA LEU B 169 -1.23 -4.92 30.87
C LEU B 169 -2.10 -6.15 30.59
N GLU B 170 -3.42 -5.94 30.53
CA GLU B 170 -4.45 -6.97 30.47
C GLU B 170 -5.83 -6.32 30.59
N GLU B 171 -6.60 -6.22 29.49
CA GLU B 171 -7.91 -5.55 29.50
C GLU B 171 -9.05 -6.52 29.83
N CYS B 172 -9.99 -6.05 30.65
CA CYS B 172 -11.08 -6.91 31.10
C CYS B 172 -12.45 -6.26 30.86
N ASN B 173 -13.48 -7.11 30.79
CA ASN B 173 -14.87 -6.68 30.68
C ASN B 173 -15.78 -7.64 31.45
N ILE B 174 -16.99 -7.17 31.73
CA ILE B 174 -17.94 -7.90 32.58
C ILE B 174 -19.26 -8.11 31.81
N LYS B 175 -20.06 -9.03 32.32
CA LYS B 175 -21.38 -9.27 31.75
C LYS B 175 -22.35 -8.20 32.25
N TYR B 176 -23.19 -7.75 31.35
CA TYR B 176 -24.25 -6.80 31.69
C TYR B 176 -25.37 -7.56 32.39
N THR B 177 -25.42 -7.46 33.73
CA THR B 177 -26.45 -8.12 34.53
C THR B 177 -27.51 -7.13 34.99
N ASN B 178 -28.66 -7.66 35.42
CA ASN B 178 -29.68 -6.77 35.96
C ASN B 178 -29.15 -6.04 37.19
N VAL B 179 -28.34 -6.74 37.99
CA VAL B 179 -27.70 -6.12 39.15
C VAL B 179 -26.84 -4.94 38.71
N TYR B 180 -26.07 -5.12 37.63
CA TYR B 180 -25.27 -4.01 37.14
C TYR B 180 -26.17 -2.85 36.70
N GLN B 181 -27.28 -3.15 36.04
CA GLN B 181 -28.18 -2.08 35.59
C GLN B 181 -28.74 -1.30 36.76
N ILE B 182 -29.04 -2.00 37.86
CA ILE B 182 -29.56 -1.33 39.05
C ILE B 182 -28.49 -0.47 39.67
N ILE B 183 -27.33 -1.07 39.95
CA ILE B 183 -26.24 -0.34 40.60
C ILE B 183 -25.75 0.84 39.77
N SER B 184 -25.75 0.71 38.43
CA SER B 184 -25.16 1.76 37.61
C SER B 184 -26.14 2.86 37.24
N GLU B 185 -27.44 2.56 37.12
CA GLU B 185 -28.40 3.65 36.93
C GLU B 185 -28.51 4.50 38.19
N PHE B 186 -28.41 3.84 39.36
CA PHE B 186 -28.56 4.47 40.66
C PHE B 186 -27.39 5.36 41.03
N CYS B 187 -26.23 5.18 40.41
CA CYS B 187 -25.09 6.08 40.58
C CYS B 187 -24.77 6.88 39.32
N GLU B 188 -25.70 6.97 38.37
CA GLU B 188 -25.31 7.40 37.02
C GLU B 188 -24.82 8.84 37.00
N ASN B 189 -25.38 9.71 37.85
CA ASN B 189 -24.95 11.10 37.83
C ASN B 189 -24.86 11.72 39.21
N ASP B 190 -24.86 10.91 40.28
CA ASP B 190 -24.51 11.39 41.63
C ASP B 190 -23.77 10.29 42.38
N TYR B 191 -23.37 10.59 43.62
CA TYR B 191 -22.78 9.60 44.50
C TYR B 191 -23.86 9.03 45.41
N GLN B 192 -23.66 7.79 45.87
CA GLN B 192 -24.58 7.19 46.83
C GLN B 192 -23.79 6.31 47.77
N LYS B 193 -24.07 6.44 49.07
CA LYS B 193 -23.41 5.64 50.09
C LYS B 193 -23.48 4.17 49.75
N TYR B 194 -22.36 3.46 49.99
CA TYR B 194 -22.28 2.01 49.93
C TYR B 194 -23.56 1.33 50.40
N GLU B 195 -23.97 1.63 51.64
CA GLU B 195 -25.13 1.02 52.26
C GLU B 195 -26.36 1.16 51.38
N ASP B 196 -26.63 2.39 50.91
CA ASP B 196 -27.78 2.66 50.04
C ASP B 196 -27.76 1.80 48.78
N ILE B 197 -26.57 1.60 48.22
CA ILE B 197 -26.46 0.80 47.01
C ILE B 197 -26.86 -0.64 47.29
N CYS B 198 -26.23 -1.28 48.28
CA CYS B 198 -26.55 -2.67 48.61
C CYS B 198 -28.04 -2.85 48.82
N GLU B 199 -28.67 -1.86 49.44
CA GLU B 199 -30.07 -1.99 49.79
C GLU B 199 -30.97 -1.82 48.59
N THR B 200 -30.58 -0.97 47.62
CA THR B 200 -31.39 -0.85 46.41
C THR B 200 -31.48 -2.19 45.71
N VAL B 201 -30.38 -2.95 45.75
CA VAL B 201 -30.37 -4.30 45.18
C VAL B 201 -31.27 -5.23 46.00
N THR B 202 -30.94 -5.39 47.29
CA THR B 202 -31.67 -6.35 48.14
C THR B 202 -33.17 -6.07 48.19
N LEU B 203 -33.60 -4.83 47.93
CA LEU B 203 -35.03 -4.59 47.80
C LEU B 203 -35.59 -5.44 46.66
N CYS B 204 -34.99 -5.32 45.48
N CYS B 204 -35.00 -5.32 45.48
CA CYS B 204 -35.48 -6.06 44.31
CA CYS B 204 -35.50 -6.07 44.33
C CYS B 204 -35.35 -7.57 44.50
C CYS B 204 -35.40 -7.58 44.57
N TYR B 205 -34.34 -8.03 45.25
CA TYR B 205 -34.01 -9.44 45.30
C TYR B 205 -34.34 -10.14 46.61
N GLY B 206 -34.43 -9.45 47.74
CA GLY B 206 -34.60 -10.12 49.00
C GLY B 206 -33.31 -10.12 49.83
N ASP B 207 -33.49 -10.26 51.14
CA ASP B 207 -32.40 -9.97 52.07
C ASP B 207 -31.36 -11.07 52.18
N GLU B 208 -31.66 -12.28 51.70
CA GLU B 208 -30.63 -13.32 51.61
C GLU B 208 -29.50 -12.89 50.68
N TYR B 209 -29.83 -12.10 49.65
CA TYR B 209 -28.89 -11.67 48.62
C TYR B 209 -27.95 -10.59 49.09
N ARG B 210 -28.16 -10.05 50.29
CA ARG B 210 -27.27 -9.01 50.76
C ARG B 210 -25.82 -9.47 50.77
N GLU B 211 -25.54 -10.74 51.14
CA GLU B 211 -24.17 -11.24 51.09
C GLU B 211 -23.60 -11.17 49.67
N LEU B 212 -24.39 -11.60 48.67
CA LEU B 212 -23.96 -11.49 47.28
C LEU B 212 -23.74 -10.04 46.89
N SER B 213 -24.73 -9.19 47.17
CA SER B 213 -24.65 -7.78 46.80
C SER B 213 -23.29 -7.15 47.12
N GLU B 214 -22.84 -7.33 48.36
CA GLU B 214 -21.58 -6.72 48.76
C GLU B 214 -20.39 -7.35 48.04
N GLN B 215 -20.53 -8.58 47.57
CA GLN B 215 -19.49 -9.16 46.71
C GLN B 215 -19.51 -8.54 45.33
N TYR B 216 -20.69 -8.45 44.72
CA TYR B 216 -20.80 -7.86 43.39
C TYR B 216 -20.32 -6.42 43.41
N LEU B 217 -20.84 -5.63 44.35
CA LEU B 217 -20.42 -4.25 44.50
C LEU B 217 -18.94 -4.16 44.82
N GLY B 218 -18.46 -5.06 45.68
CA GLY B 218 -17.03 -5.13 45.94
C GLY B 218 -16.21 -5.28 44.68
N SER B 219 -16.54 -6.26 43.85
CA SER B 219 -15.68 -6.48 42.70
C SER B 219 -15.78 -5.33 41.71
N LEU B 220 -16.96 -4.66 41.62
CA LEU B 220 -17.03 -3.46 40.78
C LEU B 220 -16.17 -2.33 41.31
N ILE B 221 -15.94 -2.28 42.62
CA ILE B 221 -15.05 -1.26 43.16
C ILE B 221 -13.61 -1.56 42.78
N VAL B 222 -13.15 -2.80 43.01
CA VAL B 222 -11.74 -3.11 42.75
C VAL B 222 -11.40 -2.90 41.28
N ASN B 223 -12.32 -3.28 40.36
CA ASN B 223 -12.10 -3.15 38.91
C ASN B 223 -12.49 -1.78 38.35
N HIS B 224 -12.78 -0.81 39.22
CA HIS B 224 -12.97 0.60 38.87
C HIS B 224 -14.13 0.81 37.88
N TYR B 225 -15.15 -0.04 37.95
CA TYR B 225 -16.42 0.36 37.37
C TYR B 225 -17.12 1.43 38.23
N LEU B 226 -16.75 1.50 39.51
CA LEU B 226 -17.27 2.51 40.41
C LEU B 226 -16.11 3.29 41.00
N ILE B 227 -16.33 4.57 41.21
CA ILE B 227 -15.32 5.49 41.70
C ILE B 227 -15.83 6.07 43.00
N SER B 228 -14.96 6.13 44.00
CA SER B 228 -15.37 6.64 45.31
C SER B 228 -15.41 8.17 45.29
N ASN B 229 -16.08 8.75 46.30
CA ASN B 229 -16.03 10.18 46.48
C ASN B 229 -14.62 10.69 46.85
N LEU B 230 -13.68 9.79 47.20
CA LEU B 230 -12.31 10.24 47.42
C LEU B 230 -11.67 10.76 46.14
N GLN B 231 -12.14 10.30 44.99
CA GLN B 231 -11.56 10.69 43.71
C GLN B 231 -12.17 11.97 43.14
N LYS B 232 -13.17 12.55 43.80
CA LYS B 232 -13.83 13.75 43.28
C LYS B 232 -12.90 14.94 43.40
N ASP B 233 -12.54 15.54 42.27
CA ASP B 233 -11.58 16.62 42.12
C ASP B 233 -10.18 16.26 42.58
N LEU B 234 -9.92 14.97 42.83
CA LEU B 234 -8.62 14.57 43.37
C LEU B 234 -7.49 14.93 42.43
N LEU B 235 -7.69 14.74 41.14
CA LEU B 235 -6.63 14.95 40.16
C LEU B 235 -6.64 16.34 39.53
N SER B 236 -7.82 16.94 39.33
CA SER B 236 -7.90 18.28 38.78
C SER B 236 -7.62 19.34 39.85
N ASP B 237 -8.59 19.61 40.72
CA ASP B 237 -8.52 20.67 41.71
C ASP B 237 -8.30 20.04 43.08
N PHE B 238 -7.05 19.66 43.36
CA PHE B 238 -6.75 19.04 44.64
C PHE B 238 -6.71 20.08 45.75
N SER B 239 -7.23 19.67 46.93
CA SER B 239 -7.40 20.57 48.06
C SER B 239 -7.24 19.78 49.35
N TRP B 240 -6.21 20.13 50.14
CA TRP B 240 -5.94 19.41 51.39
C TRP B 240 -7.16 19.40 52.31
N ASN B 241 -7.78 20.56 52.49
CA ASN B 241 -8.90 20.64 53.43
C ASN B 241 -10.02 19.69 53.02
N THR B 242 -10.28 19.57 51.71
CA THR B 242 -11.33 18.66 51.28
C THR B 242 -10.88 17.21 51.42
N PHE B 243 -9.64 16.92 51.06
CA PHE B 243 -9.12 15.56 51.17
C PHE B 243 -9.14 15.08 52.61
N LEU B 244 -8.69 15.92 53.54
CA LEU B 244 -8.60 15.52 54.94
C LEU B 244 -9.98 15.34 55.56
N THR B 245 -10.97 16.11 55.10
CA THR B 245 -12.31 16.01 55.64
C THR B 245 -13.09 14.82 55.08
N LYS B 246 -12.54 14.12 54.09
CA LYS B 246 -13.06 12.80 53.73
C LYS B 246 -12.27 11.67 54.35
N VAL B 247 -11.01 11.90 54.71
CA VAL B 247 -10.22 10.88 55.40
C VAL B 247 -10.63 10.77 56.86
N GLU B 248 -10.79 11.93 57.52
CA GLU B 248 -11.28 11.95 58.90
C GLU B 248 -12.51 11.06 59.06
N ALA B 249 -13.47 11.20 58.13
CA ALA B 249 -14.77 10.53 58.25
C ALA B 249 -14.69 9.01 58.08
N ILE B 250 -13.65 8.50 57.44
CA ILE B 250 -13.57 7.06 57.25
C ILE B 250 -12.48 6.42 58.10
N ASP B 251 -11.62 7.21 58.74
CA ASP B 251 -10.43 6.69 59.38
C ASP B 251 -10.60 6.70 60.90
N GLU B 252 -11.44 5.78 61.40
CA GLU B 252 -11.78 5.77 62.81
C GLU B 252 -10.58 5.41 63.69
N ASP B 253 -9.69 4.53 63.20
CA ASP B 253 -8.48 4.17 63.92
C ASP B 253 -7.32 5.14 63.66
N LYS B 254 -7.61 6.29 63.04
CA LYS B 254 -6.64 7.36 62.73
C LYS B 254 -5.32 6.81 62.19
N LYS B 255 -5.42 5.87 61.24
CA LYS B 255 -4.22 5.25 60.65
C LYS B 255 -3.56 6.17 59.63
N TYR B 256 -4.36 6.84 58.81
CA TYR B 256 -3.84 7.69 57.75
C TYR B 256 -3.94 9.16 58.08
N ILE B 257 -4.89 9.56 58.93
CA ILE B 257 -5.18 10.98 59.10
C ILE B 257 -4.05 11.69 59.86
N ILE B 258 -3.46 11.04 60.86
CA ILE B 258 -2.41 11.71 61.61
C ILE B 258 -1.16 11.90 60.74
N PRO B 259 -0.63 10.89 60.04
CA PRO B 259 0.60 11.16 59.28
C PRO B 259 0.37 12.07 58.09
N LEU B 260 -0.85 12.13 57.54
CA LEU B 260 -1.09 13.02 56.41
C LEU B 260 -0.98 14.48 56.82
N LYS B 261 -1.65 14.86 57.93
CA LYS B 261 -1.57 16.25 58.40
C LYS B 261 -0.14 16.65 58.74
N LYS B 262 0.64 15.70 59.27
CA LYS B 262 2.08 15.90 59.40
C LYS B 262 2.68 16.24 58.04
N VAL B 263 2.42 15.39 57.05
CA VAL B 263 2.92 15.62 55.69
C VAL B 263 2.50 17.00 55.18
N GLN B 264 1.25 17.40 55.46
N GLN B 264 1.25 17.41 55.47
CA GLN B 264 0.71 18.63 54.87
CA GLN B 264 0.73 18.62 54.84
C GLN B 264 1.64 19.81 55.13
C GLN B 264 1.60 19.83 55.14
N LYS B 265 2.07 19.97 56.38
CA LYS B 265 2.87 21.13 56.73
C LYS B 265 4.35 20.81 56.90
N PHE B 266 4.75 19.54 56.83
CA PHE B 266 6.13 19.26 56.45
C PHE B 266 6.44 19.88 55.07
N ILE B 267 5.52 19.71 54.11
CA ILE B 267 5.69 20.31 52.79
C ILE B 267 5.66 21.83 52.89
N GLN B 268 4.71 22.38 53.67
CA GLN B 268 4.56 23.83 53.77
C GLN B 268 5.82 24.48 54.35
N GLU B 269 6.43 23.85 55.36
CA GLU B 269 7.75 24.30 55.82
C GLU B 269 8.75 24.30 54.68
N TYR B 270 8.84 23.17 53.97
CA TYR B 270 9.77 23.06 52.86
C TYR B 270 9.50 24.10 51.78
N SER B 271 8.24 24.57 51.69
CA SER B 271 7.91 25.65 50.77
C SER B 271 8.79 26.86 50.99
N GLU B 272 9.02 27.21 52.26
CA GLU B 272 9.71 28.45 52.59
C GLU B 272 11.22 28.27 52.77
N ILE B 273 11.76 27.11 52.43
CA ILE B 273 13.20 26.91 52.47
C ILE B 273 13.79 27.20 51.10
N GLU B 274 15.00 27.76 51.11
CA GLU B 274 15.71 28.07 49.88
C GLU B 274 16.34 26.82 49.28
N ILE B 275 16.39 26.78 47.94
CA ILE B 275 17.01 25.67 47.21
C ILE B 275 18.47 25.53 47.58
N GLY B 276 18.86 24.30 47.90
CA GLY B 276 20.15 24.00 48.50
C GLY B 276 20.10 23.83 50.00
N GLU B 277 19.09 24.38 50.66
CA GLU B 277 19.02 24.35 52.11
C GLU B 277 17.90 23.46 52.65
N GLY B 278 17.17 22.76 51.79
CA GLY B 278 16.02 21.98 52.22
C GLY B 278 16.23 20.48 52.29
N ILE B 279 17.47 19.99 52.26
CA ILE B 279 17.71 18.56 52.10
C ILE B 279 17.12 17.78 53.26
N GLU B 280 17.38 18.24 54.50
CA GLU B 280 16.89 17.50 55.67
C GLU B 280 15.38 17.54 55.76
N LYS B 281 14.78 18.71 55.47
CA LYS B 281 13.33 18.83 55.47
C LYS B 281 12.72 17.92 54.41
N LEU B 282 13.37 17.84 53.25
CA LEU B 282 12.89 16.98 52.18
C LEU B 282 12.90 15.52 52.61
N LYS B 283 13.98 15.10 53.28
CA LYS B 283 14.08 13.74 53.81
C LYS B 283 12.98 13.46 54.82
N GLU B 284 12.58 14.47 55.60
CA GLU B 284 11.49 14.32 56.55
C GLU B 284 10.16 14.11 55.82
N ILE B 285 10.04 14.66 54.60
CA ILE B 285 8.85 14.48 53.79
C ILE B 285 8.81 13.06 53.22
N TYR B 286 9.93 12.59 52.70
CA TYR B 286 10.04 11.22 52.20
C TYR B 286 9.75 10.22 53.32
N GLN B 287 10.53 10.28 54.41
CA GLN B 287 10.36 9.32 55.51
C GLN B 287 8.91 9.25 55.97
N GLU B 288 8.25 10.41 56.08
CA GLU B 288 6.88 10.41 56.57
C GLU B 288 5.92 9.80 55.53
N SER B 290 6.80 7.70 52.94
CA SER B 290 7.14 6.29 52.69
C SER B 290 6.52 5.38 53.74
N GLN B 291 6.49 5.82 55.01
CA GLN B 291 5.74 5.08 56.02
C GLN B 291 4.28 4.90 55.63
N ILE B 292 3.73 5.80 54.80
CA ILE B 292 2.36 5.65 54.37
C ILE B 292 2.26 4.70 53.18
N LEU B 293 3.20 4.79 52.23
CA LEU B 293 3.21 3.95 51.02
C LEU B 293 4.49 4.10 50.21
N GLU B 294 5.21 3.00 50.03
CA GLU B 294 6.39 2.97 49.17
C GLU B 294 6.05 3.42 47.75
N ASN B 295 6.91 4.25 47.15
CA ASN B 295 6.76 4.64 45.75
C ASN B 295 8.04 5.32 45.27
N ASP B 296 8.39 5.10 44.00
CA ASP B 296 9.65 5.60 43.45
C ASP B 296 9.79 7.10 43.62
N ASN B 297 8.68 7.82 43.71
CA ASN B 297 8.67 9.27 43.84
C ASN B 297 7.58 9.67 44.83
N TYR B 298 7.80 10.79 45.51
CA TYR B 298 6.85 11.30 46.48
C TYR B 298 6.34 12.70 46.18
N ILE B 299 7.17 13.57 45.58
CA ILE B 299 6.87 14.98 45.45
C ILE B 299 7.20 15.44 44.03
N GLN B 300 6.35 16.30 43.47
CA GLN B 300 6.66 17.03 42.24
C GLN B 300 6.77 18.52 42.55
N ILE B 301 7.72 19.20 41.91
CA ILE B 301 7.89 20.63 42.11
C ILE B 301 8.06 21.33 40.76
N ASP B 302 7.26 22.37 40.51
CA ASP B 302 7.39 23.22 39.33
C ASP B 302 7.89 24.60 39.78
N LEU B 303 9.17 24.87 39.54
CA LEU B 303 9.75 26.16 39.92
C LEU B 303 9.21 27.26 39.02
N ILE B 304 8.55 28.26 39.62
CA ILE B 304 8.15 29.45 38.87
C ILE B 304 8.85 30.67 39.45
N SER B 305 8.87 31.74 38.63
CA SER B 305 9.63 32.95 38.89
C SER B 305 8.89 34.17 38.32
N ASP B 306 9.12 35.34 38.94
CA ASP B 306 8.48 36.57 38.49
C ASP B 306 9.48 37.50 37.81
N SER B 307 10.46 36.94 37.10
CA SER B 307 11.29 37.71 36.19
C SER B 307 10.49 38.15 34.98
N GLU B 308 11.12 38.92 34.11
CA GLU B 308 10.43 39.42 32.91
C GLU B 308 11.48 39.71 31.83
N ILE B 309 11.83 38.66 31.08
CA ILE B 309 12.67 38.84 29.91
C ILE B 309 11.87 39.59 28.85
N ASN B 310 12.56 40.43 28.09
CA ASN B 310 11.95 41.20 27.01
C ASN B 310 12.61 40.86 25.69
N PHE B 311 11.78 40.70 24.66
CA PHE B 311 12.24 40.53 23.29
C PHE B 311 11.92 41.81 22.51
N ASP B 312 12.74 42.09 21.50
CA ASP B 312 12.63 43.24 20.60
C ASP B 312 11.29 43.39 19.88
N VAL B 313 11.23 44.42 19.05
CA VAL B 313 10.28 44.38 17.95
C VAL B 313 10.86 43.60 16.77
N LYS B 314 12.17 43.75 16.52
CA LYS B 314 12.82 43.03 15.44
C LYS B 314 12.79 41.53 15.68
N GLN B 315 12.82 41.12 16.94
N GLN B 315 12.81 41.11 16.94
CA GLN B 315 12.71 39.70 17.25
CA GLN B 315 12.71 39.68 17.22
C GLN B 315 11.28 39.22 17.09
C GLN B 315 11.27 39.21 17.10
N LYS B 316 10.31 40.01 17.56
CA LYS B 316 8.90 39.64 17.43
C LYS B 316 8.50 39.47 15.97
N GLN B 317 8.98 40.35 15.09
CA GLN B 317 8.63 40.20 13.66
C GLN B 317 9.30 39.00 13.05
N GLN B 318 10.47 38.64 13.56
CA GLN B 318 11.15 37.45 13.09
C GLN B 318 10.39 36.18 13.47
N LEU B 319 9.86 36.15 14.70
CA LEU B 319 9.13 34.99 15.16
C LEU B 319 7.79 34.87 14.43
N GLU B 320 7.06 35.98 14.28
CA GLU B 320 5.84 35.97 13.48
C GLU B 320 6.12 35.60 12.02
N HIS B 321 7.22 36.09 11.48
CA HIS B 321 7.60 35.68 10.14
C HIS B 321 7.86 34.19 10.10
N LEU B 322 8.48 33.64 11.15
CA LEU B 322 8.65 32.20 11.23
C LEU B 322 7.29 31.50 11.24
N ALA B 323 6.38 31.93 12.12
CA ALA B 323 5.09 31.24 12.24
C ALA B 323 4.32 31.27 10.93
N GLU B 324 4.36 32.40 10.21
CA GLU B 324 3.64 32.45 8.93
C GLU B 324 4.15 31.37 7.98
N PHE B 325 5.47 31.21 7.91
CA PHE B 325 6.11 30.27 6.97
C PHE B 325 5.78 28.80 7.30
N LEU B 326 5.94 28.40 8.56
CA LEU B 326 5.58 27.03 8.93
C LEU B 326 4.09 26.80 8.69
N GLY B 327 3.27 27.80 9.00
CA GLY B 327 1.85 27.64 8.78
C GLY B 327 1.53 27.46 7.31
N ASN B 328 2.17 28.27 6.46
CA ASN B 328 1.91 28.19 5.04
C ASN B 328 2.24 26.83 4.47
N THR B 329 3.21 26.12 5.04
CA THR B 329 3.59 24.84 4.45
C THR B 329 2.47 23.81 4.53
N THR B 330 1.51 23.99 5.47
CA THR B 330 0.44 23.01 5.58
C THR B 330 -0.44 22.98 4.35
N LYS B 331 -0.46 24.07 3.57
CA LYS B 331 -1.26 24.10 2.35
C LYS B 331 -0.95 22.95 1.41
N SER B 332 0.24 22.39 1.48
CA SER B 332 0.60 21.27 0.62
C SER B 332 0.18 19.92 1.20
N VAL B 333 -0.34 19.90 2.43
CA VAL B 333 -0.98 18.70 2.97
C VAL B 333 -2.36 18.54 2.31
N ARG B 334 -2.53 17.47 1.53
CA ARG B 334 -3.75 17.27 0.79
C ARG B 334 -4.50 15.98 1.14
N ARG B 335 -3.84 14.96 1.74
CA ARG B 335 -4.55 13.75 2.16
C ARG B 335 -3.90 13.18 3.42
N THR B 336 -4.64 13.14 4.54
CA THR B 336 -4.17 12.59 5.81
C THR B 336 -4.80 11.23 6.09
N TYR B 337 -4.40 10.61 7.21
CA TYR B 337 -5.08 9.38 7.65
C TYR B 337 -6.54 9.62 8.09
N LEU B 338 -6.85 10.79 8.67
CA LEU B 338 -8.25 11.09 8.98
C LEU B 338 -9.04 11.37 7.72
N ASP B 339 -8.39 11.83 6.66
CA ASP B 339 -9.06 11.90 5.37
C ASP B 339 -9.47 10.51 4.90
N ASP B 340 -8.56 9.54 4.96
CA ASP B 340 -8.95 8.18 4.60
C ASP B 340 -10.06 7.66 5.50
N TYR B 341 -10.01 8.02 6.79
CA TYR B 341 -11.00 7.54 7.75
C TYR B 341 -12.36 8.13 7.44
N LYS B 342 -12.39 9.43 7.12
CA LYS B 342 -13.64 10.05 6.69
C LYS B 342 -14.23 9.29 5.51
N ASP B 343 -13.38 8.89 4.55
CA ASP B 343 -13.87 8.20 3.37
C ASP B 343 -14.44 6.82 3.72
N LYS B 344 -13.82 6.10 4.66
CA LYS B 344 -14.43 4.88 5.14
C LYS B 344 -15.77 5.19 5.81
N PHE B 345 -15.78 6.23 6.66
CA PHE B 345 -16.99 6.66 7.38
C PHE B 345 -18.16 6.87 6.42
N ILE B 346 -17.95 7.67 5.37
CA ILE B 346 -19.01 7.97 4.41
C ILE B 346 -19.46 6.70 3.66
N GLU B 347 -18.51 5.84 3.28
CA GLU B 347 -18.91 4.63 2.58
C GLU B 347 -19.82 3.77 3.47
N LYS B 348 -19.53 3.70 4.78
CA LYS B 348 -20.31 2.85 5.67
C LYS B 348 -21.63 3.49 6.06
N TYR B 349 -21.63 4.81 6.31
CA TYR B 349 -22.75 5.50 6.96
C TYR B 349 -23.45 6.55 6.09
N GLY B 350 -22.89 6.91 4.95
CA GLY B 350 -23.46 8.04 4.27
C GLY B 350 -23.16 9.30 5.08
N VAL B 351 -24.01 10.31 4.91
CA VAL B 351 -23.73 11.59 5.54
C VAL B 351 -24.88 12.07 6.41
N ASP B 352 -25.87 11.22 6.68
CA ASP B 352 -27.06 11.66 7.41
C ASP B 352 -27.18 11.02 8.76
N GLN B 353 -26.18 10.23 9.17
CA GLN B 353 -26.21 9.47 10.41
C GLN B 353 -25.26 10.06 11.43
N GLU B 354 -25.66 10.05 12.68
CA GLU B 354 -24.74 10.29 13.77
C GLU B 354 -24.52 8.96 14.50
N VAL B 355 -23.26 8.60 14.69
CA VAL B 355 -22.87 7.27 15.11
C VAL B 355 -22.25 7.38 16.49
N GLN B 356 -22.77 6.62 17.44
CA GLN B 356 -22.18 6.62 18.76
C GLN B 356 -20.71 6.23 18.68
N ILE B 357 -19.87 6.95 19.41
CA ILE B 357 -18.43 6.90 19.16
C ILE B 357 -17.87 5.50 19.39
N THR B 358 -18.39 4.77 20.37
CA THR B 358 -17.78 3.47 20.60
C THR B 358 -18.27 2.46 19.58
N GLU B 359 -19.49 2.65 19.09
CA GLU B 359 -20.02 1.80 18.04
C GLU B 359 -19.18 2.07 16.78
N LEU B 360 -18.92 3.36 16.52
CA LEU B 360 -18.11 3.78 15.38
C LEU B 360 -16.74 3.14 15.40
N PHE B 361 -16.08 3.14 16.55
CA PHE B 361 -14.69 2.67 16.63
C PHE B 361 -14.59 1.16 16.81
N ASP B 362 -15.72 0.45 16.95
CA ASP B 362 -15.68 -1.01 17.05
C ASP B 362 -15.28 -1.62 15.71
N SER B 363 -14.25 -2.46 15.72
CA SER B 363 -13.71 -3.04 14.49
C SER B 363 -14.55 -4.18 13.95
N THR B 364 -15.54 -4.66 14.69
CA THR B 364 -16.46 -5.63 14.13
C THR B 364 -17.77 -5.01 13.71
N PHE B 365 -18.28 -4.07 14.48
CA PHE B 365 -19.57 -3.47 14.16
C PHE B 365 -19.45 -2.09 13.52
N GLY B 366 -18.27 -1.47 13.60
CA GLY B 366 -18.09 -0.12 13.07
C GLY B 366 -17.08 -0.10 11.94
N ILE B 367 -16.25 0.92 11.90
CA ILE B 367 -15.18 1.00 10.91
C ILE B 367 -13.81 0.84 11.55
N GLY B 368 -13.76 0.52 12.83
CA GLY B 368 -12.46 0.50 13.48
C GLY B 368 -11.91 1.91 13.67
N ALA B 369 -10.64 2.10 13.33
CA ALA B 369 -9.86 3.28 13.67
C ALA B 369 -9.05 3.74 12.47
N PRO B 370 -8.56 4.98 12.48
CA PRO B 370 -7.63 5.39 11.43
C PRO B 370 -6.40 4.51 11.44
N TYR B 371 -5.74 4.45 10.28
CA TYR B 371 -4.65 3.50 10.07
C TYR B 371 -3.51 3.74 11.05
N ASN B 372 -3.29 4.98 11.42
CA ASN B 372 -2.17 5.33 12.27
C ASN B 372 -2.47 5.17 13.76
N TYR B 373 -3.64 4.66 14.14
CA TYR B 373 -3.96 4.55 15.55
C TYR B 373 -3.47 3.22 16.12
N ASN B 374 -3.12 3.22 17.42
CA ASN B 374 -2.42 2.11 18.02
C ASN B 374 -3.08 1.53 19.27
N HIS B 375 -4.20 2.06 19.72
CA HIS B 375 -4.75 1.65 21.00
C HIS B 375 -6.19 1.21 20.75
N PRO B 376 -6.33 -0.13 20.68
CA PRO B 376 -6.32 -1.15 19.64
C PRO B 376 -5.89 -0.68 18.26
N ARG B 377 -4.72 -1.14 17.78
CA ARG B 377 -4.49 -1.22 16.34
C ARG B 377 -5.60 -2.04 15.71
N ASN B 378 -6.02 -1.68 14.51
CA ASN B 378 -7.09 -2.44 13.86
C ASN B 378 -6.65 -3.90 13.70
N ASP B 379 -7.53 -4.82 14.09
CA ASP B 379 -7.23 -6.24 14.06
C ASP B 379 -7.79 -6.92 12.82
N PHE B 380 -7.99 -6.15 11.75
CA PHE B 380 -8.36 -6.66 10.44
C PHE B 380 -7.31 -6.15 9.46
N TYR B 381 -7.07 -6.91 8.38
CA TYR B 381 -6.02 -6.53 7.46
C TYR B 381 -6.43 -5.30 6.66
N GLU B 382 -5.49 -4.37 6.55
CA GLU B 382 -5.68 -3.16 5.77
C GLU B 382 -4.31 -2.78 5.24
N SER B 383 -4.25 -2.44 3.97
CA SER B 383 -3.03 -1.92 3.38
C SER B 383 -2.99 -0.40 3.56
N GLU B 384 -1.78 0.10 3.78
CA GLU B 384 -1.56 1.48 4.15
C GLU B 384 -2.18 2.43 3.14
N PRO B 385 -3.09 3.32 3.56
CA PRO B 385 -3.79 4.15 2.59
C PRO B 385 -2.87 5.22 2.05
N SER B 386 -3.29 5.80 0.93
CA SER B 386 -2.50 6.83 0.29
C SER B 386 -2.60 8.12 1.09
N THR B 387 -1.45 8.69 1.41
CA THR B 387 -1.36 10.00 2.02
C THR B 387 -0.57 10.94 1.10
N LEU B 388 -0.84 12.23 1.26
CA LEU B 388 -0.17 13.26 0.45
C LEU B 388 0.15 14.42 1.39
N TYR B 389 1.39 14.45 1.90
CA TYR B 389 1.84 15.52 2.79
C TYR B 389 2.67 16.59 2.09
N TYR B 390 3.10 16.31 0.86
CA TYR B 390 3.78 17.31 0.04
C TYR B 390 3.61 16.83 -1.40
N SER B 391 3.95 17.72 -2.34
CA SER B 391 3.78 17.37 -3.74
C SER B 391 5.04 16.74 -4.29
N GLU B 392 4.95 16.10 -5.47
CA GLU B 392 6.19 15.56 -6.05
C GLU B 392 7.12 16.69 -6.46
N GLU B 393 6.58 17.77 -7.05
CA GLU B 393 7.43 18.89 -7.41
C GLU B 393 8.19 19.42 -6.19
N GLU B 394 7.51 19.50 -5.06
CA GLU B 394 8.18 19.96 -3.85
C GLU B 394 9.26 18.98 -3.42
N ARG B 395 8.98 17.68 -3.50
CA ARG B 395 10.02 16.72 -3.15
C ARG B 395 11.21 16.83 -4.11
N GLU B 396 10.94 17.06 -5.40
CA GLU B 396 12.03 17.33 -6.33
C GLU B 396 12.86 18.56 -5.89
N LYS B 397 12.18 19.61 -5.43
CA LYS B 397 12.91 20.82 -5.01
C LYS B 397 13.74 20.55 -3.75
N TYR B 398 13.15 19.86 -2.76
CA TYR B 398 13.88 19.60 -1.52
C TYR B 398 15.09 18.73 -1.78
N LEU B 399 14.91 17.66 -2.56
CA LEU B 399 16.06 16.82 -2.88
C LEU B 399 17.11 17.60 -3.67
N SER B 400 16.68 18.50 -4.54
CA SER B 400 17.62 19.31 -5.30
C SER B 400 18.46 20.11 -4.31
N TYR B 402 18.94 19.83 -1.31
CA TYR B 402 19.80 18.97 -0.51
C TYR B 402 21.10 18.65 -1.25
N VAL B 403 21.00 18.05 -2.45
CA VAL B 403 22.23 17.68 -3.17
C VAL B 403 23.12 18.89 -3.37
N GLU B 404 22.53 20.05 -3.63
CA GLU B 404 23.32 21.28 -3.79
C GLU B 404 24.15 21.56 -2.55
N ALA B 405 23.46 21.78 -1.42
CA ALA B 405 24.09 22.12 -0.15
C ALA B 405 25.19 21.13 0.23
N VAL B 406 24.96 19.83 0.01
CA VAL B 406 25.98 18.85 0.35
C VAL B 406 27.17 18.98 -0.59
N LYS B 407 26.91 19.03 -1.90
CA LYS B 407 27.98 19.22 -2.87
C LYS B 407 28.81 20.47 -2.55
N ASN B 408 28.17 21.51 -2.04
CA ASN B 408 28.84 22.79 -1.88
C ASN B 408 29.24 23.10 -0.46
N HIS B 409 29.05 22.18 0.48
CA HIS B 409 29.38 22.43 1.88
C HIS B 409 28.68 23.68 2.40
N ASN B 410 27.39 23.82 2.06
CA ASN B 410 26.53 24.92 2.48
C ASN B 410 25.46 24.44 3.43
N VAL B 411 24.77 25.41 4.04
CA VAL B 411 23.50 25.17 4.68
C VAL B 411 22.41 25.10 3.62
N ILE B 412 21.19 24.81 4.03
CA ILE B 412 20.01 24.76 3.17
C ILE B 412 19.12 25.91 3.57
N ASN B 413 18.76 26.75 2.62
CA ASN B 413 18.01 27.97 2.93
C ASN B 413 16.55 27.70 2.62
N LEU B 414 15.78 27.33 3.65
CA LEU B 414 14.36 27.07 3.46
C LEU B 414 13.62 28.30 2.93
N ASP B 415 14.14 29.52 3.22
CA ASP B 415 13.76 30.80 2.58
C ASP B 415 13.30 30.63 1.14
N ASP B 416 14.14 29.94 0.36
CA ASP B 416 14.00 29.75 -1.08
C ASP B 416 12.57 29.42 -1.48
N LEU B 417 11.88 28.67 -0.64
CA LEU B 417 10.53 28.24 -0.93
C LEU B 417 9.49 29.08 -0.23
N GLU B 418 9.89 30.19 0.40
CA GLU B 418 8.92 30.97 1.15
C GLU B 418 7.81 31.46 0.23
N SER B 419 8.17 32.14 -0.87
CA SER B 419 7.15 32.67 -1.77
C SER B 419 6.30 31.57 -2.41
N HIS B 420 6.89 30.41 -2.67
CA HIS B 420 6.10 29.27 -3.13
C HIS B 420 4.89 29.05 -2.22
N TYR B 421 5.14 28.94 -0.92
CA TYR B 421 4.06 28.65 0.01
C TYR B 421 3.15 29.86 0.25
N GLN B 422 3.68 31.09 0.14
CA GLN B 422 2.86 32.28 0.36
C GLN B 422 1.86 32.50 -0.77
N LYS B 423 2.32 32.40 -2.02
CA LYS B 423 1.45 32.62 -3.17
C LYS B 423 0.46 31.49 -3.37
N ASP B 425 -2.39 28.84 -3.70
CA ASP B 425 -3.81 28.53 -3.50
C ASP B 425 -4.41 29.44 -2.44
N LEU B 426 -4.62 30.72 -2.78
CA LEU B 426 -5.26 31.66 -1.86
C LEU B 426 -6.78 31.55 -2.01
N GLU B 427 -7.27 30.32 -1.82
CA GLU B 427 -8.66 29.97 -2.12
C GLU B 427 -9.37 29.27 -0.95
N LYS B 428 -9.31 27.92 -0.90
CA LYS B 428 -10.01 27.12 0.11
C LYS B 428 -9.65 27.56 1.53
N LYS B 429 -10.63 28.10 2.27
CA LYS B 429 -10.35 28.97 3.42
C LYS B 429 -9.79 28.18 4.59
N SER B 430 -8.65 28.64 5.13
CA SER B 430 -7.84 27.91 6.10
C SER B 430 -8.25 28.23 7.54
N GLU B 431 -8.19 27.20 8.39
CA GLU B 431 -8.77 27.28 9.73
C GLU B 431 -7.81 27.06 10.89
N LEU B 432 -6.51 26.93 10.63
CA LEU B 432 -5.47 27.02 11.66
C LEU B 432 -5.72 28.21 12.59
N GLN B 433 -5.95 27.90 13.88
CA GLN B 433 -6.14 28.96 14.88
C GLN B 433 -4.81 29.51 15.37
N GLY B 434 -3.81 28.66 15.55
CA GLY B 434 -2.56 29.15 16.07
C GLY B 434 -1.58 28.05 16.38
N LEU B 435 -0.38 28.50 16.75
CA LEU B 435 0.79 27.66 16.93
C LEU B 435 1.42 27.95 18.28
N GLU B 436 2.09 26.95 18.83
CA GLU B 436 3.00 27.15 19.96
C GLU B 436 4.34 26.61 19.50
N LEU B 437 5.30 27.50 19.25
CA LEU B 437 6.62 27.09 18.82
C LEU B 437 7.56 27.02 20.03
N PHE B 438 8.58 26.16 19.91
CA PHE B 438 9.54 25.88 20.97
C PHE B 438 10.93 26.22 20.47
N LEU B 439 11.55 27.25 21.07
CA LEU B 439 12.77 27.84 20.56
C LEU B 439 13.86 27.88 21.63
N ASN B 440 15.06 27.40 21.27
CA ASN B 440 16.28 27.53 22.08
C ASN B 440 16.97 28.87 21.78
N LEU B 441 17.70 29.39 22.78
CA LEU B 441 18.45 30.65 22.62
C LEU B 441 19.95 30.42 22.74
N ALA B 442 20.68 30.71 21.65
CA ALA B 442 22.13 30.55 21.65
C ALA B 442 22.77 31.70 20.88
N LYS B 443 24.10 31.67 20.76
CA LYS B 443 24.86 32.64 19.98
C LYS B 443 25.62 31.91 18.88
N GLU B 444 25.89 32.62 17.80
CA GLU B 444 26.85 32.14 16.82
C GLU B 444 27.44 33.36 16.17
N TYR B 445 28.76 33.33 15.96
CA TYR B 445 29.50 34.49 15.48
C TYR B 445 28.96 35.72 16.19
N GLU B 446 29.25 35.79 17.50
CA GLU B 446 29.00 36.91 18.40
C GLU B 446 27.52 37.29 18.61
N LYS B 447 26.63 37.09 17.61
CA LYS B 447 25.27 37.62 17.69
C LYS B 447 24.24 36.59 18.16
N ASP B 448 23.14 37.09 18.74
CA ASP B 448 22.11 36.24 19.35
C ASP B 448 21.18 35.65 18.31
N ILE B 449 20.88 34.34 18.42
CA ILE B 449 20.03 33.63 17.47
C ILE B 449 19.02 32.71 18.16
N PHE B 450 17.98 32.35 17.40
CA PHE B 450 17.04 31.31 17.76
C PHE B 450 17.38 29.99 17.08
N ILE B 451 17.29 28.90 17.83
CA ILE B 451 17.36 27.56 17.27
C ILE B 451 16.03 26.89 17.53
N LEU B 452 15.33 26.50 16.45
CA LEU B 452 14.07 25.79 16.60
C LEU B 452 14.28 24.50 17.37
N GLY B 453 13.32 24.17 18.21
CA GLY B 453 13.38 22.91 18.93
C GLY B 453 13.42 21.76 17.96
N ASP B 454 13.82 20.58 18.43
CA ASP B 454 13.57 19.39 17.64
C ASP B 454 12.09 19.02 17.70
N ILE B 455 11.45 19.38 18.82
CA ILE B 455 10.00 19.28 19.00
C ILE B 455 9.24 20.20 18.06
N VAL B 456 9.89 21.27 17.59
CA VAL B 456 9.32 22.33 16.74
C VAL B 456 8.15 23.00 17.45
N GLY B 457 7.05 22.29 17.56
CA GLY B 457 5.86 22.82 18.17
C GLY B 457 4.65 22.08 17.64
N ASN B 458 3.49 22.67 17.89
CA ASN B 458 2.24 22.06 17.49
C ASN B 458 1.18 23.15 17.41
N ASN B 459 -0.08 22.74 17.25
CA ASN B 459 -1.20 23.65 17.08
C ASN B 459 -2.16 23.60 18.26
N ASN B 460 -1.67 23.24 19.45
CA ASN B 460 -2.48 23.04 20.65
C ASN B 460 -2.33 24.24 21.60
N LEU B 461 -3.22 25.23 21.45
CA LEU B 461 -3.07 26.49 22.18
C LEU B 461 -3.34 26.31 23.68
N GLY B 462 -2.40 26.78 24.49
CA GLY B 462 -2.42 26.61 25.92
C GLY B 462 -1.68 25.40 26.41
N GLY B 463 -1.21 24.54 25.51
CA GLY B 463 -0.70 23.25 25.93
C GLY B 463 0.55 23.34 26.77
N ALA B 464 1.42 24.32 26.48
CA ALA B 464 2.71 24.38 27.17
C ALA B 464 2.63 25.07 28.52
N SER B 465 1.48 25.65 28.83
CA SER B 465 1.29 26.50 30.00
C SER B 465 0.18 26.03 30.94
N GLY B 466 -0.53 24.97 30.61
CA GLY B 466 -1.63 24.55 31.46
C GLY B 466 -1.22 23.76 32.69
N ARG B 467 -0.05 23.13 32.67
CA ARG B 467 0.48 22.56 33.90
C ARG B 467 0.73 23.66 34.93
N PHE B 468 1.04 24.88 34.48
CA PHE B 468 1.48 25.98 35.34
C PHE B 468 0.34 26.91 35.76
N SER B 469 -0.67 27.11 34.92
CA SER B 469 -1.79 28.01 35.17
C SER B 469 -2.21 28.09 36.63
N ALA B 470 -2.24 26.96 37.33
CA ALA B 470 -2.77 26.94 38.69
C ALA B 470 -1.78 27.41 39.75
N LEU B 471 -0.56 27.80 39.36
CA LEU B 471 0.49 28.01 40.34
C LEU B 471 0.61 29.45 40.82
N SER B 472 -0.02 30.39 40.15
CA SER B 472 -0.02 31.78 40.60
C SER B 472 -1.07 32.54 39.82
N PRO B 473 -1.74 33.53 40.42
CA PRO B 473 -2.75 34.30 39.66
C PRO B 473 -2.21 34.89 38.37
N GLU B 474 -0.91 35.16 38.29
CA GLU B 474 -0.32 35.70 37.06
C GLU B 474 -0.18 34.62 36.00
N LEU B 475 0.05 33.37 36.41
CA LEU B 475 0.03 32.27 35.46
C LEU B 475 -1.38 31.97 35.01
N THR B 476 -2.34 31.98 35.93
CA THR B 476 -3.72 31.79 35.53
C THR B 476 -4.14 32.89 34.57
N SER B 477 -3.57 34.07 34.72
CA SER B 477 -3.89 35.16 33.81
C SER B 477 -3.27 34.91 32.44
N TYR B 478 -2.01 34.45 32.42
CA TYR B 478 -1.35 34.14 31.17
C TYR B 478 -2.10 33.06 30.41
N HIS B 479 -2.48 31.99 31.11
CA HIS B 479 -3.10 30.85 30.44
C HIS B 479 -4.49 31.18 29.92
N ARG B 480 -5.22 32.05 30.61
CA ARG B 480 -6.53 32.42 30.11
C ARG B 480 -6.43 33.18 28.80
N THR B 481 -5.44 34.06 28.68
CA THR B 481 -5.35 34.89 27.47
C THR B 481 -5.00 34.06 26.23
N ILE B 482 -4.20 33.00 26.40
CA ILE B 482 -3.86 32.12 25.28
C ILE B 482 -5.08 31.31 24.87
N VAL B 483 -5.65 30.57 25.82
CA VAL B 483 -6.83 29.76 25.57
C VAL B 483 -8.02 30.62 25.17
N ASP B 484 -7.95 31.92 25.43
CA ASP B 484 -9.08 32.82 25.19
C ASP B 484 -9.50 32.82 23.73
N SER B 485 -8.52 32.92 22.83
CA SER B 485 -8.80 32.91 21.38
C SER B 485 -9.74 31.78 20.98
N VAL B 486 -9.41 30.56 21.39
CA VAL B 486 -10.17 29.37 21.00
C VAL B 486 -11.56 29.38 21.61
N GLU B 487 -11.68 29.85 22.85
CA GLU B 487 -12.98 29.84 23.52
C GLU B 487 -13.93 30.86 22.89
N ARG B 488 -13.44 32.06 22.59
CA ARG B 488 -14.29 33.03 21.91
C ARG B 488 -14.81 32.46 20.61
N GLU B 489 -13.90 31.99 19.76
CA GLU B 489 -14.28 31.30 18.53
C GLU B 489 -15.32 30.22 18.82
N ASN B 490 -15.09 29.40 19.85
CA ASN B 490 -16.03 28.31 20.11
C ASN B 490 -17.44 28.81 20.37
N GLU B 491 -17.58 29.98 20.99
CA GLU B 491 -18.91 30.45 21.38
C GLU B 491 -19.62 31.23 20.31
N ASN B 492 -18.90 31.83 19.35
CA ASN B 492 -19.58 32.43 18.20
C ASN B 492 -20.07 31.36 17.24
N LYS B 493 -19.38 30.22 17.19
CA LYS B 493 -19.82 29.08 16.40
C LYS B 493 -20.84 28.22 17.14
N GLU B 494 -21.13 28.56 18.39
CA GLU B 494 -22.13 27.89 19.21
C GLU B 494 -21.68 26.47 19.50
N ILE B 495 -20.48 26.35 20.09
CA ILE B 495 -19.86 25.06 20.37
C ILE B 495 -19.53 24.97 21.85
N THR B 496 -20.04 23.96 22.51
CA THR B 496 -19.63 23.67 23.88
C THR B 496 -18.26 22.98 23.90
N SER B 497 -17.31 23.56 24.64
CA SER B 497 -15.98 22.96 24.73
C SER B 497 -15.92 22.00 25.92
N CYS B 498 -15.09 20.97 25.79
CA CYS B 498 -14.78 20.11 26.93
C CYS B 498 -13.29 19.83 26.97
N GLU B 499 -12.84 19.53 28.18
CA GLU B 499 -11.46 19.17 28.46
C GLU B 499 -11.50 17.70 28.88
N ILE B 500 -10.64 16.89 28.28
CA ILE B 500 -10.64 15.49 28.64
C ILE B 500 -9.78 15.33 29.88
N VAL B 501 -10.41 15.00 31.00
CA VAL B 501 -9.70 14.79 32.27
C VAL B 501 -9.67 13.30 32.56
N PHE B 502 -8.49 12.75 32.77
CA PHE B 502 -8.39 11.31 32.82
C PHE B 502 -7.27 10.87 33.74
N LEU B 503 -7.42 9.66 34.26
CA LEU B 503 -6.31 8.96 34.88
C LEU B 503 -5.59 8.16 33.79
N PRO B 504 -4.32 8.43 33.54
CA PRO B 504 -3.61 7.67 32.49
C PRO B 504 -3.59 6.17 32.78
N GLU B 505 -3.73 5.41 31.69
CA GLU B 505 -3.86 3.95 31.76
C GLU B 505 -2.68 3.31 32.49
N ASN B 506 -1.49 3.84 32.26
CA ASN B 506 -0.29 3.45 32.97
C ASN B 506 -0.08 4.54 34.02
N ILE B 507 -0.19 4.18 35.30
CA ILE B 507 -0.23 5.23 36.32
C ILE B 507 1.15 5.83 36.61
N ARG B 508 2.21 5.31 36.00
CA ARG B 508 3.51 5.98 36.15
C ARG B 508 3.47 7.34 35.50
N HIS B 509 2.87 7.43 34.33
CA HIS B 509 2.71 8.66 33.56
C HIS B 509 1.78 9.66 34.20
N ALA B 510 1.33 9.40 35.43
CA ALA B 510 0.27 10.21 36.03
C ALA B 510 0.66 11.67 36.21
N ASN B 511 1.94 11.96 36.53
CA ASN B 511 2.35 13.33 36.80
C ASN B 511 2.26 14.25 35.59
N VAL B 512 1.98 13.70 34.39
CA VAL B 512 1.96 14.49 33.18
C VAL B 512 0.57 15.01 32.83
N HIS B 514 -1.56 16.74 34.34
CA HIS B 514 -2.13 17.89 35.05
C HIS B 514 -2.28 19.11 34.16
N THR B 515 -3.40 19.79 34.34
CA THR B 515 -3.76 21.03 33.66
C THR B 515 -5.04 21.58 34.29
N SER B 516 -5.17 22.89 34.28
CA SER B 516 -6.36 23.55 34.81
C SER B 516 -7.45 23.54 33.76
N ILE B 517 -8.70 23.52 34.23
CA ILE B 517 -9.86 23.30 33.36
C ILE B 517 -10.37 24.68 32.93
N ARG B 519 -12.54 25.12 30.12
CA ARG B 519 -13.52 24.81 29.08
C ARG B 519 -14.91 24.73 29.71
N ARG B 520 -15.96 24.73 28.87
CA ARG B 520 -17.30 24.82 29.43
C ARG B 520 -17.67 23.54 30.20
N LYS B 521 -17.42 22.36 29.61
CA LYS B 521 -17.74 21.08 30.26
C LYS B 521 -16.47 20.24 30.45
N VAL B 522 -16.65 19.03 30.98
CA VAL B 522 -15.55 18.09 31.18
C VAL B 522 -15.97 16.70 30.67
N LEU B 523 -15.02 15.99 30.06
CA LEU B 523 -15.18 14.56 29.82
C LEU B 523 -14.22 13.79 30.72
N PRO B 524 -14.73 13.07 31.73
CA PRO B 524 -13.84 12.36 32.65
C PRO B 524 -13.70 10.86 32.40
N PHE B 525 -12.54 10.30 32.79
CA PHE B 525 -12.31 8.86 32.79
C PHE B 525 -11.46 8.45 34.00
N PHE B 526 -11.95 7.43 34.74
CA PHE B 526 -11.28 6.94 35.94
C PHE B 526 -11.03 8.03 36.96
N THR B 527 -11.91 9.04 36.96
CA THR B 527 -11.90 10.10 37.96
C THR B 527 -13.19 10.90 37.81
N SER B 528 -13.36 11.91 38.68
CA SER B 528 -14.57 12.73 38.70
C SER B 528 -14.23 14.14 39.14
N THR B 529 -15.05 15.10 38.67
CA THR B 529 -14.81 16.53 38.87
C THR B 529 -16.08 17.24 39.31
N SER B 530 -15.91 18.52 39.67
CA SER B 530 -17.03 19.39 40.04
C SER B 530 -17.65 20.11 38.87
N HIS B 531 -17.11 19.98 37.65
CA HIS B 531 -17.71 20.67 36.51
C HIS B 531 -18.87 19.85 35.96
N ASN B 532 -19.57 20.44 34.99
CA ASN B 532 -20.55 19.70 34.22
C ASN B 532 -19.84 18.71 33.31
N GLU B 533 -20.26 17.46 33.36
CA GLU B 533 -19.59 16.38 32.68
C GLU B 533 -20.44 15.82 31.53
N VAL B 534 -19.76 15.54 30.40
CA VAL B 534 -20.34 14.80 29.28
C VAL B 534 -20.20 13.32 29.56
N LEU B 535 -21.25 12.53 29.26
CA LEU B 535 -21.16 11.07 29.29
C LEU B 535 -20.67 10.54 27.95
N LEU B 536 -19.65 9.68 28.02
CA LEU B 536 -19.04 9.07 26.85
C LEU B 536 -20.09 8.53 25.89
N THR B 537 -21.12 7.86 26.41
CA THR B 537 -22.13 7.24 25.58
C THR B 537 -23.18 8.22 25.07
N ASN B 538 -23.03 9.52 25.35
CA ASN B 538 -23.85 10.52 24.66
C ASN B 538 -23.13 11.12 23.45
N ILE B 539 -21.85 10.81 23.24
CA ILE B 539 -21.08 11.37 22.15
C ILE B 539 -21.37 10.62 20.85
N TYR B 540 -21.88 11.33 19.86
CA TYR B 540 -22.16 10.78 18.55
C TYR B 540 -21.34 11.55 17.51
N ILE B 541 -20.77 10.85 16.53
CA ILE B 541 -19.91 11.48 15.52
C ILE B 541 -20.72 11.67 14.23
N GLY B 542 -20.61 12.86 13.63
CA GLY B 542 -21.20 13.13 12.34
C GLY B 542 -20.27 13.73 11.30
N ILE B 543 -20.85 14.12 10.16
CA ILE B 543 -20.12 14.68 9.01
C ILE B 543 -20.86 15.94 8.57
N ASP B 544 -20.11 16.93 8.15
CA ASP B 544 -20.60 18.26 7.80
C ASP B 544 -21.16 18.58 6.46
N GLU B 545 -21.44 19.84 6.32
CA GLU B 545 -21.89 20.36 5.10
C GLU B 545 -20.61 20.45 4.29
N LYS B 546 -19.47 20.54 4.98
CA LYS B 546 -18.17 20.68 4.30
C LYS B 546 -17.34 19.40 4.38
N GLU B 547 -17.92 18.30 4.86
CA GLU B 547 -17.25 16.99 4.96
C GLU B 547 -16.17 16.98 6.06
N LYS B 548 -16.47 17.61 7.19
CA LYS B 548 -15.60 17.54 8.35
C LYS B 548 -16.30 16.77 9.46
N PHE B 549 -15.51 16.02 10.22
CA PHE B 549 -16.02 15.37 11.42
C PHE B 549 -16.47 16.41 12.43
N TYR B 550 -17.57 16.11 13.11
CA TYR B 550 -17.96 16.84 14.31
C TYR B 550 -18.53 15.85 15.32
N ALA B 551 -18.58 16.28 16.56
CA ALA B 551 -19.18 15.51 17.64
C ALA B 551 -20.37 16.27 18.22
N ARG B 552 -21.39 15.53 18.62
CA ARG B 552 -22.57 16.13 19.23
C ARG B 552 -22.96 15.28 20.43
N ASP B 553 -23.34 15.95 21.54
CA ASP B 553 -23.90 15.26 22.70
C ASP B 553 -25.39 15.01 22.45
N ILE B 554 -25.77 13.74 22.36
CA ILE B 554 -27.12 13.34 21.98
C ILE B 554 -28.15 13.85 23.00
N SER B 555 -27.76 14.00 24.27
CA SER B 555 -28.71 14.33 25.32
C SER B 555 -29.11 15.81 25.35
N THR B 556 -28.43 16.67 24.61
CA THR B 556 -28.74 18.11 24.60
C THR B 556 -28.68 18.71 23.21
N GLN B 557 -28.20 17.96 22.22
CA GLN B 557 -27.98 18.36 20.84
C GLN B 557 -26.88 19.39 20.65
N GLU B 558 -26.01 19.67 21.64
CA GLU B 558 -24.91 20.59 21.39
C GLU B 558 -23.79 19.91 20.60
N VAL B 559 -23.15 20.71 19.75
CA VAL B 559 -21.89 20.32 19.11
C VAL B 559 -20.75 20.50 20.10
N LEU B 560 -19.78 19.57 20.08
CA LEU B 560 -18.70 19.57 21.06
C LEU B 560 -17.35 19.68 20.36
N LYS B 561 -16.40 20.32 21.04
CA LYS B 561 -14.99 20.24 20.68
C LYS B 561 -14.24 19.85 21.94
N PHE B 562 -13.20 19.03 21.79
CA PHE B 562 -12.53 18.44 22.94
C PHE B 562 -11.08 18.90 23.01
N TYR B 563 -10.58 19.00 24.23
CA TYR B 563 -9.28 19.62 24.49
C TYR B 563 -8.51 18.81 25.51
N ILE B 564 -7.21 18.72 25.28
CA ILE B 564 -6.24 18.19 26.24
C ILE B 564 -5.17 19.27 26.27
N THR B 565 -5.21 20.13 27.29
CA THR B 565 -4.43 21.36 27.29
C THR B 565 -3.18 21.18 28.13
N SER B 566 -2.34 20.25 27.70
CA SER B 566 -1.13 19.88 28.41
C SER B 566 -0.12 19.35 27.41
N TYR B 568 0.93 16.35 27.22
CA TYR B 568 0.77 14.90 27.16
C TYR B 568 0.75 14.37 25.72
N ASN B 569 1.50 13.27 25.50
CA ASN B 569 1.63 12.62 24.19
C ASN B 569 0.29 12.12 23.66
N LYS B 570 -0.19 12.73 22.58
CA LYS B 570 -1.56 12.48 22.14
C LYS B 570 -1.77 11.12 21.49
N THR B 571 -0.69 10.41 21.12
CA THR B 571 -0.81 9.12 20.44
C THR B 571 -0.95 7.95 21.41
N LEU B 572 -0.88 8.22 22.73
CA LEU B 572 -1.00 7.18 23.74
C LEU B 572 -2.40 7.02 24.26
N PHE B 573 -3.33 7.88 23.86
CA PHE B 573 -4.73 7.74 24.21
C PHE B 573 -5.37 6.57 23.47
N SER B 574 -6.31 5.93 24.16
CA SER B 574 -7.32 5.13 23.51
C SER B 574 -7.83 5.83 22.27
N ASN B 575 -8.19 5.05 21.24
CA ASN B 575 -8.50 5.64 19.94
C ASN B 575 -9.61 6.65 20.01
N GLU B 576 -10.70 6.31 20.71
CA GLU B 576 -11.83 7.24 20.76
C GLU B 576 -11.40 8.58 21.29
N LEU B 577 -10.57 8.60 22.33
CA LEU B 577 -10.12 9.85 22.92
C LEU B 577 -9.20 10.62 21.97
N ARG B 578 -8.20 9.94 21.39
CA ARG B 578 -7.35 10.59 20.38
C ARG B 578 -8.20 11.17 19.25
N PHE B 579 -9.22 10.43 18.82
CA PHE B 579 -10.11 10.93 17.77
C PHE B 579 -10.71 12.27 18.15
N LEU B 580 -11.26 12.37 19.36
CA LEU B 580 -11.99 13.58 19.75
C LEU B 580 -11.06 14.78 19.85
N TYR B 581 -9.80 14.55 20.21
CA TYR B 581 -8.82 15.64 20.23
C TYR B 581 -8.53 16.12 18.81
N GLU B 582 -8.25 15.19 17.89
CA GLU B 582 -7.79 15.56 16.55
C GLU B 582 -8.87 16.19 15.70
N ILE B 583 -10.15 15.81 15.87
CA ILE B 583 -11.19 16.41 15.06
C ILE B 583 -11.58 17.80 15.54
N SER B 584 -11.02 18.24 16.66
CA SER B 584 -11.32 19.52 17.26
C SER B 584 -10.24 20.56 16.96
N LEU B 585 -9.24 20.19 16.19
CA LEU B 585 -8.22 21.08 15.67
C LEU B 585 -8.27 21.04 14.14
N ASP B 586 -7.49 21.92 13.51
CA ASP B 586 -7.15 21.69 12.10
C ASP B 586 -6.29 20.44 12.00
N ASP B 587 -6.39 19.74 10.88
CA ASP B 587 -5.75 18.43 10.75
C ASP B 587 -4.36 18.51 10.12
N LYS B 588 -3.92 19.68 9.65
CA LYS B 588 -2.83 19.71 8.70
C LYS B 588 -1.44 19.87 9.32
N PHE B 589 -1.29 20.60 10.42
CA PHE B 589 0.05 20.78 10.99
C PHE B 589 0.60 19.51 11.66
N GLY B 590 1.92 19.37 11.67
CA GLY B 590 2.53 18.20 12.29
C GLY B 590 3.65 17.56 11.52
N ASN B 591 3.58 17.60 10.19
CA ASN B 591 4.49 16.86 9.29
C ASN B 591 5.20 17.82 8.36
N LEU B 592 6.24 18.52 8.85
CA LEU B 592 6.96 19.46 7.99
C LEU B 592 7.73 18.69 6.92
N PRO B 593 7.70 19.15 5.66
CA PRO B 593 8.19 18.29 4.57
C PRO B 593 9.66 17.93 4.67
N TRP B 594 10.50 18.83 5.17
CA TRP B 594 11.91 18.52 5.17
C TRP B 594 12.26 17.41 6.16
N GLU B 595 11.53 17.31 7.30
CA GLU B 595 11.75 16.18 8.20
C GLU B 595 11.45 14.85 7.51
N LEU B 596 10.34 14.79 6.76
CA LEU B 596 10.03 13.57 6.02
C LEU B 596 11.08 13.29 4.95
N ILE B 597 11.32 14.25 4.07
CA ILE B 597 12.08 13.96 2.86
C ILE B 597 13.55 13.66 3.18
N TYR B 598 14.14 14.34 4.18
CA TYR B 598 15.55 14.16 4.49
C TYR B 598 15.83 13.04 5.49
N ARG B 599 14.80 12.44 6.11
CA ARG B 599 14.93 11.58 7.29
C ARG B 599 15.98 10.48 7.16
N ASP B 600 16.17 9.90 5.98
CA ASP B 600 17.00 8.71 5.85
C ASP B 600 18.49 8.99 5.62
N PHE B 601 18.88 10.25 5.40
CA PHE B 601 20.28 10.56 5.07
C PHE B 601 21.15 10.58 6.32
N ASP B 602 22.36 10.03 6.21
CA ASP B 602 23.25 10.01 7.38
C ASP B 602 24.07 11.28 7.52
N TYR B 603 23.68 12.34 6.82
CA TYR B 603 24.18 13.68 7.08
C TYR B 603 23.15 14.65 6.54
N ILE B 604 22.79 15.67 7.33
CA ILE B 604 21.86 16.69 6.88
C ILE B 604 22.42 18.07 7.20
N PRO B 605 22.64 18.92 6.22
CA PRO B 605 23.10 20.28 6.50
C PRO B 605 22.11 21.02 7.40
N ARG B 606 22.64 21.99 8.15
CA ARG B 606 21.79 22.92 8.91
C ARG B 606 20.68 23.49 8.04
N LEU B 607 19.48 23.58 8.60
CA LEU B 607 18.36 24.13 7.86
C LEU B 607 18.05 25.48 8.46
N VAL B 608 18.09 26.52 7.62
CA VAL B 608 18.02 27.88 8.13
C VAL B 608 16.94 28.64 7.37
N PHE B 609 16.37 29.62 8.04
CA PHE B 609 15.28 30.42 7.50
C PHE B 609 15.34 31.77 8.16
N ASP B 610 15.66 32.80 7.37
CA ASP B 610 15.71 34.21 7.80
C ASP B 610 16.40 34.34 9.15
N GLU B 611 17.65 33.86 9.18
CA GLU B 611 18.48 33.96 10.38
C GLU B 611 17.97 33.11 11.54
N ILE B 612 16.89 32.33 11.35
CA ILE B 612 16.50 31.32 12.33
C ILE B 612 17.04 29.97 11.91
N VAL B 613 17.63 29.25 12.86
CA VAL B 613 18.07 27.88 12.58
C VAL B 613 16.85 26.98 12.77
N ILE B 614 16.27 26.57 11.64
CA ILE B 614 15.17 25.62 11.65
C ILE B 614 15.63 24.26 12.21
N SER B 615 16.88 23.87 11.93
CA SER B 615 17.34 22.56 12.38
C SER B 615 18.85 22.42 12.33
N PRO B 616 19.49 22.05 13.43
CA PRO B 616 20.96 21.85 13.42
C PRO B 616 21.37 20.77 12.43
N ALA B 617 22.58 20.90 11.90
CA ALA B 617 23.15 19.82 11.10
C ALA B 617 23.14 18.50 11.89
N LYS B 618 22.69 17.43 11.24
CA LYS B 618 22.52 16.11 11.87
C LYS B 618 23.43 15.10 11.20
N TRP B 619 24.03 14.22 12.01
CA TRP B 619 24.82 13.08 11.52
C TRP B 619 24.23 11.77 12.03
N LYS B 620 24.57 10.69 11.33
CA LYS B 620 24.24 9.32 11.73
C LYS B 620 25.53 8.51 11.71
N ILE B 621 25.92 7.99 12.88
CA ILE B 621 27.04 7.06 12.98
C ILE B 621 26.48 5.66 13.11
N TRP B 622 26.83 4.79 12.16
CA TRP B 622 26.36 3.42 12.20
C TRP B 622 27.29 2.60 13.07
N GLY B 623 26.69 1.69 13.86
CA GLY B 623 27.48 0.73 14.61
C GLY B 623 28.52 0.06 13.74
N ARG B 624 28.08 -0.46 12.58
CA ARG B 624 28.91 -1.29 11.70
C ARG B 624 30.22 -0.64 11.28
N ASP B 625 30.43 0.62 11.64
CA ASP B 625 31.61 1.33 11.17
C ASP B 625 32.76 1.34 12.18
N VAL B 626 32.51 0.90 13.41
CA VAL B 626 33.62 0.54 14.31
C VAL B 626 34.37 -0.64 13.71
N ASN B 627 35.66 -0.48 13.51
CA ASN B 627 36.47 -1.46 12.79
C ASN B 627 37.75 -1.73 13.56
N SER B 628 38.61 -2.58 12.99
CA SER B 628 39.91 -2.87 13.60
C SER B 628 41.02 -1.90 13.18
N LYS B 629 40.76 -0.98 12.25
CA LYS B 629 41.73 0.06 11.87
C LYS B 629 41.03 1.40 11.62
N THR B 631 39.69 4.18 14.95
CA THR B 631 39.15 4.49 16.26
C THR B 631 37.82 5.21 16.12
N ILE B 632 37.11 5.34 17.24
CA ILE B 632 35.86 6.10 17.22
C ILE B 632 36.14 7.60 17.12
N ARG B 633 37.29 7.99 17.66
CA ARG B 633 37.73 9.38 17.60
C ARG B 633 37.99 9.74 16.14
N GLU B 634 38.84 8.96 15.48
CA GLU B 634 39.15 9.20 14.07
C GLU B 634 37.88 9.15 13.24
N LEU B 635 36.98 8.20 13.53
CA LEU B 635 35.79 8.03 12.68
C LEU B 635 34.91 9.26 12.69
N ILE B 636 34.62 9.81 13.88
CA ILE B 636 33.80 11.00 13.88
C ILE B 636 34.55 12.17 13.26
N GLN B 637 35.86 12.24 13.42
CA GLN B 637 36.60 13.30 12.74
C GLN B 637 36.50 13.15 11.22
N SER B 638 36.42 11.91 10.72
CA SER B 638 36.30 11.71 9.28
C SER B 638 35.01 12.32 8.74
N LYS B 639 33.91 12.25 9.51
CA LYS B 639 32.68 12.91 9.12
C LYS B 639 32.66 14.37 9.56
N GLU B 640 33.82 14.96 9.85
CA GLU B 640 33.96 16.38 10.21
C GLU B 640 32.94 16.81 11.27
N ILE B 641 32.74 15.96 12.27
CA ILE B 641 31.96 16.34 13.47
C ILE B 641 32.70 17.47 14.20
N PRO B 642 32.04 18.57 14.54
CA PRO B 642 32.71 19.62 15.30
C PRO B 642 33.22 19.09 16.63
N LYS B 643 34.12 19.86 17.26
CA LYS B 643 34.76 19.31 18.45
C LYS B 643 33.79 19.23 19.62
N GLU B 644 32.73 20.04 19.62
CA GLU B 644 31.63 19.92 20.57
C GLU B 644 30.36 19.56 19.81
N PHE B 645 29.57 18.64 20.37
CA PHE B 645 28.37 18.13 19.69
C PHE B 645 27.48 17.45 20.70
N TYR B 646 26.28 17.09 20.26
CA TYR B 646 25.36 16.32 21.09
C TYR B 646 25.12 14.94 20.49
N ILE B 647 24.64 14.04 21.33
CA ILE B 647 24.08 12.77 20.91
C ILE B 647 22.62 12.76 21.34
N VAL B 648 21.76 12.30 20.44
CA VAL B 648 20.31 12.32 20.62
C VAL B 648 19.87 10.90 20.98
N ASN B 649 19.65 10.65 22.27
CA ASN B 649 19.17 9.33 22.67
C ASN B 649 17.71 9.16 22.26
N GLY B 650 16.89 10.17 22.53
CA GLY B 650 15.49 10.17 22.17
C GLY B 650 14.89 11.52 22.41
N ASP B 651 14.23 11.69 23.55
CA ASP B 651 13.51 12.92 23.88
C ASP B 651 14.39 13.93 24.63
N ASN B 652 15.65 13.59 24.91
CA ASN B 652 16.61 14.54 25.44
C ASN B 652 17.95 14.31 24.72
N LYS B 653 18.87 15.25 24.91
CA LYS B 653 20.19 15.11 24.32
C LYS B 653 21.28 15.45 25.34
N VAL B 654 22.50 14.98 25.04
CA VAL B 654 23.60 14.92 25.99
C VAL B 654 24.81 15.64 25.39
N TYR B 655 25.37 16.58 26.17
CA TYR B 655 26.53 17.31 25.72
C TYR B 655 27.77 16.42 25.73
N LEU B 656 28.48 16.39 24.61
CA LEU B 656 29.74 15.68 24.55
C LEU B 656 30.81 16.57 23.95
N SER B 657 32.01 16.39 24.44
CA SER B 657 33.11 17.14 23.90
C SER B 657 34.15 16.16 23.42
N GLN B 658 34.72 16.43 22.26
CA GLN B 658 35.87 15.62 21.94
C GLN B 658 37.03 15.78 22.93
N LYS B 659 37.30 16.97 23.50
CA LYS B 659 38.44 17.05 24.43
C LYS B 659 38.27 16.27 25.75
N ASN B 660 37.03 15.98 26.17
CA ASN B 660 36.80 15.31 27.45
C ASN B 660 36.94 13.79 27.34
N PRO B 661 37.76 13.14 28.19
CA PRO B 661 38.00 11.69 28.01
C PRO B 661 36.86 10.82 28.52
N LEU B 662 36.08 11.33 29.47
CA LEU B 662 34.84 10.68 29.86
C LEU B 662 33.82 10.70 28.73
N ASP B 663 33.66 11.86 28.09
CA ASP B 663 32.71 12.00 26.99
C ASP B 663 32.96 11.00 25.86
N GLU B 665 34.22 8.17 26.29
CA GLU B 665 33.84 6.86 26.81
C GLU B 665 32.34 6.64 26.63
N ILE B 666 31.53 7.57 27.12
CA ILE B 666 30.10 7.64 26.84
C ILE B 666 29.78 7.31 25.39
N LEU B 667 30.47 7.97 24.46
CA LEU B 667 30.25 7.71 23.04
C LEU B 667 30.52 6.25 22.68
N GLU B 668 31.65 5.71 23.15
CA GLU B 668 32.01 4.33 22.83
C GLU B 668 30.93 3.36 23.32
N SER B 669 30.47 3.55 24.55
CA SER B 669 29.34 2.79 25.06
C SER B 669 28.13 2.85 24.13
N ALA B 670 27.91 3.96 23.42
CA ALA B 670 26.68 4.08 22.66
C ALA B 670 26.79 3.40 21.29
N ILE B 671 27.90 3.62 20.59
CA ILE B 671 28.13 3.00 19.29
C ILE B 671 28.14 1.47 19.43
N LYS B 672 28.83 0.96 20.46
CA LYS B 672 28.96 -0.48 20.64
C LYS B 672 27.62 -1.14 20.97
N LYS B 673 26.75 -0.42 21.70
CA LYS B 673 25.41 -0.93 22.00
C LYS B 673 24.51 -0.92 20.77
N SER B 674 24.81 -0.10 19.76
CA SER B 674 24.08 -0.07 18.50
C SER B 674 24.78 -0.81 17.37
N SER B 675 26.02 -1.27 17.56
CA SER B 675 26.50 -2.32 16.68
C SER B 675 25.87 -3.65 17.09
N LYS B 676 25.67 -3.83 18.40
CA LYS B 676 24.86 -4.93 18.91
C LYS B 676 23.49 -4.92 18.25
N ARG B 677 22.78 -3.79 18.36
CA ARG B 677 21.38 -3.70 17.96
C ARG B 677 21.19 -3.62 16.44
N LYS B 678 22.28 -3.43 15.68
CA LYS B 678 22.23 -3.29 14.23
C LYS B 678 21.45 -2.02 13.82
N ASP B 679 21.95 -0.87 14.30
CA ASP B 679 21.46 0.44 13.87
C ASP B 679 22.48 1.55 14.10
N PHE B 680 22.03 2.73 14.56
CA PHE B 680 22.80 3.96 14.47
C PHE B 680 22.55 4.88 15.65
N ILE B 681 23.49 5.79 15.88
CA ILE B 681 23.29 6.88 16.83
C ILE B 681 23.25 8.22 16.09
N GLU B 682 22.53 9.17 16.66
CA GLU B 682 22.23 10.46 16.05
C GLU B 682 23.06 11.56 16.72
N LEU B 683 23.76 12.37 15.93
CA LEU B 683 24.57 13.46 16.44
C LEU B 683 24.13 14.80 15.86
N GLN B 684 24.11 15.84 16.70
CA GLN B 684 23.74 17.20 16.33
C GLN B 684 24.83 18.20 16.73
N GLU B 685 25.09 19.17 15.84
CA GLU B 685 26.07 20.24 16.10
C GLU B 685 25.66 21.07 17.32
N TYR B 686 26.66 21.73 17.95
CA TYR B 686 26.50 22.45 19.21
C TYR B 686 26.38 23.94 18.95
N PHE B 687 25.68 24.64 19.85
CA PHE B 687 25.65 26.09 19.81
C PHE B 687 26.06 26.66 21.17
N GLU B 688 26.89 27.70 21.12
CA GLU B 688 27.22 28.44 22.33
C GLU B 688 25.93 29.00 22.91
N ASP B 689 25.49 28.48 24.07
CA ASP B 689 24.15 28.78 24.57
C ASP B 689 24.14 29.11 26.05
N GLU B 690 25.26 29.57 26.59
CA GLU B 690 25.37 29.78 28.02
C GLU B 690 25.35 31.26 28.45
N ASN B 691 25.59 32.21 27.55
CA ASN B 691 25.78 33.61 27.93
C ASN B 691 24.78 34.50 27.18
N ILE B 692 23.50 34.41 27.54
CA ILE B 692 22.50 35.33 26.99
C ILE B 692 21.57 35.75 28.11
N ILE B 693 20.83 34.80 28.65
CA ILE B 693 20.01 35.04 29.84
C ILE B 693 20.90 34.89 31.08
N ASN B 694 20.70 35.75 32.09
CA ASN B 694 21.56 35.75 33.27
C ASN B 694 20.81 36.24 34.51
N LYS B 695 21.30 35.84 35.70
CA LYS B 695 20.72 36.26 36.96
C LYS B 695 21.66 37.14 37.77
N GLY B 696 22.82 36.63 38.18
CA GLY B 696 23.72 37.47 38.94
C GLY B 696 24.98 37.79 38.17
N GLU B 697 24.81 38.42 37.02
CA GLU B 697 25.87 38.54 36.03
C GLU B 697 26.48 37.17 35.70
N LYS B 698 25.68 36.10 35.85
CA LYS B 698 26.08 34.74 35.50
C LYS B 698 25.04 34.12 34.57
N GLY B 699 25.52 33.41 33.54
CA GLY B 699 24.63 32.89 32.52
C GLY B 699 23.74 31.74 33.00
N ARG B 700 22.67 31.55 32.24
CA ARG B 700 21.75 30.42 32.37
C ARG B 700 21.40 29.96 30.97
N VAL B 701 21.43 28.66 30.72
CA VAL B 701 20.89 28.15 29.47
C VAL B 701 19.38 28.31 29.52
N ALA B 702 18.77 28.68 28.40
CA ALA B 702 17.34 28.98 28.43
C ALA B 702 16.68 28.70 27.09
N ASP B 703 15.40 28.37 27.16
CA ASP B 703 14.55 28.18 25.99
C ASP B 703 13.24 28.94 26.22
N VAL B 704 12.46 29.04 25.14
CA VAL B 704 11.15 29.69 25.17
C VAL B 704 10.12 28.85 24.41
N VAL B 705 8.85 29.13 24.72
CA VAL B 705 7.71 28.62 23.97
C VAL B 705 6.75 29.78 23.72
N VAL B 706 6.55 30.11 22.45
CA VAL B 706 5.91 31.35 22.02
C VAL B 706 4.57 31.00 21.36
N PRO B 707 3.44 31.30 21.97
CA PRO B 707 2.17 31.04 21.29
C PRO B 707 1.92 32.13 20.25
N PHE B 708 1.34 31.72 19.13
CA PHE B 708 0.95 32.63 18.06
C PHE B 708 -0.55 32.47 17.81
N ILE B 709 -1.16 33.51 17.23
CA ILE B 709 -2.60 33.53 16.98
C ILE B 709 -2.94 34.08 15.58
N ARG B 719 -23.24 25.80 8.70
CA ARG B 719 -24.30 26.45 9.46
C ARG B 719 -25.67 25.85 9.10
N ALA B 720 -25.85 24.55 9.38
CA ALA B 720 -27.05 23.80 8.99
C ALA B 720 -27.07 22.32 9.45
N PHE B 721 -26.69 22.02 10.70
CA PHE B 721 -26.70 20.64 11.19
C PHE B 721 -28.11 20.23 11.58
N ILE B 722 -28.70 19.29 10.84
CA ILE B 722 -29.88 18.58 11.32
C ILE B 722 -29.44 17.21 11.85
N ARG B 723 -29.09 16.29 10.92
CA ARG B 723 -28.60 14.93 11.07
C ARG B 723 -29.36 14.04 12.05
N GLU B 724 -29.86 12.92 11.54
CA GLU B 724 -30.56 11.90 12.33
C GLU B 724 -29.59 11.02 13.12
N LYS B 725 -29.97 10.69 14.37
CA LYS B 725 -29.28 9.65 15.13
C LYS B 725 -29.42 8.31 14.41
N ARG B 726 -28.30 7.60 14.26
CA ARG B 726 -28.26 6.33 13.54
C ARG B 726 -29.29 5.28 13.98
N VAL B 727 -30.26 5.01 13.11
CA VAL B 727 -31.26 3.98 13.38
C VAL B 727 -30.58 2.62 13.58
N SER B 728 -31.19 1.80 14.44
CA SER B 728 -30.53 0.65 15.01
C SER B 728 -30.46 -0.51 14.02
N VAL B 729 -29.53 -1.42 14.33
CA VAL B 729 -29.23 -2.52 13.42
C VAL B 729 -30.42 -3.49 13.31
N GLU B 730 -31.20 -3.68 14.39
CA GLU B 730 -32.39 -4.51 14.27
C GLU B 730 -33.42 -3.86 13.36
N ARG B 731 -33.59 -2.55 13.45
CA ARG B 731 -34.61 -1.84 12.69
C ARG B 731 -34.23 -1.63 11.22
N ARG B 732 -32.93 -1.62 10.89
CA ARG B 732 -32.55 -1.25 9.52
C ARG B 732 -32.19 -2.43 8.62
N GLU B 733 -31.63 -3.52 9.16
CA GLU B 733 -31.18 -4.63 8.33
C GLU B 733 -32.34 -5.51 7.93
N LYS B 734 -32.49 -5.74 6.64
CA LYS B 734 -33.46 -6.72 6.16
C LYS B 734 -32.70 -8.03 5.91
N LEU B 735 -32.87 -8.99 6.82
CA LEU B 735 -32.23 -10.30 6.70
C LEU B 735 -32.74 -11.04 5.47
N PRO B 736 -31.95 -12.01 4.97
CA PRO B 736 -32.35 -12.68 3.72
C PRO B 736 -33.64 -13.45 3.92
N PHE B 737 -34.51 -13.33 2.93
CA PHE B 737 -35.76 -14.06 2.85
C PHE B 737 -36.79 -13.63 3.88
N ASN B 738 -36.63 -12.44 4.46
CA ASN B 738 -37.75 -11.92 5.22
C ASN B 738 -38.59 -11.05 4.30
N GLU B 739 -38.36 -9.74 4.24
CA GLU B 739 -39.08 -8.98 3.23
C GLU B 739 -38.34 -8.93 1.90
N TRP B 740 -37.04 -9.13 1.90
CA TRP B 740 -36.23 -8.94 0.70
C TRP B 740 -35.30 -10.13 0.46
N LEU B 741 -34.94 -10.32 -0.82
CA LEU B 741 -33.81 -11.15 -1.22
C LEU B 741 -32.82 -10.28 -1.98
N TYR B 742 -31.61 -10.19 -1.44
CA TYR B 742 -30.54 -9.33 -1.96
C TYR B 742 -29.39 -10.22 -2.42
N LEU B 743 -29.06 -10.11 -3.70
CA LEU B 743 -27.97 -10.85 -4.35
C LEU B 743 -26.89 -9.89 -4.85
N LYS B 744 -25.63 -10.26 -4.67
CA LYS B 744 -24.49 -9.62 -5.31
C LYS B 744 -24.07 -10.55 -6.45
N LEU B 745 -24.18 -10.07 -7.70
CA LEU B 745 -23.88 -10.84 -8.90
C LEU B 745 -22.58 -10.33 -9.50
N TYR B 746 -21.49 -11.07 -9.28
CA TYR B 746 -20.18 -10.62 -9.75
C TYR B 746 -20.06 -10.83 -11.25
N ILE B 747 -20.00 -9.73 -11.99
CA ILE B 747 -19.94 -9.71 -13.44
C ILE B 747 -18.92 -8.66 -13.86
N SER B 748 -18.12 -8.99 -14.88
CA SER B 748 -17.11 -8.05 -15.36
C SER B 748 -17.80 -6.78 -15.87
N ILE B 749 -17.05 -5.67 -15.83
CA ILE B 749 -17.64 -4.40 -16.23
C ILE B 749 -18.04 -4.43 -17.69
N ASN B 750 -17.25 -5.07 -18.53
CA ASN B 750 -17.61 -5.05 -19.95
C ASN B 750 -18.77 -5.96 -20.29
N ARG B 751 -19.29 -6.75 -19.36
CA ARG B 751 -20.43 -7.60 -19.67
C ARG B 751 -21.67 -7.24 -18.90
N GLN B 752 -21.61 -6.25 -18.00
CA GLN B 752 -22.78 -5.95 -17.19
C GLN B 752 -23.94 -5.46 -18.03
N ASN B 753 -23.68 -4.66 -19.06
CA ASN B 753 -24.80 -4.23 -19.90
C ASN B 753 -25.41 -5.42 -20.62
N GLU B 754 -24.58 -6.37 -21.07
CA GLU B 754 -25.11 -7.60 -21.66
C GLU B 754 -25.95 -8.39 -20.66
N PHE B 755 -25.54 -8.41 -19.39
CA PHE B 755 -26.35 -9.11 -18.42
C PHE B 755 -27.69 -8.41 -18.26
N LEU B 756 -27.67 -7.07 -18.15
CA LEU B 756 -28.87 -6.28 -17.93
C LEU B 756 -29.86 -6.39 -19.09
N LEU B 757 -29.39 -6.57 -20.33
CA LEU B 757 -30.27 -6.72 -21.49
C LEU B 757 -30.74 -8.14 -21.75
N SER B 758 -29.95 -9.16 -21.39
CA SER B 758 -30.24 -10.53 -21.80
C SER B 758 -30.61 -11.48 -20.67
N TYR B 759 -30.48 -11.08 -19.40
CA TYR B 759 -30.78 -11.97 -18.28
C TYR B 759 -31.70 -11.31 -17.27
N LEU B 760 -31.59 -9.99 -17.13
CA LEU B 760 -32.43 -9.29 -16.17
C LEU B 760 -33.90 -9.36 -16.57
N PRO B 761 -34.30 -9.08 -17.86
CA PRO B 761 -35.68 -9.34 -18.31
C PRO B 761 -36.30 -10.64 -17.81
N ASP B 762 -35.54 -11.74 -17.86
CA ASP B 762 -36.07 -13.01 -17.37
C ASP B 762 -36.31 -12.94 -15.86
N ILE B 763 -35.37 -12.38 -15.10
CA ILE B 763 -35.58 -12.24 -13.66
C ILE B 763 -36.77 -11.33 -13.37
N GLN B 764 -36.97 -10.29 -14.18
CA GLN B 764 -38.08 -9.37 -13.90
C GLN B 764 -39.43 -10.03 -14.14
N LYS B 765 -39.51 -10.90 -15.16
CA LYS B 765 -40.72 -11.68 -15.39
C LYS B 765 -41.05 -12.55 -14.18
N ILE B 766 -40.07 -13.37 -13.77
CA ILE B 766 -40.26 -14.27 -12.64
C ILE B 766 -40.79 -13.52 -11.43
N VAL B 767 -40.26 -12.34 -11.15
CA VAL B 767 -40.73 -11.64 -9.96
C VAL B 767 -42.05 -10.92 -10.24
N ALA B 768 -42.32 -10.53 -11.49
CA ALA B 768 -43.66 -10.07 -11.82
C ALA B 768 -44.70 -11.17 -11.58
N ASN B 769 -44.40 -12.40 -12.02
CA ASN B 769 -45.29 -13.52 -11.71
C ASN B 769 -45.70 -13.54 -10.24
N LEU B 770 -44.73 -13.33 -9.35
CA LEU B 770 -44.98 -13.39 -7.92
C LEU B 770 -45.46 -12.07 -7.35
N GLY B 771 -45.78 -11.11 -8.20
CA GLY B 771 -46.38 -9.89 -7.72
C GLY B 771 -45.43 -8.99 -6.97
N GLY B 772 -44.12 -9.06 -7.28
CA GLY B 772 -43.14 -8.22 -6.65
C GLY B 772 -42.47 -7.26 -7.62
N ASN B 773 -41.56 -6.46 -7.07
CA ASN B 773 -40.65 -5.59 -7.81
C ASN B 773 -39.21 -6.04 -7.54
N LEU B 774 -38.28 -5.36 -8.20
CA LEU B 774 -36.86 -5.48 -7.87
C LEU B 774 -36.17 -4.18 -8.23
N PHE B 775 -35.00 -3.95 -7.65
CA PHE B 775 -34.17 -2.85 -8.13
C PHE B 775 -32.71 -3.26 -8.04
N PHE B 776 -31.89 -2.67 -8.91
CA PHE B 776 -30.48 -3.03 -8.97
C PHE B 776 -29.56 -1.80 -8.88
N LEU B 777 -28.27 -2.08 -8.66
CA LEU B 777 -27.22 -1.09 -8.62
C LEU B 777 -25.95 -1.73 -9.17
N ARG B 778 -25.08 -0.90 -9.77
CA ARG B 778 -23.75 -1.34 -10.14
C ARG B 778 -22.78 -0.89 -9.07
N TYR B 779 -21.82 -1.76 -8.72
CA TYR B 779 -20.96 -1.44 -7.59
C TYR B 779 -19.67 -2.26 -7.67
N THR B 780 -18.56 -1.67 -7.28
CA THR B 780 -17.33 -2.44 -7.10
C THR B 780 -17.13 -2.71 -5.63
N ASP B 781 -15.88 -2.66 -5.19
CA ASP B 781 -15.47 -3.08 -3.84
C ASP B 781 -16.01 -4.48 -3.47
N PRO B 782 -15.11 -5.46 -3.52
CA PRO B 782 -13.82 -5.14 -4.18
C PRO B 782 -13.95 -5.35 -5.70
N LYS B 783 -14.37 -6.55 -6.09
CA LYS B 783 -14.62 -6.93 -7.47
C LYS B 783 -15.96 -6.35 -7.93
N PRO B 784 -16.07 -5.97 -9.20
CA PRO B 784 -17.34 -5.40 -9.69
C PRO B 784 -18.45 -6.45 -9.72
N HIS B 785 -19.67 -5.96 -9.49
CA HIS B 785 -20.86 -6.81 -9.35
C HIS B 785 -22.11 -5.96 -9.52
N ILE B 786 -23.23 -6.64 -9.72
CA ILE B 786 -24.54 -6.01 -9.72
C ILE B 786 -25.28 -6.43 -8.46
N ARG B 787 -25.80 -5.45 -7.71
CA ARG B 787 -26.60 -5.72 -6.54
C ARG B 787 -28.06 -5.82 -6.96
N LEU B 788 -28.64 -6.97 -6.75
CA LEU B 788 -30.01 -7.28 -7.16
C LEU B 788 -30.84 -7.40 -5.89
N ARG B 789 -31.88 -6.57 -5.75
CA ARG B 789 -32.74 -6.62 -4.58
C ARG B 789 -34.19 -6.85 -4.99
N ILE B 790 -34.79 -7.90 -4.43
CA ILE B 790 -36.13 -8.37 -4.80
C ILE B 790 -37.04 -8.36 -3.58
N LYS B 791 -38.24 -7.80 -3.76
CA LYS B 791 -39.32 -7.81 -2.77
C LYS B 791 -40.47 -8.59 -3.40
N CYS B 792 -40.91 -9.66 -2.75
CA CYS B 792 -42.12 -10.35 -3.18
C CYS B 792 -42.45 -11.37 -2.11
N SER B 793 -43.49 -12.16 -2.35
CA SER B 793 -44.02 -12.97 -1.26
C SER B 793 -43.20 -14.22 -1.01
N ASP B 794 -43.35 -15.22 -1.88
CA ASP B 794 -42.55 -16.44 -1.70
C ASP B 794 -41.16 -16.14 -2.25
N LEU B 795 -40.32 -15.57 -1.39
CA LEU B 795 -38.95 -15.27 -1.79
C LEU B 795 -38.18 -16.54 -2.10
N PHE B 796 -38.29 -17.56 -1.25
CA PHE B 796 -37.58 -18.81 -1.53
C PHE B 796 -37.98 -19.39 -2.87
N LEU B 797 -39.26 -19.27 -3.23
CA LEU B 797 -39.65 -19.67 -4.57
C LEU B 797 -38.96 -18.80 -5.62
N ALA B 798 -38.95 -17.50 -5.40
CA ALA B 798 -38.29 -16.61 -6.36
C ALA B 798 -36.83 -17.00 -6.55
N TYR B 799 -36.16 -17.39 -5.44
CA TYR B 799 -34.77 -17.81 -5.54
C TYR B 799 -34.64 -19.02 -6.44
N GLY B 800 -35.41 -20.07 -6.14
CA GLY B 800 -35.33 -21.30 -6.92
C GLY B 800 -35.45 -21.10 -8.42
N SER B 801 -36.35 -20.21 -8.85
CA SER B 801 -36.49 -19.96 -10.28
C SER B 801 -35.31 -19.17 -10.82
N ILE B 802 -34.98 -18.07 -10.15
CA ILE B 802 -33.88 -17.20 -10.59
C ILE B 802 -32.56 -17.96 -10.68
N LEU B 803 -32.33 -18.91 -9.77
CA LEU B 803 -31.09 -19.67 -9.74
C LEU B 803 -30.78 -20.29 -11.10
N GLU B 804 -31.80 -20.68 -11.84
CA GLU B 804 -31.53 -21.28 -13.14
C GLU B 804 -31.00 -20.25 -14.11
N ILE B 805 -31.43 -19.00 -13.97
CA ILE B 805 -30.86 -17.94 -14.81
C ILE B 805 -29.41 -17.69 -14.43
N LEU B 806 -29.11 -17.65 -13.12
CA LEU B 806 -27.73 -17.53 -12.68
C LEU B 806 -26.91 -18.70 -13.21
N LYS B 807 -27.46 -19.92 -13.13
CA LYS B 807 -26.78 -21.08 -13.71
C LYS B 807 -26.43 -20.86 -15.19
N ARG B 808 -27.38 -20.33 -15.98
N ARG B 808 -27.36 -20.30 -15.97
CA ARG B 808 -27.09 -20.02 -17.37
CA ARG B 808 -27.07 -20.04 -17.38
C ARG B 808 -25.98 -18.97 -17.48
C ARG B 808 -26.02 -18.93 -17.53
N SER B 809 -26.09 -17.89 -16.71
CA SER B 809 -25.11 -16.82 -16.81
C SER B 809 -23.72 -17.31 -16.39
N ARG B 810 -23.68 -18.23 -15.42
CA ARG B 810 -22.39 -18.77 -15.05
C ARG B 810 -21.82 -19.62 -16.17
N LYS B 811 -22.64 -20.53 -16.71
CA LYS B 811 -22.25 -21.37 -17.84
C LYS B 811 -21.69 -20.55 -19.00
N ASN B 812 -22.36 -19.41 -19.34
CA ASN B 812 -21.87 -18.52 -20.41
C ASN B 812 -20.67 -17.66 -19.99
N ARG B 813 -20.16 -17.91 -18.78
CA ARG B 813 -19.01 -17.21 -18.19
C ARG B 813 -19.20 -15.70 -18.17
N ILE B 814 -20.45 -15.24 -18.14
CA ILE B 814 -20.71 -13.83 -17.91
C ILE B 814 -20.73 -13.49 -16.41
N SER B 816 -19.43 -14.78 -12.43
CA SER B 816 -18.64 -15.80 -11.74
C SER B 816 -19.38 -16.35 -10.52
N THR B 817 -19.43 -15.61 -9.42
CA THR B 817 -20.20 -16.08 -8.28
C THR B 817 -21.27 -15.07 -7.88
N PHE B 818 -22.04 -15.45 -6.87
CA PHE B 818 -22.93 -14.53 -6.21
C PHE B 818 -22.99 -14.84 -4.72
N ASP B 819 -23.33 -13.81 -3.94
CA ASP B 819 -23.64 -13.91 -2.52
C ASP B 819 -25.08 -13.52 -2.26
N ILE B 820 -25.63 -14.04 -1.17
CA ILE B 820 -26.86 -13.49 -0.60
C ILE B 820 -26.48 -12.73 0.65
N SER B 821 -26.74 -11.42 0.67
CA SER B 821 -26.31 -10.55 1.75
C SER B 821 -27.49 -9.86 2.41
N ILE B 822 -27.23 -9.28 3.57
CA ILE B 822 -28.20 -8.44 4.28
C ILE B 822 -28.34 -7.10 3.57
N TYR B 823 -29.58 -6.68 3.33
CA TYR B 823 -29.89 -5.36 2.78
C TYR B 823 -29.96 -4.38 3.94
N ASP B 824 -28.96 -3.51 4.05
CA ASP B 824 -28.88 -2.48 5.08
C ASP B 824 -29.53 -1.22 4.54
N GLN B 825 -30.76 -0.93 4.95
CA GLN B 825 -31.48 0.19 4.38
C GLN B 825 -30.90 1.53 4.81
N GLU B 826 -30.71 2.43 3.84
CA GLU B 826 -30.31 3.81 4.09
C GLU B 826 -31.54 4.66 4.51
N VAL B 827 -32.07 4.37 5.71
CA VAL B 827 -33.24 5.11 6.19
C VAL B 827 -32.94 6.60 6.28
N GLU B 828 -31.98 6.97 7.15
CA GLU B 828 -31.69 8.39 7.37
C GLU B 828 -31.54 9.16 6.09
N ARG B 829 -31.01 8.52 5.04
CA ARG B 829 -30.71 9.20 3.78
C ARG B 829 -31.96 9.50 2.99
N TYR B 830 -32.88 8.55 2.92
CA TYR B 830 -34.13 8.75 2.21
C TYR B 830 -35.26 9.15 3.15
N GLY B 831 -34.90 9.79 4.27
CA GLY B 831 -35.82 10.56 5.08
C GLY B 831 -36.72 9.79 6.02
N GLY B 832 -36.34 8.57 6.38
CA GLY B 832 -37.18 7.74 7.23
C GLY B 832 -37.91 6.68 6.43
N PHE B 833 -38.51 5.74 7.17
CA PHE B 833 -38.95 4.50 6.54
C PHE B 833 -40.02 4.72 5.50
N ASP B 834 -40.86 5.75 5.68
CA ASP B 834 -41.93 6.01 4.72
C ASP B 834 -41.36 6.53 3.41
N THR B 835 -40.65 7.66 3.46
CA THR B 835 -40.01 8.20 2.26
C THR B 835 -38.91 7.28 1.76
N LEU B 836 -38.42 6.35 2.57
CA LEU B 836 -37.55 5.29 2.08
C LEU B 836 -38.35 4.29 1.24
N GLU B 837 -39.51 3.88 1.75
N GLU B 837 -39.51 3.85 1.75
CA GLU B 837 -40.34 2.89 1.06
CA GLU B 837 -40.32 2.89 1.03
C GLU B 837 -40.81 3.41 -0.29
C GLU B 837 -40.73 3.42 -0.33
N LEU B 838 -40.96 4.73 -0.44
CA LEU B 838 -41.38 5.30 -1.71
C LEU B 838 -40.21 5.56 -2.65
N SER B 839 -39.02 5.82 -2.10
CA SER B 839 -37.83 5.87 -2.94
C SER B 839 -37.55 4.51 -3.54
N GLU B 840 -37.72 3.46 -2.73
CA GLU B 840 -37.55 2.10 -3.22
C GLU B 840 -38.48 1.83 -4.36
N ALA B 841 -39.71 2.39 -4.29
CA ALA B 841 -40.67 2.25 -5.39
C ALA B 841 -40.22 3.00 -6.63
N ILE B 842 -39.56 4.16 -6.46
CA ILE B 842 -38.90 4.80 -7.59
C ILE B 842 -37.78 3.92 -8.11
N PHE B 843 -36.94 3.39 -7.19
CA PHE B 843 -35.82 2.53 -7.60
C PHE B 843 -36.29 1.38 -8.48
N CYS B 844 -37.43 0.79 -8.12
CA CYS B 844 -37.90 -0.37 -8.88
C CYS B 844 -38.42 0.06 -10.25
N ALA B 845 -39.26 1.10 -10.26
CA ALA B 845 -39.77 1.63 -11.52
C ALA B 845 -38.63 2.04 -12.44
N ASP B 846 -37.60 2.66 -11.89
CA ASP B 846 -36.45 3.05 -12.70
C ASP B 846 -35.74 1.82 -13.27
N SER B 847 -35.70 0.73 -12.52
CA SER B 847 -34.91 -0.41 -12.97
C SER B 847 -35.62 -1.17 -14.09
N LYS B 848 -36.97 -1.21 -14.06
CA LYS B 848 -37.71 -1.89 -15.13
C LYS B 848 -37.42 -1.31 -16.51
N ILE B 849 -37.18 0.00 -16.59
CA ILE B 849 -37.06 0.65 -17.89
C ILE B 849 -35.63 0.64 -18.44
N ILE B 850 -34.65 0.22 -17.64
CA ILE B 850 -33.25 0.24 -18.03
C ILE B 850 -32.97 -0.73 -19.18
N PRO B 851 -33.43 -1.99 -19.16
CA PRO B 851 -33.23 -2.83 -20.34
C PRO B 851 -33.82 -2.22 -21.60
N ASN B 852 -34.88 -1.42 -21.48
CA ASN B 852 -35.47 -0.83 -22.67
C ASN B 852 -34.58 0.28 -23.23
N LEU B 853 -34.06 1.15 -22.36
CA LEU B 853 -33.24 2.26 -22.85
C LEU B 853 -31.91 1.77 -23.38
N LEU B 854 -31.40 0.67 -22.84
CA LEU B 854 -30.15 0.12 -23.35
C LEU B 854 -30.37 -0.53 -24.72
N THR B 855 -31.43 -1.35 -24.85
CA THR B 855 -31.79 -1.86 -26.18
C THR B 855 -32.06 -0.73 -27.17
N LEU B 856 -32.40 0.46 -26.69
CA LEU B 856 -32.62 1.60 -27.57
C LEU B 856 -31.29 2.24 -27.98
N ILE B 857 -30.39 2.46 -27.03
CA ILE B 857 -29.13 3.09 -27.38
C ILE B 857 -28.30 2.18 -28.28
N LYS B 858 -28.36 0.86 -28.02
CA LYS B 858 -27.62 -0.09 -28.84
C LYS B 858 -28.25 -0.29 -30.21
N ASP B 859 -29.53 0.04 -30.37
CA ASP B 859 -30.17 -0.04 -31.68
C ASP B 859 -29.52 0.94 -32.66
N THR B 860 -29.32 0.48 -33.89
CA THR B 860 -28.57 1.23 -34.90
C THR B 860 -29.47 1.90 -35.93
N ASN B 861 -30.77 1.98 -35.66
CA ASN B 861 -31.63 2.93 -36.33
C ASN B 861 -31.69 4.23 -35.54
N ASN B 862 -32.07 4.13 -34.27
CA ASN B 862 -32.43 5.22 -33.34
C ASN B 862 -31.59 6.50 -33.44
N ASP B 863 -30.27 6.37 -33.62
CA ASP B 863 -29.32 7.47 -33.69
C ASP B 863 -28.92 8.04 -32.33
N TRP B 864 -29.78 7.94 -31.32
CA TRP B 864 -29.47 8.46 -29.99
C TRP B 864 -28.45 7.57 -29.28
N LYS B 865 -27.69 8.19 -28.36
CA LYS B 865 -26.66 7.52 -27.61
C LYS B 865 -26.98 7.58 -26.11
N VAL B 866 -26.07 7.04 -25.31
CA VAL B 866 -26.26 7.09 -23.87
C VAL B 866 -26.34 8.54 -23.42
N ASP B 867 -25.35 9.36 -23.81
CA ASP B 867 -25.32 10.77 -23.43
C ASP B 867 -26.64 11.45 -23.70
N ASP B 868 -27.20 11.24 -24.88
CA ASP B 868 -28.47 11.84 -25.23
C ASP B 868 -29.60 11.29 -24.36
N VAL B 869 -29.51 10.03 -23.94
CA VAL B 869 -30.54 9.47 -23.06
C VAL B 869 -30.31 9.83 -21.60
N SER B 870 -29.04 9.97 -21.19
CA SER B 870 -28.74 10.46 -19.84
C SER B 870 -29.38 11.81 -19.60
N ILE B 871 -29.06 12.80 -20.45
CA ILE B 871 -29.60 14.15 -20.30
C ILE B 871 -31.12 14.12 -20.29
N LEU B 872 -31.70 13.42 -21.27
CA LEU B 872 -33.15 13.34 -21.41
C LEU B 872 -33.81 12.92 -20.10
N VAL B 873 -33.35 11.82 -19.51
CA VAL B 873 -34.02 11.25 -18.35
C VAL B 873 -33.65 12.00 -17.07
N ASN B 874 -32.43 12.55 -17.00
CA ASN B 874 -32.19 13.52 -15.93
C ASN B 874 -33.21 14.64 -15.98
N TYR B 875 -33.50 15.16 -17.17
CA TYR B 875 -34.56 16.15 -17.34
C TYR B 875 -35.90 15.63 -16.84
N LEU B 876 -36.32 14.49 -17.39
CA LEU B 876 -37.57 13.86 -17.01
C LEU B 876 -37.70 13.84 -15.49
N TYR B 877 -36.66 13.33 -14.82
CA TYR B 877 -36.68 13.27 -13.36
C TYR B 877 -37.02 14.64 -12.78
N LEU B 878 -36.35 15.68 -13.27
CA LEU B 878 -36.56 17.03 -12.74
C LEU B 878 -37.97 17.54 -13.00
N LYS B 879 -38.49 17.32 -14.20
CA LYS B 879 -39.83 17.79 -14.52
C LYS B 879 -40.85 17.25 -13.55
N CYS B 880 -40.82 15.93 -13.28
CA CYS B 880 -41.81 15.33 -12.41
C CYS B 880 -41.60 15.68 -10.95
N PHE B 881 -40.40 16.13 -10.57
CA PHE B 881 -40.16 16.36 -9.14
C PHE B 881 -40.66 17.72 -8.72
N PHE B 882 -40.49 18.70 -9.58
CA PHE B 882 -41.00 20.05 -9.35
C PHE B 882 -42.24 20.35 -10.17
N GLN B 883 -42.78 19.34 -10.87
CA GLN B 883 -44.04 19.44 -11.60
C GLN B 883 -43.97 20.54 -12.66
N ASN B 884 -43.05 20.33 -13.62
CA ASN B 884 -42.67 21.27 -14.70
C ASN B 884 -42.76 22.72 -14.27
N ASP B 885 -41.78 23.18 -13.47
CA ASP B 885 -41.77 24.52 -12.87
C ASP B 885 -40.32 25.06 -12.95
N ASN B 886 -39.92 25.47 -14.15
CA ASN B 886 -38.53 25.83 -14.47
C ASN B 886 -37.81 26.64 -13.39
N LYS B 887 -38.54 27.39 -12.57
CA LYS B 887 -37.78 28.19 -11.60
C LYS B 887 -37.44 27.38 -10.36
N LYS B 888 -38.37 26.56 -9.85
CA LYS B 888 -38.00 25.59 -8.81
C LYS B 888 -36.83 24.72 -9.29
N ILE B 889 -36.89 24.27 -10.55
CA ILE B 889 -35.89 23.36 -11.08
C ILE B 889 -34.50 23.97 -11.03
N LEU B 890 -34.39 25.25 -11.34
CA LEU B 890 -33.05 25.78 -11.46
C LEU B 890 -32.51 26.28 -10.11
N ASN B 891 -33.36 26.47 -9.08
CA ASN B 891 -32.84 26.64 -7.72
C ASN B 891 -32.10 25.40 -7.27
N PHE B 892 -32.70 24.22 -7.51
CA PHE B 892 -31.99 22.97 -7.33
C PHE B 892 -30.68 22.97 -8.10
N LEU B 893 -30.75 23.23 -9.41
CA LEU B 893 -29.59 23.01 -10.24
C LEU B 893 -28.38 23.87 -9.87
N ASN B 894 -28.58 25.06 -9.28
CA ASN B 894 -27.42 25.90 -8.97
C ASN B 894 -26.71 25.52 -7.69
N LEU B 895 -27.19 24.50 -7.00
CA LEU B 895 -26.35 23.79 -6.04
C LEU B 895 -25.54 22.69 -6.71
N VAL B 896 -25.81 22.41 -7.98
CA VAL B 896 -24.95 21.50 -8.71
C VAL B 896 -24.72 21.99 -10.17
N PHE B 926 -40.10 11.11 -24.03
CA PHE B 926 -40.82 11.10 -22.75
C PHE B 926 -41.94 10.05 -22.88
N TYR B 927 -41.97 9.29 -23.96
CA TYR B 927 -43.21 8.58 -24.32
C TYR B 927 -43.48 7.33 -23.47
N ASP B 928 -43.78 6.21 -24.12
CA ASP B 928 -43.76 4.88 -23.52
C ASP B 928 -44.81 4.65 -22.41
N LYS B 929 -45.16 3.37 -22.22
CA LYS B 929 -45.99 2.95 -21.09
C LYS B 929 -45.16 2.78 -19.82
N ASN B 930 -43.88 2.43 -19.96
CA ASN B 930 -43.06 2.17 -18.77
C ASN B 930 -42.93 3.42 -17.91
N PHE B 931 -42.83 4.60 -18.55
CA PHE B 931 -42.62 5.84 -17.82
C PHE B 931 -43.83 6.28 -17.01
N LYS B 932 -45.01 5.70 -17.26
CA LYS B 932 -46.14 5.95 -16.40
C LYS B 932 -45.81 5.62 -14.95
N GLU B 933 -45.38 4.36 -14.71
CA GLU B 933 -45.06 3.90 -13.36
C GLU B 933 -44.06 4.80 -12.64
N LEU B 934 -43.03 5.23 -13.36
CA LEU B 934 -41.95 6.01 -12.77
C LEU B 934 -42.45 7.36 -12.28
N LYS B 935 -43.33 8.00 -13.06
CA LYS B 935 -43.85 9.30 -12.66
C LYS B 935 -44.78 9.20 -11.46
N HIS B 936 -45.71 8.24 -11.49
CA HIS B 936 -46.57 7.96 -10.35
C HIS B 936 -45.74 7.87 -9.06
N ALA B 937 -44.80 6.91 -9.02
CA ALA B 937 -43.96 6.74 -7.83
C ALA B 937 -43.22 8.03 -7.46
N ILE B 938 -42.72 8.77 -8.45
CA ILE B 938 -42.04 10.02 -8.13
C ILE B 938 -42.99 10.95 -7.38
N LYS B 939 -44.23 11.06 -7.86
CA LYS B 939 -45.18 11.98 -7.26
C LYS B 939 -45.59 11.51 -5.87
N ASN B 940 -45.91 10.21 -5.73
CA ASN B 940 -46.24 9.62 -4.45
C ASN B 940 -45.23 10.07 -3.39
N LEU B 941 -43.96 10.12 -3.78
CA LEU B 941 -42.94 10.61 -2.86
C LEU B 941 -42.99 12.12 -2.71
N PHE B 942 -43.13 12.84 -3.83
CA PHE B 942 -43.13 14.30 -3.79
C PHE B 942 -44.24 14.84 -2.90
N LEU B 943 -45.42 14.24 -2.99
CA LEU B 943 -46.48 14.60 -2.04
C LEU B 943 -46.10 14.17 -0.63
N LYS B 944 -45.61 12.95 -0.45
CA LYS B 944 -45.27 12.52 0.91
C LYS B 944 -44.33 13.51 1.56
N ILE B 946 -44.00 16.50 1.02
CA ILE B 946 -44.81 17.67 1.32
C ILE B 946 -45.70 17.40 2.53
N ALA B 947 -46.47 16.31 2.49
CA ALA B 947 -47.28 15.94 3.64
C ALA B 947 -46.47 15.90 4.93
N GLN B 948 -45.19 15.53 4.85
CA GLN B 948 -44.30 15.53 6.01
C GLN B 948 -43.66 16.90 6.25
N ASP B 949 -44.12 17.91 5.51
CA ASP B 949 -43.46 19.20 5.37
C ASP B 949 -41.94 19.08 5.54
N PHE B 950 -41.32 18.44 4.55
CA PHE B 950 -39.86 18.33 4.56
C PHE B 950 -39.23 19.70 4.28
N GLU B 951 -38.23 20.05 5.08
CA GLU B 951 -37.39 21.21 4.83
C GLU B 951 -36.82 21.15 3.41
N LEU B 952 -36.49 22.32 2.84
CA LEU B 952 -36.21 22.36 1.41
C LEU B 952 -34.93 21.61 1.04
N GLN B 953 -33.83 21.81 1.80
CA GLN B 953 -32.58 21.17 1.39
C GLN B 953 -32.56 19.70 1.78
N LYS B 954 -33.36 19.30 2.77
CA LYS B 954 -33.61 17.88 2.96
C LYS B 954 -34.22 17.26 1.71
N VAL B 955 -35.04 18.04 0.99
CA VAL B 955 -35.70 17.53 -0.21
C VAL B 955 -34.74 17.47 -1.38
N TYR B 956 -33.90 18.49 -1.52
CA TYR B 956 -32.89 18.48 -2.57
C TYR B 956 -31.94 17.28 -2.41
N SER B 957 -31.48 17.05 -1.17
CA SER B 957 -30.65 15.90 -0.87
C SER B 957 -31.26 14.61 -1.41
N ILE B 958 -32.50 14.32 -1.01
CA ILE B 958 -33.16 13.10 -1.44
C ILE B 958 -33.26 13.03 -2.96
N ILE B 959 -33.75 14.11 -3.58
CA ILE B 959 -33.85 14.13 -5.04
C ILE B 959 -32.49 13.89 -5.69
N ASP B 960 -31.45 14.56 -5.18
CA ASP B 960 -30.12 14.37 -5.76
C ASP B 960 -29.68 12.92 -5.67
N SER B 961 -30.13 12.19 -4.64
CA SER B 961 -29.74 10.79 -4.51
C SER B 961 -30.47 9.93 -5.53
N ILE B 962 -31.77 10.14 -5.70
CA ILE B 962 -32.54 9.29 -6.60
C ILE B 962 -32.08 9.49 -8.04
N ILE B 963 -31.69 10.71 -8.39
CA ILE B 963 -31.05 10.95 -9.69
C ILE B 963 -29.73 10.20 -9.78
N HIS B 964 -28.93 10.23 -8.71
CA HIS B 964 -27.61 9.60 -8.71
C HIS B 964 -27.69 8.10 -8.96
N VAL B 965 -28.59 7.41 -8.24
CA VAL B 965 -28.67 5.96 -8.40
C VAL B 965 -29.29 5.61 -9.74
N HIS B 966 -30.15 6.47 -10.29
CA HIS B 966 -30.59 6.24 -11.66
C HIS B 966 -29.39 6.24 -12.60
N ASN B 967 -28.51 7.24 -12.44
CA ASN B 967 -27.33 7.34 -13.29
C ASN B 967 -26.41 6.14 -13.10
N ASN B 968 -26.22 5.70 -11.85
CA ASN B 968 -25.58 4.41 -11.57
C ASN B 968 -26.13 3.34 -12.49
N ARG B 969 -27.45 3.16 -12.51
CA ARG B 969 -28.02 2.07 -13.29
C ARG B 969 -27.75 2.23 -14.80
N LEU B 970 -27.69 3.46 -15.30
CA LEU B 970 -27.58 3.65 -16.74
C LEU B 970 -26.14 3.67 -17.23
N ILE B 971 -25.19 4.19 -16.44
CA ILE B 971 -23.79 4.31 -16.87
C ILE B 971 -22.89 3.86 -15.71
N GLY B 972 -21.63 4.29 -15.70
CA GLY B 972 -20.64 3.66 -14.83
C GLY B 972 -20.81 3.96 -13.34
N ILE B 973 -19.72 3.70 -12.60
CA ILE B 973 -19.54 4.16 -11.22
C ILE B 973 -18.64 5.39 -11.32
N GLU B 974 -19.05 6.35 -12.17
CA GLU B 974 -18.16 7.36 -12.75
C GLU B 974 -18.01 8.56 -11.80
N ARG B 975 -17.24 8.35 -10.73
CA ARG B 975 -17.17 9.29 -9.60
C ARG B 975 -16.69 10.70 -9.98
N ASP B 976 -17.63 11.52 -10.46
CA ASP B 976 -17.53 12.97 -10.68
C ASP B 976 -18.59 13.37 -11.69
N LYS B 977 -18.88 12.48 -12.64
CA LYS B 977 -19.61 12.89 -13.84
C LYS B 977 -20.82 12.75 -12.94
N GLU B 978 -21.83 13.63 -13.08
CA GLU B 978 -23.02 13.55 -12.22
C GLU B 978 -22.95 15.07 -12.09
N LYS B 979 -21.79 15.59 -11.67
CA LYS B 979 -21.54 17.01 -11.82
C LYS B 979 -21.77 17.49 -13.26
N LEU B 980 -21.31 16.73 -14.24
CA LEU B 980 -21.42 17.14 -15.64
C LEU B 980 -22.85 17.32 -16.18
N ILE B 981 -23.66 16.28 -16.01
CA ILE B 981 -25.03 16.28 -16.52
C ILE B 981 -25.88 17.30 -15.80
N TYR B 982 -25.58 17.54 -14.52
CA TYR B 982 -26.14 18.70 -13.85
C TYR B 982 -25.60 19.99 -14.47
N TYR B 983 -24.27 20.08 -14.61
CA TYR B 983 -23.61 21.27 -15.16
C TYR B 983 -24.18 21.69 -16.52
N THR B 984 -24.64 20.73 -17.33
CA THR B 984 -25.25 21.06 -18.61
C THR B 984 -26.69 21.50 -18.44
N LEU B 985 -27.52 20.66 -17.82
CA LEU B 985 -28.97 20.90 -17.87
C LEU B 985 -29.37 22.27 -17.30
N GLN B 986 -28.47 23.04 -16.67
CA GLN B 986 -28.81 24.44 -16.40
C GLN B 986 -28.95 25.23 -17.68
N ARG B 987 -28.36 24.72 -18.77
CA ARG B 987 -28.47 25.38 -20.07
C ARG B 987 -29.93 25.54 -20.47
N LEU B 988 -30.63 24.42 -20.68
CA LEU B 988 -31.93 24.49 -21.33
C LEU B 988 -33.00 25.11 -20.44
N PHE B 989 -32.69 25.38 -19.16
CA PHE B 989 -33.65 26.09 -18.33
C PHE B 989 -33.28 27.56 -18.13
N VAL B 990 -32.04 27.95 -18.46
CA VAL B 990 -31.76 29.35 -18.82
C VAL B 990 -32.33 29.63 -20.21
N SER B 991 -32.47 28.61 -21.05
CA SER B 991 -32.95 28.82 -22.41
C SER B 991 -34.45 29.13 -22.44
N GLU B 992 -35.25 28.32 -21.73
CA GLU B 992 -36.70 28.53 -21.68
C GLU B 992 -37.05 29.70 -20.75
N GLU B 993 -36.54 30.88 -21.11
CA GLU B 993 -36.73 32.12 -20.35
C GLU B 993 -36.92 33.32 -21.30
N THR C 2 -30.19 -22.28 -37.93
CA THR C 2 -30.78 -21.08 -37.35
C THR C 2 -29.85 -19.90 -37.62
N LYS C 3 -29.98 -18.84 -36.82
CA LYS C 3 -29.05 -17.72 -36.86
C LYS C 3 -27.94 -17.87 -35.83
N ASP C 4 -27.27 -19.03 -35.78
CA ASP C 4 -25.96 -19.10 -35.19
C ASP C 4 -24.88 -18.99 -36.25
N PHE C 5 -25.17 -18.23 -37.29
CA PHE C 5 -24.18 -17.66 -38.18
C PHE C 5 -23.86 -16.20 -37.84
N ASN C 6 -24.25 -15.72 -36.64
CA ASN C 6 -24.16 -14.30 -36.30
C ASN C 6 -22.73 -13.77 -36.37
N LEU C 7 -21.96 -13.98 -35.29
CA LEU C 7 -20.59 -13.52 -35.07
C LEU C 7 -20.58 -12.51 -33.96
N ASP C 8 -21.49 -11.55 -34.02
CA ASP C 8 -21.77 -10.66 -32.90
C ASP C 8 -20.50 -10.00 -32.40
N LEU C 9 -19.64 -9.55 -33.33
CA LEU C 9 -18.41 -8.88 -32.94
C LEU C 9 -18.72 -7.71 -32.01
N VAL C 10 -18.02 -7.68 -30.87
CA VAL C 10 -18.09 -6.56 -29.92
C VAL C 10 -16.66 -6.14 -29.62
N CYS C 11 -16.46 -4.84 -29.47
CA CYS C 11 -15.13 -4.29 -29.26
C CYS C 11 -15.18 -3.33 -28.07
N VAL C 12 -14.10 -3.30 -27.29
CA VAL C 12 -13.99 -2.48 -26.10
C VAL C 12 -12.73 -1.63 -26.21
N SER C 13 -12.60 -0.65 -25.30
CA SER C 13 -11.67 0.48 -25.47
C SER C 13 -10.21 0.08 -25.26
N LYS C 14 -9.65 0.26 -24.05
CA LYS C 14 -8.26 -0.12 -23.67
C LYS C 14 -8.02 -0.04 -22.14
N THR C 24 -20.36 6.15 -7.69
CA THR C 24 -21.78 5.78 -7.73
C THR C 24 -22.07 4.52 -6.89
N ILE C 26 -22.92 7.29 -3.81
CA ILE C 26 -22.48 8.48 -3.08
C ILE C 26 -21.02 8.80 -3.39
N THR D 2 -29.69 -15.48 40.68
CA THR D 2 -28.42 -16.12 40.99
C THR D 2 -27.40 -15.69 39.96
N LYS D 3 -27.77 -15.81 38.68
CA LYS D 3 -26.81 -15.47 37.62
C LYS D 3 -26.59 -13.97 37.51
N ASP D 4 -27.61 -13.16 37.79
CA ASP D 4 -27.47 -11.71 37.76
C ASP D 4 -26.35 -11.20 38.66
N PHE D 5 -25.86 -12.01 39.59
CA PHE D 5 -24.75 -11.59 40.44
C PHE D 5 -23.42 -12.14 39.96
N ASN D 6 -23.41 -12.87 38.85
CA ASN D 6 -22.18 -13.38 38.28
C ASN D 6 -21.49 -12.25 37.53
N LEU D 7 -20.23 -11.99 37.87
CA LEU D 7 -19.49 -10.92 37.20
C LEU D 7 -19.04 -11.33 35.80
N ASP D 8 -18.50 -12.54 35.67
CA ASP D 8 -18.06 -13.12 34.38
C ASP D 8 -16.97 -12.27 33.73
N LEU D 9 -16.00 -11.88 34.55
CA LEU D 9 -14.87 -11.08 34.08
C LEU D 9 -14.01 -11.90 33.12
N VAL D 10 -14.04 -11.55 31.83
CA VAL D 10 -13.12 -12.15 30.86
C VAL D 10 -12.05 -11.13 30.51
N CYS D 11 -10.80 -11.58 30.44
CA CYS D 11 -9.66 -10.72 30.24
C CYS D 11 -8.88 -11.16 29.01
N VAL D 12 -8.51 -10.20 28.17
CA VAL D 12 -7.77 -10.45 26.94
C VAL D 12 -6.44 -9.72 27.04
N SER D 13 -5.42 -10.25 26.38
CA SER D 13 -4.07 -9.70 26.47
C SER D 13 -3.98 -8.44 25.61
N LYS D 14 -2.80 -7.80 25.63
CA LYS D 14 -2.60 -6.57 24.87
C LYS D 14 -1.38 -6.65 23.95
N THR D 24 -2.97 -20.50 9.01
CA THR D 24 -4.28 -20.16 8.40
C THR D 24 -5.02 -21.46 8.02
N ILE D 26 -3.59 -23.74 5.18
CA ILE D 26 -2.78 -24.18 3.99
C ILE D 26 -1.38 -24.60 4.49
#